data_5C16
#
_entry.id   5C16
#
_cell.length_a   67.219
_cell.length_b   96.587
_cell.length_c   97.581
_cell.angle_alpha   87.60
_cell.angle_beta   86.07
_cell.angle_gamma   77.33
#
_symmetry.space_group_name_H-M   'P 1'
#
loop_
_entity.id
_entity.type
_entity.pdbx_description
1 polymer 'Myotubularin-related protein 1'
2 non-polymer 'PHOSPHATE ION'
3 water water
#
_entity_poly.entity_id   1
_entity_poly.type   'polypeptide(L)'
_entity_poly.pdbx_seq_one_letter_code
;MEEAPLFPGESIKAIVKDVMYICPFMGAVSGTLTVTDFKLYFKNVERDPHFILDVPLGVISRVEKIGAQSHGDNSCGIEI
VCKDMRNLRLAYKQEEQSKLGIFENLNKHAFPLSNGQALFAFSYKEKFPINGWKVYDPVSEYKRQGLPNESWKISKINSN
YEFCDTYPAIIVVPTSVKDDDLSKVAAFRAKGRVPVLSWIHPESQATITRCSQPLVGPNDKRCKEDEKYLQTIMDANAQS
HKLIIFDARQNSVADTNKTKGGGYESESAYPNAELVFLEIHNIHVMRESLRKLKEIVYPSIDEARWLSNVDGTHWLEYIR
MLLAGAVRIADKIESGKTSVVVHSSDGWDRTAQLTSLAMLMLDSYYRTIKGFETLVEKEWISFGHRFALRVGHGNDNHAD
ADRSPIFLQFVDCVWQMTRQFPSAFEFNELFLITILDHLYSCLFGTFLCNCEQQRFKEDVYTKTISLWSYINSQLDEFSN
PFFVNYENHVLYPVASLSHLELWVNYYVRWNPRMRPQMPIHQNLKELLAVRAELQKRVEGLQREVATRAVSSSSERGSSP
SHSATSVHTSV
;
_entity_poly.pdbx_strand_id   A,B,C,D
#
loop_
_chem_comp.id
_chem_comp.type
_chem_comp.name
_chem_comp.formula
PO4 non-polymer 'PHOSPHATE ION' 'O4 P -3'
#
# COMPACT_ATOMS: atom_id res chain seq x y z
N ALA A 4 53.86 18.32 14.32
CA ALA A 4 52.45 18.72 14.40
C ALA A 4 52.06 19.12 15.83
N PRO A 5 51.20 20.14 15.96
CA PRO A 5 50.72 20.61 17.27
C PRO A 5 49.77 19.61 17.96
N LEU A 6 49.81 19.54 19.29
CA LEU A 6 49.13 18.46 20.00
C LEU A 6 48.35 18.93 21.21
N PHE A 7 47.14 18.41 21.38
CA PHE A 7 46.39 18.67 22.61
C PHE A 7 47.06 17.98 23.79
N PRO A 8 46.85 18.50 25.02
CA PRO A 8 47.11 17.66 26.20
C PRO A 8 46.42 16.31 26.07
N GLY A 9 47.20 15.23 26.09
CA GLY A 9 46.66 13.89 26.04
C GLY A 9 46.70 13.27 24.65
N GLU A 10 47.05 14.08 23.66
CA GLU A 10 47.13 13.61 22.28
C GLU A 10 48.50 13.02 21.95
N SER A 11 48.49 11.88 21.26
CA SER A 11 49.73 11.18 20.88
C SER A 11 49.86 10.90 19.37
N ILE A 12 51.05 11.15 18.82
CA ILE A 12 51.34 10.86 17.41
C ILE A 12 51.44 9.37 17.19
N LYS A 13 50.82 8.91 16.11
CA LYS A 13 50.78 7.51 15.76
C LYS A 13 51.60 7.22 14.50
N ALA A 14 51.79 8.24 13.67
CA ALA A 14 52.54 8.10 12.43
C ALA A 14 52.86 9.45 11.83
N ILE A 15 54.03 9.55 11.20
CA ILE A 15 54.45 10.77 10.53
C ILE A 15 55.11 10.36 9.22
N VAL A 16 54.38 10.52 8.13
CA VAL A 16 54.90 10.18 6.81
C VAL A 16 55.20 11.44 6.00
N LYS A 17 56.41 11.52 5.45
CA LYS A 17 56.84 12.69 4.69
C LYS A 17 56.58 12.50 3.20
N ASP A 18 56.51 13.61 2.46
CA ASP A 18 56.28 13.60 1.02
C ASP A 18 55.01 12.83 0.63
N VAL A 19 53.88 13.32 1.12
CA VAL A 19 52.58 12.76 0.78
C VAL A 19 51.82 13.80 -0.03
N MET A 20 51.12 13.38 -1.07
CA MET A 20 50.42 14.35 -1.90
C MET A 20 48.94 14.48 -1.51
N TYR A 21 48.56 15.67 -1.08
CA TYR A 21 47.13 15.99 -0.95
C TYR A 21 46.62 16.54 -2.27
N ILE A 22 45.49 16.01 -2.73
CA ILE A 22 44.97 16.40 -4.02
C ILE A 22 43.80 17.37 -3.86
N CYS A 23 44.06 18.65 -4.03
CA CYS A 23 42.99 19.66 -4.10
C CYS A 23 42.07 19.30 -5.26
N PRO A 24 40.79 19.60 -5.12
CA PRO A 24 39.90 19.35 -6.26
C PRO A 24 40.33 20.15 -7.48
N PHE A 25 40.77 21.38 -7.25
CA PHE A 25 41.04 22.34 -8.31
C PHE A 25 42.49 22.75 -8.45
N MET A 26 43.12 23.05 -7.33
CA MET A 26 44.47 23.61 -7.33
C MET A 26 45.53 22.52 -7.32
N GLY A 27 45.30 21.46 -8.09
CA GLY A 27 46.30 20.44 -8.32
C GLY A 27 46.60 19.50 -7.16
N ALA A 28 47.86 19.47 -6.75
CA ALA A 28 48.28 18.55 -5.70
C ALA A 28 49.47 19.12 -4.94
N VAL A 29 49.35 19.19 -3.62
CA VAL A 29 50.40 19.73 -2.79
C VAL A 29 51.23 18.60 -2.22
N SER A 30 52.49 18.89 -1.93
CA SER A 30 53.36 17.97 -1.22
C SER A 30 53.44 18.40 0.24
N GLY A 31 53.53 17.43 1.14
CA GLY A 31 53.68 17.77 2.54
C GLY A 31 53.92 16.56 3.41
N THR A 32 53.99 16.80 4.71
CA THR A 32 54.17 15.75 5.69
C THR A 32 52.83 15.43 6.40
N LEU A 33 52.49 14.15 6.43
CA LEU A 33 51.24 13.70 7.04
C LEU A 33 51.45 13.08 8.42
N THR A 34 50.96 13.76 9.45
CA THR A 34 50.97 13.21 10.79
C THR A 34 49.60 12.64 11.15
N VAL A 35 49.57 11.43 11.69
CA VAL A 35 48.35 10.85 12.22
C VAL A 35 48.45 10.73 13.73
N THR A 36 47.50 11.32 14.46
CA THR A 36 47.46 11.17 15.92
C THR A 36 46.24 10.35 16.28
N ASP A 37 46.04 10.09 17.56
CA ASP A 37 44.81 9.41 17.92
C ASP A 37 43.62 10.39 17.90
N PHE A 38 43.87 11.69 17.76
CA PHE A 38 42.76 12.63 17.62
C PHE A 38 42.49 13.09 16.18
N LYS A 39 43.53 13.42 15.43
CA LYS A 39 43.34 14.05 14.12
C LYS A 39 44.33 13.54 13.10
N LEU A 40 44.09 13.89 11.83
CA LEU A 40 45.17 13.86 10.87
C LEU A 40 45.59 15.29 10.56
N TYR A 41 46.88 15.47 10.32
CA TYR A 41 47.46 16.79 10.16
C TYR A 41 48.42 16.77 8.98
N PHE A 42 48.37 17.81 8.16
CA PHE A 42 49.14 17.84 6.93
C PHE A 42 49.70 19.24 6.72
N LYS A 43 51.01 19.33 6.62
CA LYS A 43 51.66 20.64 6.56
C LYS A 43 52.63 20.72 5.39
N ASN A 44 52.68 21.88 4.75
CA ASN A 44 53.64 22.17 3.69
C ASN A 44 54.39 23.45 3.96
N VAL A 45 55.71 23.39 3.88
CA VAL A 45 56.55 24.56 4.16
C VAL A 45 57.57 24.79 3.06
N HIS A 50 52.16 29.13 3.93
CA HIS A 50 52.00 27.86 4.63
C HIS A 50 50.66 27.21 4.33
N PHE A 51 50.66 25.90 4.15
CA PHE A 51 49.44 25.15 3.85
C PHE A 51 49.10 24.16 4.95
N ILE A 52 47.97 24.38 5.62
CA ILE A 52 47.57 23.56 6.76
C ILE A 52 46.20 22.90 6.56
N LEU A 53 46.19 21.59 6.70
CA LEU A 53 44.97 20.80 6.66
C LEU A 53 44.84 20.05 8.00
N ASP A 54 43.83 20.41 8.79
CA ASP A 54 43.67 19.87 10.15
C ASP A 54 42.28 19.20 10.29
N VAL A 55 42.27 17.88 10.32
CA VAL A 55 41.03 17.13 10.23
C VAL A 55 40.89 16.09 11.33
N PRO A 56 39.99 16.33 12.28
CA PRO A 56 39.67 15.35 13.31
C PRO A 56 39.30 14.02 12.69
N LEU A 57 39.80 12.92 13.26
CA LEU A 57 39.46 11.60 12.74
C LEU A 57 37.99 11.25 12.99
N GLY A 58 37.35 11.95 13.92
CA GLY A 58 35.93 11.78 14.15
C GLY A 58 35.09 12.08 12.91
N VAL A 59 35.47 13.06 12.10
CA VAL A 59 34.61 13.39 10.95
C VAL A 59 34.74 12.38 9.82
N ILE A 60 35.69 11.46 9.95
CA ILE A 60 35.93 10.47 8.90
C ILE A 60 34.88 9.34 8.90
N SER A 61 34.25 9.12 7.75
CA SER A 61 33.17 8.15 7.64
C SER A 61 33.64 6.82 7.07
N ARG A 62 34.47 6.88 6.03
CA ARG A 62 35.11 5.67 5.54
C ARG A 62 36.41 6.02 4.82
N VAL A 63 37.31 5.04 4.78
CA VAL A 63 38.58 5.18 4.09
C VAL A 63 38.68 4.07 3.07
N GLU A 64 39.06 4.42 1.85
CA GLU A 64 39.00 3.49 0.72
C GLU A 64 40.14 3.74 -0.24
N LYS A 65 40.87 2.68 -0.60
CA LYS A 65 41.91 2.77 -1.62
C LYS A 65 41.29 3.03 -2.99
N ILE A 66 41.91 3.91 -3.79
CA ILE A 66 41.46 4.11 -5.16
C ILE A 66 42.58 3.79 -6.15
N GLY A 77 46.82 6.90 -3.43
CA GLY A 77 45.55 6.35 -3.87
C GLY A 77 44.57 6.07 -2.74
N ILE A 78 44.40 7.04 -1.84
CA ILE A 78 43.47 6.89 -0.71
C ILE A 78 42.40 7.98 -0.70
N GLU A 79 41.15 7.54 -0.59
CA GLU A 79 40.00 8.45 -0.51
C GLU A 79 39.43 8.50 0.90
N ILE A 80 39.38 9.69 1.50
CA ILE A 80 38.82 9.82 2.83
C ILE A 80 37.46 10.51 2.76
N VAL A 81 36.39 9.74 2.96
CA VAL A 81 35.06 10.33 2.96
C VAL A 81 34.75 10.88 4.35
N CYS A 82 34.45 12.17 4.41
CA CYS A 82 34.17 12.85 5.66
C CYS A 82 32.67 13.13 5.87
N LYS A 83 32.30 13.41 7.12
CA LYS A 83 30.90 13.65 7.48
C LYS A 83 30.53 15.14 7.48
N ASP A 84 31.48 16.00 7.19
CA ASP A 84 31.21 17.44 7.22
C ASP A 84 31.29 18.11 5.83
N MET A 85 30.72 17.43 4.84
CA MET A 85 30.53 17.99 3.49
C MET A 85 31.84 18.13 2.76
N ARG A 86 32.73 17.15 2.91
CA ARG A 86 33.92 17.12 2.06
C ARG A 86 34.51 15.73 1.93
N ASN A 87 35.37 15.56 0.94
CA ASN A 87 36.22 14.39 0.87
C ASN A 87 37.68 14.82 0.80
N LEU A 88 38.58 13.87 0.99
CA LEU A 88 40.00 14.15 0.91
C LEU A 88 40.64 13.10 0.02
N ARG A 89 41.56 13.53 -0.82
CA ARG A 89 42.32 12.59 -1.64
C ARG A 89 43.80 12.63 -1.28
N LEU A 90 44.38 11.46 -1.03
CA LEU A 90 45.79 11.36 -0.69
C LEU A 90 46.54 10.52 -1.70
N ALA A 91 47.74 10.97 -2.05
CA ALA A 91 48.65 10.20 -2.89
C ALA A 91 49.92 9.91 -2.10
N TYR A 92 50.17 8.63 -1.89
CA TYR A 92 51.26 8.16 -1.03
C TYR A 92 52.55 7.90 -1.81
N LEU A 100 52.82 0.77 8.96
CA LEU A 100 51.73 -0.08 8.50
C LEU A 100 51.35 0.09 7.01
N GLY A 101 51.10 1.30 6.51
CA GLY A 101 51.19 2.56 7.22
C GLY A 101 49.93 3.39 7.18
N ILE A 102 49.77 4.20 6.13
CA ILE A 102 48.69 5.18 6.03
C ILE A 102 47.29 4.59 6.18
N PHE A 103 46.95 3.66 5.29
CA PHE A 103 45.60 3.11 5.24
C PHE A 103 45.22 2.44 6.54
N GLU A 104 46.14 1.64 7.06
CA GLU A 104 45.87 0.85 8.25
C GLU A 104 45.78 1.76 9.47
N ASN A 105 46.59 2.82 9.49
CA ASN A 105 46.61 3.76 10.61
C ASN A 105 45.37 4.65 10.67
N LEU A 106 45.00 5.22 9.54
CA LEU A 106 43.78 6.01 9.46
C LEU A 106 42.61 5.15 9.90
N ASN A 107 42.51 3.96 9.32
CA ASN A 107 41.46 3.02 9.69
C ASN A 107 41.43 2.69 11.18
N LYS A 108 42.59 2.37 11.73
CA LYS A 108 42.66 1.97 13.13
C LYS A 108 42.24 3.09 14.06
N HIS A 109 42.66 4.32 13.74
CA HIS A 109 42.41 5.41 14.67
C HIS A 109 41.17 6.23 14.30
N ALA A 110 40.68 6.13 13.07
CA ALA A 110 39.43 6.82 12.72
C ALA A 110 38.24 6.07 13.28
N PHE A 111 38.44 4.79 13.57
CA PHE A 111 37.35 3.92 14.01
C PHE A 111 37.71 3.09 15.25
N PRO A 112 38.08 3.75 16.35
CA PRO A 112 38.64 3.05 17.49
C PRO A 112 37.67 2.07 18.17
N LEU A 113 36.38 2.32 18.08
CA LEU A 113 35.43 1.42 18.74
C LEU A 113 35.25 0.15 17.94
N SER A 114 35.68 0.19 16.68
CA SER A 114 35.67 -0.99 15.82
C SER A 114 37.01 -1.73 15.94
N ASN A 115 37.91 -1.18 16.76
CA ASN A 115 39.26 -1.71 16.90
C ASN A 115 39.71 -1.81 18.36
N GLY A 116 38.76 -2.03 19.26
CA GLY A 116 39.08 -2.21 20.67
C GLY A 116 39.80 -1.05 21.36
N GLN A 117 39.71 0.15 20.83
CA GLN A 117 40.22 1.34 21.52
C GLN A 117 39.08 2.23 22.00
N ALA A 118 39.41 3.32 22.68
CA ALA A 118 38.40 4.25 23.18
C ALA A 118 38.32 5.52 22.32
N LEU A 119 37.23 6.26 22.43
CA LEU A 119 37.12 7.52 21.71
C LEU A 119 38.11 8.53 22.34
N PHE A 120 38.54 9.54 21.59
CA PHE A 120 39.61 10.40 22.08
C PHE A 120 39.21 11.21 23.29
N ALA A 121 37.93 11.55 23.35
CA ALA A 121 37.38 12.31 24.47
C ALA A 121 37.96 11.82 25.80
N PHE A 122 38.06 10.50 25.94
CA PHE A 122 38.53 9.89 27.18
C PHE A 122 40.02 10.13 27.47
N SER A 123 40.79 10.56 26.47
CA SER A 123 42.21 10.92 26.67
C SER A 123 42.45 12.42 26.79
N TYR A 124 41.47 13.23 26.43
CA TYR A 124 41.66 14.68 26.42
C TYR A 124 41.92 15.21 27.83
N LYS A 125 43.01 15.96 28.00
CA LYS A 125 43.47 16.32 29.35
C LYS A 125 43.56 17.82 29.57
N GLU A 126 42.96 18.60 28.69
CA GLU A 126 42.90 20.04 28.86
C GLU A 126 42.10 20.40 30.12
N LYS A 127 42.41 21.54 30.74
CA LYS A 127 41.64 22.00 31.88
C LYS A 127 41.19 23.42 31.61
N PHE A 128 39.88 23.66 31.69
CA PHE A 128 39.32 24.96 31.40
C PHE A 128 38.94 25.66 32.68
N PRO A 129 38.93 27.01 32.65
CA PRO A 129 38.54 27.75 33.86
C PRO A 129 37.10 27.49 34.27
N ILE A 130 36.27 27.15 33.30
CA ILE A 130 34.86 26.89 33.54
C ILE A 130 34.52 25.43 33.28
N ASN A 131 33.73 24.81 34.15
CA ASN A 131 33.34 23.42 33.96
C ASN A 131 31.96 23.31 33.32
N GLY A 132 31.92 22.93 32.04
CA GLY A 132 30.68 22.85 31.30
C GLY A 132 29.67 21.88 31.87
N TRP A 133 30.12 20.90 32.66
CA TRP A 133 29.20 19.87 33.18
C TRP A 133 28.22 20.46 34.20
N LYS A 134 28.47 21.69 34.64
CA LYS A 134 27.60 22.37 35.61
C LYS A 134 26.58 23.30 34.97
N VAL A 135 26.65 23.45 33.65
CA VAL A 135 25.75 24.35 32.93
C VAL A 135 24.30 23.93 33.10
N TYR A 136 24.03 22.64 32.89
CA TYR A 136 22.67 22.13 33.04
C TYR A 136 22.50 21.35 34.34
N ASP A 137 21.63 21.87 35.19
CA ASP A 137 21.19 21.13 36.35
C ASP A 137 19.69 21.03 36.28
N PRO A 138 19.17 19.81 36.15
CA PRO A 138 17.73 19.55 35.98
C PRO A 138 16.89 20.26 37.05
N VAL A 139 17.21 20.08 38.32
CA VAL A 139 16.38 20.68 39.36
C VAL A 139 16.40 22.22 39.26
N SER A 140 17.55 22.81 38.92
CA SER A 140 17.62 24.26 38.72
C SER A 140 16.78 24.72 37.55
N GLU A 141 16.82 23.96 36.46
CA GLU A 141 16.08 24.33 35.26
C GLU A 141 14.58 24.25 35.51
N TYR A 142 14.14 23.18 36.18
CA TYR A 142 12.74 23.08 36.53
C TYR A 142 12.36 24.25 37.42
N LYS A 143 13.24 24.57 38.37
CA LYS A 143 12.98 25.67 39.29
C LYS A 143 12.94 27.00 38.55
N ARG A 144 13.78 27.17 37.54
CA ARG A 144 13.74 28.38 36.73
C ARG A 144 12.33 28.55 36.12
N GLN A 145 11.65 27.44 35.86
CA GLN A 145 10.35 27.43 35.20
C GLN A 145 9.17 27.58 36.18
N GLY A 146 9.46 27.52 37.48
CA GLY A 146 8.41 27.62 38.49
C GLY A 146 7.96 26.25 39.00
N LEU A 147 8.88 25.29 39.01
CA LEU A 147 8.55 23.89 39.34
C LEU A 147 9.47 23.29 40.41
N PRO A 148 8.90 22.46 41.30
CA PRO A 148 7.53 21.96 41.31
C PRO A 148 6.54 23.02 41.76
N ASN A 149 5.27 22.81 41.48
CA ASN A 149 4.23 23.67 42.03
C ASN A 149 3.10 22.77 42.51
N GLU A 150 1.87 23.28 42.53
CA GLU A 150 0.78 22.50 43.11
C GLU A 150 0.37 21.33 42.20
N SER A 151 0.66 21.44 40.90
CA SER A 151 0.16 20.47 39.93
C SER A 151 1.24 19.56 39.37
N TRP A 152 2.48 20.03 39.38
CA TRP A 152 3.60 19.25 38.86
C TRP A 152 4.65 19.02 39.94
N LYS A 153 5.12 17.78 40.05
CA LYS A 153 6.13 17.40 41.01
C LYS A 153 7.37 16.85 40.29
N ILE A 154 8.51 16.92 40.98
CA ILE A 154 9.73 16.25 40.54
C ILE A 154 9.65 14.79 40.95
N SER A 155 9.67 13.89 39.98
CA SER A 155 9.60 12.46 40.31
C SER A 155 10.96 11.77 40.26
N LYS A 156 11.22 10.91 41.25
CA LYS A 156 12.49 10.18 41.31
C LYS A 156 12.26 8.73 40.90
N ILE A 157 11.10 8.46 40.33
CA ILE A 157 10.76 7.09 39.96
C ILE A 157 11.83 6.44 39.04
N ASN A 158 12.59 7.27 38.33
CA ASN A 158 13.55 6.76 37.33
C ASN A 158 14.99 6.97 37.78
N SER A 159 15.20 7.17 39.08
CA SER A 159 16.51 7.55 39.58
C SER A 159 17.53 6.44 39.37
N ASN A 160 17.06 5.24 39.06
CA ASN A 160 17.99 4.17 38.65
C ASN A 160 17.77 3.68 37.24
N TYR A 161 16.97 4.42 36.47
CA TYR A 161 16.72 4.12 35.07
C TYR A 161 15.96 2.79 34.88
N GLU A 162 15.28 2.36 35.95
CA GLU A 162 14.51 1.13 35.89
C GLU A 162 13.11 1.35 35.35
N PHE A 163 12.62 2.58 35.45
CA PHE A 163 11.29 2.92 34.96
C PHE A 163 11.25 3.15 33.44
N CYS A 164 12.23 3.89 32.94
CA CYS A 164 12.42 4.08 31.49
C CYS A 164 13.90 4.33 31.23
N ASP A 165 14.57 3.36 30.63
CA ASP A 165 16.02 3.36 30.71
C ASP A 165 16.67 4.26 29.64
N THR A 166 15.86 4.86 28.77
CA THR A 166 16.33 5.91 27.87
C THR A 166 15.93 7.32 28.32
N TYR A 167 15.30 7.44 29.49
CA TYR A 167 14.89 8.75 30.03
C TYR A 167 15.87 9.26 31.09
N PRO A 168 15.94 10.58 31.27
CA PRO A 168 16.89 11.00 32.30
C PRO A 168 16.47 10.48 33.72
N ALA A 169 17.36 10.58 34.70
CA ALA A 169 17.10 10.08 36.06
C ALA A 169 15.99 10.82 36.79
N ILE A 170 15.70 12.04 36.34
CA ILE A 170 14.71 12.91 36.96
C ILE A 170 13.60 13.31 35.98
N ILE A 171 12.33 13.08 36.32
CA ILE A 171 11.28 13.60 35.42
C ILE A 171 10.20 14.33 36.17
N VAL A 172 9.47 15.18 35.44
CA VAL A 172 8.44 16.00 36.06
C VAL A 172 7.08 15.55 35.57
N VAL A 173 6.22 15.19 36.51
CA VAL A 173 4.92 14.62 36.19
C VAL A 173 3.86 15.25 37.08
N PRO A 174 2.57 15.09 36.72
CA PRO A 174 1.48 15.63 37.56
C PRO A 174 1.53 15.10 38.98
N THR A 175 1.24 15.97 39.94
CA THR A 175 1.33 15.63 41.35
C THR A 175 0.45 14.42 41.70
N SER A 176 -0.68 14.29 41.01
CA SER A 176 -1.71 13.31 41.39
C SER A 176 -1.49 11.88 40.91
N VAL A 177 -0.49 11.63 40.08
CA VAL A 177 -0.31 10.29 39.54
C VAL A 177 0.43 9.42 40.55
N LYS A 178 -0.08 8.22 40.76
CA LYS A 178 0.60 7.26 41.62
C LYS A 178 1.66 6.54 40.82
N ASP A 179 2.72 6.08 41.49
CA ASP A 179 3.83 5.45 40.80
C ASP A 179 3.38 4.16 40.12
N ASP A 180 2.46 3.43 40.74
CA ASP A 180 1.91 2.22 40.12
C ASP A 180 1.17 2.50 38.83
N ASP A 181 0.45 3.62 38.78
CA ASP A 181 -0.26 4.02 37.57
C ASP A 181 0.73 4.43 36.47
N LEU A 182 1.76 5.19 36.83
CA LEU A 182 2.80 5.59 35.87
C LEU A 182 3.42 4.38 35.22
N SER A 183 3.62 3.31 36.00
CA SER A 183 4.22 2.10 35.42
C SER A 183 3.31 1.44 34.37
N LYS A 184 2.01 1.53 34.57
CA LYS A 184 1.06 1.01 33.59
C LYS A 184 1.10 1.87 32.33
N VAL A 185 1.21 3.18 32.51
CA VAL A 185 1.32 4.08 31.37
C VAL A 185 2.59 3.74 30.58
N ALA A 186 3.68 3.42 31.30
CA ALA A 186 4.94 3.10 30.63
C ALA A 186 4.81 1.84 29.77
N ALA A 187 4.05 0.86 30.27
CA ALA A 187 3.79 -0.37 29.52
C ALA A 187 2.94 -0.10 28.26
N PHE A 188 2.25 1.04 28.22
CA PHE A 188 1.43 1.42 27.08
C PHE A 188 2.12 2.40 26.11
N ARG A 189 3.35 2.76 26.40
CA ARG A 189 4.11 3.65 25.51
C ARG A 189 5.40 2.95 25.06
N ALA A 190 5.73 3.09 23.79
CA ALA A 190 6.95 2.50 23.24
C ALA A 190 8.14 2.85 24.11
N LYS A 191 8.96 1.85 24.46
CA LYS A 191 10.18 2.06 25.22
C LYS A 191 9.92 2.68 26.59
N GLY A 192 8.66 2.61 27.04
CA GLY A 192 8.31 3.18 28.31
C GLY A 192 8.42 4.70 28.37
N ARG A 193 8.51 5.38 27.23
CA ARG A 193 8.69 6.85 27.28
C ARG A 193 7.36 7.58 27.50
N VAL A 194 6.95 7.70 28.76
CA VAL A 194 5.64 8.24 29.08
C VAL A 194 5.64 9.77 28.86
N PRO A 195 4.46 10.39 28.82
CA PRO A 195 4.47 11.85 28.74
C PRO A 195 5.11 12.47 29.99
N VAL A 196 6.11 13.33 29.77
CA VAL A 196 6.77 14.06 30.84
C VAL A 196 6.88 15.53 30.48
N LEU A 197 6.90 16.42 31.47
CA LEU A 197 6.93 17.85 31.19
C LEU A 197 8.24 18.29 30.54
N SER A 198 8.14 19.04 29.44
CA SER A 198 9.31 19.70 28.83
C SER A 198 9.39 21.18 29.18
N TRP A 199 8.23 21.84 29.18
CA TRP A 199 8.13 23.29 29.40
C TRP A 199 6.78 23.63 30.02
N ILE A 200 6.73 24.68 30.82
CA ILE A 200 5.45 25.18 31.31
C ILE A 200 5.39 26.71 31.19
N HIS A 201 4.25 27.21 30.76
CA HIS A 201 4.09 28.65 30.62
C HIS A 201 3.92 29.29 31.98
N PRO A 202 4.72 30.31 32.28
CA PRO A 202 4.74 30.94 33.61
C PRO A 202 3.47 31.74 33.94
N GLU A 203 2.54 31.90 33.00
CA GLU A 203 1.31 32.63 33.26
C GLU A 203 0.08 31.72 33.19
N SER A 204 -0.08 31.08 32.04
CA SER A 204 -1.24 30.23 31.76
C SER A 204 -1.19 28.85 32.38
N GLN A 205 0.04 28.38 32.61
CA GLN A 205 0.31 27.01 33.04
C GLN A 205 0.12 25.98 31.91
N ALA A 206 -0.08 26.46 30.69
CA ALA A 206 -0.07 25.57 29.54
C ALA A 206 1.29 24.88 29.51
N THR A 207 1.31 23.61 29.13
CA THR A 207 2.58 22.86 29.11
C THR A 207 2.87 22.18 27.77
N ILE A 208 4.13 21.85 27.59
CA ILE A 208 4.57 20.97 26.52
C ILE A 208 5.09 19.73 27.21
N THR A 209 4.33 18.64 27.14
CA THR A 209 4.85 17.37 27.58
C THR A 209 5.27 16.61 26.32
N ARG A 210 6.15 15.62 26.46
CA ARG A 210 6.65 14.83 25.32
C ARG A 210 6.61 13.35 25.67
N CYS A 211 6.51 12.51 24.63
CA CYS A 211 6.44 11.05 24.80
C CYS A 211 6.69 10.33 23.48
N SER A 212 6.50 9.02 23.50
CA SER A 212 6.60 8.17 22.32
C SER A 212 5.18 7.72 22.00
N GLN A 213 4.99 6.99 20.89
CA GLN A 213 3.66 6.62 20.44
C GLN A 213 2.99 5.62 21.39
N PRO A 214 1.65 5.69 21.51
CA PRO A 214 0.89 4.73 22.32
C PRO A 214 0.78 3.34 21.63
N LEU A 215 0.73 2.27 22.42
CA LEU A 215 0.77 0.92 21.82
C LEU A 215 -0.65 0.39 21.66
N VAL A 216 -1.30 0.95 20.63
CA VAL A 216 -2.71 0.73 20.33
C VAL A 216 -2.84 -0.53 19.49
N GLY A 217 -2.08 -0.58 18.41
CA GLY A 217 -2.12 -1.72 17.53
C GLY A 217 -3.38 -1.81 16.69
N PRO A 218 -3.43 -2.79 15.78
CA PRO A 218 -4.52 -2.97 14.82
C PRO A 218 -5.88 -3.25 15.49
N ASN A 219 -5.89 -3.70 16.74
CA ASN A 219 -7.14 -4.02 17.43
C ASN A 219 -7.54 -2.99 18.47
N ASP A 220 -6.96 -1.80 18.34
CA ASP A 220 -7.33 -0.65 19.15
C ASP A 220 -7.41 -0.95 20.64
N LYS A 221 -6.30 -1.47 21.17
CA LYS A 221 -6.12 -1.61 22.61
C LYS A 221 -6.26 -0.27 23.34
N ARG A 222 -6.74 -0.31 24.57
CA ARG A 222 -6.92 0.87 25.39
C ARG A 222 -6.24 0.65 26.73
N CYS A 223 -5.69 1.72 27.28
CA CYS A 223 -5.15 1.69 28.62
C CYS A 223 -5.84 2.79 29.41
N LYS A 224 -6.61 2.38 30.41
CA LYS A 224 -7.36 3.34 31.22
C LYS A 224 -6.39 4.32 31.88
N GLU A 225 -5.28 3.80 32.41
CA GLU A 225 -4.28 4.65 33.05
C GLU A 225 -3.70 5.71 32.10
N ASP A 226 -3.38 5.31 30.86
CA ASP A 226 -2.88 6.28 29.87
C ASP A 226 -3.90 7.37 29.60
N GLU A 227 -5.15 6.97 29.37
CA GLU A 227 -6.22 7.93 29.12
C GLU A 227 -6.39 8.86 30.31
N LYS A 228 -6.38 8.26 31.50
CA LYS A 228 -6.55 9.00 32.74
C LYS A 228 -5.36 9.94 32.96
N TYR A 229 -4.17 9.46 32.64
CA TYR A 229 -2.96 10.26 32.78
C TYR A 229 -2.95 11.46 31.86
N LEU A 230 -3.37 11.30 30.60
CA LEU A 230 -3.42 12.46 29.71
C LEU A 230 -4.44 13.47 30.23
N GLN A 231 -5.51 12.96 30.82
CA GLN A 231 -6.54 13.79 31.42
C GLN A 231 -6.02 14.61 32.61
N THR A 232 -5.15 14.04 33.43
CA THR A 232 -4.59 14.79 34.56
C THR A 232 -3.65 15.87 34.05
N ILE A 233 -2.99 15.63 32.92
CA ILE A 233 -2.08 16.62 32.36
C ILE A 233 -2.91 17.83 31.94
N MET A 234 -4.07 17.55 31.35
CA MET A 234 -5.01 18.60 30.98
C MET A 234 -5.59 19.36 32.19
N ASP A 235 -5.92 18.64 33.26
CA ASP A 235 -6.50 19.25 34.46
C ASP A 235 -5.50 20.11 35.22
N ALA A 236 -4.22 19.93 34.92
CA ALA A 236 -3.18 20.70 35.58
C ALA A 236 -3.18 22.14 35.02
N ASN A 237 -3.77 22.29 33.82
CA ASN A 237 -4.03 23.59 33.18
C ASN A 237 -5.53 23.93 33.39
N ALA A 238 -5.85 24.42 34.58
CA ALA A 238 -7.24 24.39 35.08
C ALA A 238 -8.25 25.19 34.25
N GLN A 239 -7.79 26.23 33.56
CA GLN A 239 -8.65 27.05 32.70
C GLN A 239 -9.02 26.35 31.38
N SER A 240 -8.18 25.40 30.95
CA SER A 240 -8.34 24.78 29.64
C SER A 240 -9.37 23.66 29.66
N HIS A 241 -10.03 23.46 28.53
CA HIS A 241 -11.09 22.48 28.43
C HIS A 241 -10.73 21.38 27.45
N LYS A 242 -9.60 21.55 26.76
CA LYS A 242 -9.09 20.48 25.91
C LYS A 242 -7.55 20.38 25.91
N LEU A 243 -7.08 19.27 25.35
CA LEU A 243 -5.66 18.94 25.24
C LEU A 243 -5.34 18.67 23.78
N ILE A 244 -4.24 19.22 23.28
CA ILE A 244 -3.84 18.99 21.91
C ILE A 244 -2.67 18.02 21.85
N ILE A 245 -2.71 17.09 20.89
CA ILE A 245 -1.63 16.15 20.67
C ILE A 245 -1.09 16.36 19.29
N PHE A 246 0.16 16.79 19.19
CA PHE A 246 0.80 16.92 17.91
C PHE A 246 1.60 15.66 17.68
N ASP A 247 1.22 14.90 16.66
CA ASP A 247 1.91 13.70 16.30
C ASP A 247 2.81 14.10 15.13
N ALA A 248 4.13 13.99 15.33
CA ALA A 248 5.08 14.57 14.41
C ALA A 248 4.99 13.97 13.03
N ARG A 249 4.43 12.75 12.95
CA ARG A 249 4.52 11.94 11.75
C ARG A 249 3.48 12.34 10.74
N GLN A 250 3.71 11.90 9.51
CA GLN A 250 2.65 11.76 8.52
C GLN A 250 1.55 10.81 8.98
N ASN A 251 0.30 11.13 8.61
CA ASN A 251 -0.83 10.25 8.89
C ASN A 251 -0.60 8.81 8.41
N SER A 252 -0.03 8.66 7.22
CA SER A 252 0.16 7.33 6.66
C SER A 252 1.19 6.52 7.44
N VAL A 253 2.20 7.22 7.96
CA VAL A 253 3.28 6.53 8.64
C VAL A 253 2.79 6.14 10.03
N ALA A 254 1.91 6.95 10.62
CA ALA A 254 1.35 6.61 11.91
C ALA A 254 0.44 5.39 11.76
N ASP A 255 -0.11 5.19 10.56
CA ASP A 255 -1.08 4.12 10.34
C ASP A 255 -0.36 2.79 10.20
N THR A 256 0.75 2.85 9.48
CA THR A 256 1.71 1.77 9.38
C THR A 256 2.24 1.34 10.75
N ASN A 257 2.57 2.33 11.58
CA ASN A 257 3.06 2.04 12.89
C ASN A 257 1.96 1.33 13.67
N LYS A 258 0.71 1.73 13.43
CA LYS A 258 -0.45 1.16 14.12
C LYS A 258 -0.58 -0.35 13.81
N THR A 259 -0.39 -0.71 12.56
CA THR A 259 -0.46 -2.10 12.16
C THR A 259 0.68 -2.89 12.77
N LYS A 260 1.75 -2.20 13.17
CA LYS A 260 2.88 -2.88 13.78
C LYS A 260 2.76 -2.92 15.30
N GLY A 261 1.64 -2.44 15.84
CA GLY A 261 1.46 -2.46 17.28
C GLY A 261 1.61 -1.09 17.91
N GLY A 262 2.00 -0.09 17.12
CA GLY A 262 2.07 1.27 17.65
C GLY A 262 0.77 2.04 17.47
N GLY A 263 0.91 3.28 17.01
CA GLY A 263 -0.24 4.06 16.59
C GLY A 263 -0.34 5.41 17.30
N TYR A 264 -1.57 5.85 17.51
CA TYR A 264 -1.82 7.18 18.05
C TYR A 264 -3.13 7.21 18.82
N GLU A 265 -3.37 8.33 19.47
CA GLU A 265 -4.49 8.49 20.36
C GLU A 265 -5.77 8.70 19.53
N SER A 266 -6.82 7.97 19.85
CA SER A 266 -8.08 8.06 19.11
C SER A 266 -9.05 9.04 19.74
N GLU A 267 -10.04 9.42 18.92
CA GLU A 267 -11.03 10.37 19.33
C GLU A 267 -11.92 9.78 20.41
N SER A 268 -12.14 8.47 20.34
CA SER A 268 -13.05 7.81 21.25
C SER A 268 -12.38 7.41 22.56
N ALA A 269 -11.09 7.06 22.53
CA ALA A 269 -10.38 6.70 23.76
C ALA A 269 -9.96 7.93 24.56
N TYR A 270 -9.63 9.00 23.85
CA TYR A 270 -9.15 10.21 24.51
C TYR A 270 -10.12 11.34 24.19
N PRO A 271 -11.21 11.42 24.98
CA PRO A 271 -12.37 12.26 24.67
C PRO A 271 -12.04 13.76 24.67
N ASN A 272 -11.34 14.22 25.70
CA ASN A 272 -11.03 15.64 25.84
C ASN A 272 -9.74 16.05 25.12
N ALA A 273 -9.23 15.19 24.24
CA ALA A 273 -8.00 15.50 23.50
C ALA A 273 -8.26 15.52 22.01
N GLU A 274 -7.49 16.32 21.28
CA GLU A 274 -7.60 16.38 19.83
C GLU A 274 -6.22 16.28 19.19
N LEU A 275 -6.08 15.36 18.23
CA LEU A 275 -4.79 15.02 17.64
C LEU A 275 -4.64 15.56 16.22
N VAL A 276 -3.43 16.01 15.92
CA VAL A 276 -3.10 16.57 14.62
C VAL A 276 -1.74 16.01 14.20
N PHE A 277 -1.55 15.81 12.89
CA PHE A 277 -0.32 15.28 12.32
C PHE A 277 0.55 16.35 11.66
N LEU A 278 1.85 16.40 11.99
CA LEU A 278 2.73 17.41 11.44
C LEU A 278 3.45 16.98 10.16
N GLU A 279 3.25 15.73 9.75
CA GLU A 279 3.72 15.23 8.45
C GLU A 279 5.24 15.34 8.23
N ILE A 280 6.01 15.17 9.29
CA ILE A 280 7.46 15.16 9.14
C ILE A 280 7.90 13.75 8.78
N HIS A 281 8.71 13.65 7.73
CA HIS A 281 9.19 12.39 7.18
C HIS A 281 10.18 11.69 8.08
N ASN A 282 10.51 10.44 7.75
CA ASN A 282 11.31 9.60 8.64
C ASN A 282 12.82 9.88 8.50
N ILE A 283 13.62 9.36 9.43
CA ILE A 283 15.05 9.65 9.48
C ILE A 283 15.80 9.29 8.19
N HIS A 284 15.30 8.31 7.44
CA HIS A 284 16.00 7.88 6.22
C HIS A 284 15.92 8.91 5.08
N VAL A 285 14.81 9.62 4.96
CA VAL A 285 14.73 10.61 3.89
C VAL A 285 15.67 11.78 4.19
N MET A 286 15.90 12.07 5.47
CA MET A 286 16.79 13.16 5.85
C MET A 286 18.24 12.82 5.54
N ARG A 287 18.64 11.56 5.79
CA ARG A 287 19.96 11.08 5.41
C ARG A 287 20.18 11.17 3.90
N GLU A 288 19.20 10.67 3.15
CA GLU A 288 19.23 10.73 1.71
C GLU A 288 19.31 12.17 1.18
N SER A 289 18.54 13.05 1.81
CA SER A 289 18.54 14.46 1.42
C SER A 289 19.94 15.06 1.53
N LEU A 290 20.56 14.89 2.69
CA LEU A 290 21.89 15.47 2.91
C LEU A 290 22.92 14.85 1.98
N ARG A 291 22.72 13.58 1.63
CA ARG A 291 23.62 12.89 0.74
C ARG A 291 23.59 13.52 -0.64
N LYS A 292 22.39 13.85 -1.11
CA LYS A 292 22.25 14.45 -2.44
C LYS A 292 22.86 15.85 -2.41
N LEU A 293 22.69 16.54 -1.28
CA LEU A 293 23.19 17.89 -1.12
C LEU A 293 24.73 17.92 -1.10
N LYS A 294 25.37 16.89 -0.52
CA LYS A 294 26.83 16.81 -0.57
C LYS A 294 27.35 16.64 -2.00
N GLU A 295 26.66 15.81 -2.78
CA GLU A 295 27.03 15.58 -4.17
C GLU A 295 27.17 16.87 -4.97
N ILE A 296 26.30 17.84 -4.73
CA ILE A 296 26.27 19.05 -5.54
C ILE A 296 27.09 20.21 -4.97
N VAL A 297 27.51 20.12 -3.72
CA VAL A 297 28.28 21.21 -3.12
C VAL A 297 29.78 20.94 -3.13
N TYR A 298 30.14 19.67 -3.29
CA TYR A 298 31.54 19.27 -3.22
C TYR A 298 31.87 18.30 -4.34
N PRO A 299 33.01 18.51 -5.02
CA PRO A 299 34.07 19.49 -4.80
C PRO A 299 33.70 20.93 -5.19
N SER A 300 32.70 21.04 -6.06
CA SER A 300 32.32 22.31 -6.63
C SER A 300 30.86 22.38 -6.98
N ILE A 301 30.33 23.59 -6.98
CA ILE A 301 28.98 23.82 -7.47
C ILE A 301 28.97 24.05 -8.99
N ASP A 302 28.14 23.28 -9.68
CA ASP A 302 27.79 23.60 -11.06
C ASP A 302 26.69 24.66 -11.00
N GLU A 303 27.08 25.93 -11.13
CA GLU A 303 26.12 27.01 -10.95
C GLU A 303 25.08 27.07 -12.06
N ALA A 304 25.38 26.48 -13.21
CA ALA A 304 24.44 26.48 -14.32
C ALA A 304 23.17 25.70 -13.97
N ARG A 305 23.32 24.73 -13.07
CA ARG A 305 22.18 23.90 -12.71
C ARG A 305 21.97 23.82 -11.20
N TRP A 306 22.42 24.86 -10.51
CA TRP A 306 22.32 25.00 -9.07
C TRP A 306 20.87 25.05 -8.56
N LEU A 307 20.06 25.84 -9.25
CA LEU A 307 18.66 26.02 -8.84
C LEU A 307 17.90 24.70 -8.71
N SER A 308 17.96 23.86 -9.74
CA SER A 308 17.20 22.61 -9.73
C SER A 308 17.83 21.57 -8.81
N ASN A 309 19.15 21.42 -8.87
CA ASN A 309 19.85 20.45 -8.02
C ASN A 309 19.51 20.56 -6.53
N VAL A 310 19.61 21.79 -5.99
CA VAL A 310 19.31 22.04 -4.59
C VAL A 310 17.85 21.77 -4.30
N ASP A 311 16.98 22.20 -5.22
CA ASP A 311 15.56 21.90 -5.15
C ASP A 311 15.38 20.39 -5.13
N GLY A 312 16.10 19.69 -6.01
CA GLY A 312 16.00 18.25 -6.07
C GLY A 312 16.35 17.53 -4.78
N THR A 313 17.08 18.18 -3.87
CA THR A 313 17.45 17.49 -2.63
C THR A 313 16.31 17.53 -1.64
N HIS A 314 15.43 18.53 -1.83
CA HIS A 314 14.37 18.88 -0.89
C HIS A 314 14.88 19.25 0.50
N TRP A 315 16.15 19.61 0.62
CA TRP A 315 16.68 19.90 1.95
C TRP A 315 15.93 21.05 2.66
N LEU A 316 15.63 22.11 1.93
CA LEU A 316 14.98 23.27 2.56
C LEU A 316 13.51 23.05 2.83
N GLU A 317 12.87 22.19 2.05
CA GLU A 317 11.46 21.86 2.34
C GLU A 317 11.35 21.09 3.66
N TYR A 318 12.29 20.20 3.92
CA TYR A 318 12.23 19.49 5.20
C TYR A 318 12.51 20.47 6.36
N ILE A 319 13.41 21.43 6.16
CA ILE A 319 13.62 22.50 7.16
C ILE A 319 12.30 23.25 7.45
N ARG A 320 11.64 23.67 6.38
CA ARG A 320 10.38 24.40 6.45
C ARG A 320 9.30 23.63 7.23
N MET A 321 9.14 22.34 6.88
CA MET A 321 8.17 21.48 7.55
C MET A 321 8.33 21.49 9.07
N LEU A 322 9.58 21.34 9.51
CA LEU A 322 9.96 21.40 10.94
C LEU A 322 9.65 22.72 11.64
N LEU A 323 10.08 23.83 11.03
CA LEU A 323 9.81 25.17 11.51
C LEU A 323 8.30 25.44 11.57
N ALA A 324 7.58 25.06 10.52
CA ALA A 324 6.10 25.15 10.50
C ALA A 324 5.49 24.32 11.63
N GLY A 325 6.02 23.12 11.82
CA GLY A 325 5.56 22.28 12.92
C GLY A 325 5.75 22.94 14.27
N ALA A 326 6.95 23.49 14.49
CA ALA A 326 7.27 24.09 15.79
C ALA A 326 6.45 25.35 16.09
N VAL A 327 6.21 26.15 15.06
CA VAL A 327 5.36 27.33 15.16
C VAL A 327 3.95 26.96 15.60
N ARG A 328 3.42 25.87 15.05
CA ARG A 328 2.10 25.39 15.45
C ARG A 328 2.05 25.03 16.91
N ILE A 329 3.09 24.34 17.37
CA ILE A 329 3.17 24.01 18.77
C ILE A 329 3.26 25.32 19.57
N ALA A 330 4.22 26.17 19.23
CA ALA A 330 4.40 27.47 19.91
C ALA A 330 3.09 28.28 19.96
N ASP A 331 2.45 28.45 18.80
CA ASP A 331 1.21 29.23 18.75
C ASP A 331 0.13 28.68 19.67
N LYS A 332 0.03 27.35 19.76
CA LYS A 332 -1.01 26.73 20.55
C LYS A 332 -0.80 26.95 22.04
N ILE A 333 0.46 26.98 22.45
CA ILE A 333 0.81 27.26 23.83
C ILE A 333 0.57 28.73 24.15
N GLU A 334 1.15 29.59 23.31
CA GLU A 334 1.17 31.02 23.61
C GLU A 334 -0.20 31.67 23.35
N SER A 335 -0.72 31.53 22.14
CA SER A 335 -2.02 32.13 21.80
C SER A 335 -3.18 31.29 22.30
N GLY A 336 -3.12 29.98 22.05
CA GLY A 336 -4.23 29.11 22.41
C GLY A 336 -4.32 28.83 23.90
N LYS A 337 -3.23 29.10 24.62
CA LYS A 337 -3.16 28.84 26.07
C LYS A 337 -3.54 27.39 26.40
N THR A 338 -3.14 26.48 25.52
CA THR A 338 -3.56 25.08 25.64
C THR A 338 -2.34 24.17 25.79
N SER A 339 -2.42 23.23 26.73
CA SER A 339 -1.34 22.27 26.95
C SER A 339 -1.30 21.33 25.76
N VAL A 340 -0.10 21.02 25.29
CA VAL A 340 0.07 20.06 24.22
C VAL A 340 0.99 18.91 24.59
N VAL A 341 0.86 17.82 23.83
CA VAL A 341 1.67 16.62 23.96
C VAL A 341 2.31 16.38 22.59
N VAL A 342 3.63 16.26 22.56
CA VAL A 342 4.33 15.99 21.30
C VAL A 342 4.84 14.56 21.31
N HIS A 343 4.46 13.77 20.31
CA HIS A 343 5.12 12.49 20.19
C HIS A 343 5.36 12.15 18.72
N SER A 344 6.30 11.23 18.53
CA SER A 344 6.59 10.68 17.22
C SER A 344 6.45 9.15 17.37
N SER A 345 7.39 8.34 16.89
CA SER A 345 7.30 6.89 17.11
C SER A 345 7.97 6.54 18.42
N ASP A 346 9.30 6.57 18.43
CA ASP A 346 10.02 6.39 19.69
C ASP A 346 10.15 7.67 20.53
N GLY A 347 9.74 8.81 19.97
CA GLY A 347 9.75 10.06 20.71
C GLY A 347 11.13 10.61 21.06
N TRP A 348 12.10 10.46 20.16
CA TRP A 348 13.46 10.94 20.42
C TRP A 348 14.22 11.50 19.20
N ASP A 349 13.63 11.52 17.99
CA ASP A 349 14.26 12.20 16.83
C ASP A 349 13.45 13.42 16.43
N ARG A 350 12.23 13.23 15.96
CA ARG A 350 11.38 14.36 15.58
C ARG A 350 10.78 15.06 16.79
N THR A 351 10.49 14.29 17.84
CA THR A 351 9.94 14.86 19.05
C THR A 351 10.92 15.90 19.64
N ALA A 352 12.21 15.56 19.64
CA ALA A 352 13.20 16.42 20.26
C ALA A 352 13.44 17.68 19.40
N GLN A 353 13.47 17.53 18.09
CA GLN A 353 13.45 18.67 17.16
C GLN A 353 12.32 19.66 17.40
N LEU A 354 11.11 19.14 17.64
CA LEU A 354 9.92 19.95 17.70
C LEU A 354 9.74 20.64 19.05
N THR A 355 9.99 19.94 20.16
CA THR A 355 9.81 20.54 21.47
C THR A 355 10.87 21.61 21.66
N SER A 356 12.10 21.34 21.21
CA SER A 356 13.15 22.30 21.49
C SER A 356 13.07 23.51 20.53
N LEU A 357 12.67 23.33 19.28
CA LEU A 357 12.37 24.49 18.44
C LEU A 357 11.21 25.32 19.03
N ALA A 358 10.13 24.68 19.48
CA ALA A 358 9.03 25.46 20.05
C ALA A 358 9.44 26.15 21.37
N MET A 359 10.25 25.48 22.19
CA MET A 359 10.68 26.07 23.48
C MET A 359 11.54 27.29 23.24
N LEU A 360 12.37 27.21 22.19
CA LEU A 360 13.24 28.26 21.74
C LEU A 360 12.47 29.48 21.26
N MET A 361 11.33 29.21 20.64
CA MET A 361 10.40 30.26 20.22
C MET A 361 9.72 30.87 21.41
N LEU A 362 9.39 30.04 22.39
CA LEU A 362 8.59 30.49 23.51
C LEU A 362 9.36 31.16 24.65
N ASP A 363 10.58 30.69 24.92
CA ASP A 363 11.29 31.10 26.15
C ASP A 363 12.64 31.68 25.81
N SER A 364 12.78 33.00 25.99
CA SER A 364 14.01 33.71 25.59
C SER A 364 15.27 33.25 26.34
N TYR A 365 15.10 32.72 27.55
CA TYR A 365 16.23 32.11 28.23
C TYR A 365 17.01 31.16 27.32
N TYR A 366 16.32 30.40 26.46
CA TYR A 366 17.04 29.44 25.61
C TYR A 366 17.73 30.08 24.43
N ARG A 367 17.51 31.38 24.20
CA ARG A 367 18.19 32.06 23.10
C ARG A 367 19.50 32.73 23.57
N THR A 368 19.76 32.69 24.87
CA THR A 368 21.09 32.99 25.38
C THR A 368 22.02 31.80 25.14
N ILE A 369 23.31 31.98 25.35
CA ILE A 369 24.29 30.91 25.16
C ILE A 369 24.13 29.81 26.21
N LYS A 370 24.11 30.17 27.48
CA LYS A 370 23.93 29.17 28.52
C LYS A 370 22.56 28.53 28.47
N GLY A 371 21.56 29.28 28.06
CA GLY A 371 20.24 28.73 27.89
C GLY A 371 20.15 27.73 26.75
N PHE A 372 20.78 28.05 25.63
CA PHE A 372 20.77 27.13 24.49
C PHE A 372 21.52 25.86 24.84
N GLU A 373 22.51 26.00 25.70
CA GLU A 373 23.30 24.87 26.14
C GLU A 373 22.44 23.98 27.03
N THR A 374 21.63 24.58 27.90
CA THR A 374 20.76 23.76 28.71
C THR A 374 19.71 23.11 27.80
N LEU A 375 19.24 23.85 26.79
CA LEU A 375 18.24 23.29 25.89
C LEU A 375 18.77 22.04 25.17
N VAL A 376 19.97 22.10 24.59
CA VAL A 376 20.58 20.91 24.02
C VAL A 376 20.85 19.79 25.08
N GLU A 377 21.35 20.15 26.26
CA GLU A 377 21.64 19.15 27.31
C GLU A 377 20.36 18.44 27.77
N LYS A 378 19.27 19.18 27.83
CA LYS A 378 18.05 18.66 28.39
C LYS A 378 17.20 17.94 27.38
N GLU A 379 16.68 18.67 26.39
CA GLU A 379 15.73 18.10 25.43
C GLU A 379 16.36 17.07 24.48
N TRP A 380 17.66 17.21 24.24
CA TRP A 380 18.39 16.36 23.26
C TRP A 380 19.18 15.25 23.96
N ILE A 381 20.23 15.67 24.65
CA ILE A 381 21.06 14.75 25.40
C ILE A 381 20.35 14.04 26.56
N SER A 382 19.73 14.77 27.50
CA SER A 382 19.23 14.06 28.70
C SER A 382 18.02 13.18 28.36
N PHE A 383 17.38 13.44 27.23
CA PHE A 383 16.20 12.66 26.88
C PHE A 383 16.40 11.57 25.83
N GLY A 384 17.63 11.37 25.35
CA GLY A 384 17.96 10.18 24.59
C GLY A 384 17.93 10.22 23.08
N HIS A 385 18.24 11.35 22.45
CA HIS A 385 18.52 11.28 21.02
C HIS A 385 19.72 10.35 20.89
N ARG A 386 19.66 9.38 19.98
CA ARG A 386 20.72 8.39 19.99
C ARG A 386 21.91 8.88 19.17
N PHE A 387 22.65 9.80 19.79
CA PHE A 387 23.81 10.47 19.18
C PHE A 387 24.88 9.52 18.67
N ALA A 388 25.30 8.57 19.52
CA ALA A 388 26.33 7.61 19.13
C ALA A 388 25.88 6.83 17.90
N LEU A 389 24.68 6.26 17.98
CA LEU A 389 24.07 5.57 16.83
C LEU A 389 23.81 6.48 15.59
N ARG A 390 23.22 7.65 15.81
CA ARG A 390 22.83 8.52 14.70
C ARG A 390 24.03 9.12 13.98
N VAL A 391 25.15 9.26 14.69
CA VAL A 391 26.33 9.92 14.13
C VAL A 391 27.40 8.91 13.78
N GLY A 392 27.49 7.86 14.60
CA GLY A 392 28.38 6.73 14.34
C GLY A 392 29.75 6.85 14.99
N HIS A 393 29.81 7.49 16.16
CA HIS A 393 31.09 7.75 16.85
C HIS A 393 32.06 6.54 16.81
N GLY A 394 33.19 6.71 16.16
CA GLY A 394 34.29 5.77 16.30
C GLY A 394 33.95 4.39 15.80
N ASN A 395 32.88 4.30 15.01
CA ASN A 395 32.45 3.02 14.43
C ASN A 395 32.52 3.02 12.90
N ASP A 396 33.07 1.96 12.31
CA ASP A 396 33.37 1.97 10.86
C ASP A 396 32.23 1.55 9.92
N ASN A 397 31.05 1.31 10.48
CA ASN A 397 29.93 0.87 9.65
C ASN A 397 29.27 2.04 8.92
N HIS A 398 29.91 2.52 7.87
CA HIS A 398 29.48 3.74 7.19
C HIS A 398 28.09 3.67 6.57
N ALA A 399 27.69 2.49 6.12
CA ALA A 399 26.41 2.32 5.44
C ALA A 399 25.26 2.11 6.41
N ASP A 400 25.52 2.19 7.71
CA ASP A 400 24.47 1.92 8.68
C ASP A 400 23.26 2.83 8.42
N ALA A 401 22.07 2.23 8.46
CA ALA A 401 20.83 2.93 8.12
C ALA A 401 20.26 3.69 9.32
N ASP A 402 20.89 3.53 10.48
CA ASP A 402 20.49 4.23 11.68
C ASP A 402 21.15 5.60 11.80
N ARG A 403 22.09 5.90 10.92
CA ARG A 403 22.69 7.22 10.91
C ARG A 403 21.79 8.20 10.16
N SER A 404 21.61 9.39 10.73
CA SER A 404 20.80 10.43 10.13
C SER A 404 21.16 11.76 10.80
N PRO A 405 21.21 12.84 10.00
CA PRO A 405 21.60 14.16 10.49
C PRO A 405 20.42 14.93 11.14
N ILE A 406 19.67 14.20 11.95
CA ILE A 406 18.57 14.79 12.73
C ILE A 406 19.03 15.98 13.56
N PHE A 407 20.14 15.85 14.29
CA PHE A 407 20.59 16.98 15.11
C PHE A 407 21.11 18.10 14.21
N LEU A 408 21.82 17.74 13.15
CA LEU A 408 22.33 18.74 12.23
C LEU A 408 21.16 19.55 11.66
N GLN A 409 20.17 18.84 11.13
CA GLN A 409 18.97 19.47 10.60
C GLN A 409 18.32 20.41 11.61
N PHE A 410 18.33 20.00 12.87
CA PHE A 410 17.84 20.88 13.91
C PHE A 410 18.68 22.17 14.02
N VAL A 411 20.00 22.04 14.02
CA VAL A 411 20.86 23.19 14.17
C VAL A 411 20.68 24.15 12.98
N ASP A 412 20.49 23.58 11.80
CA ASP A 412 20.16 24.37 10.61
C ASP A 412 18.90 25.23 10.88
N CYS A 413 17.82 24.60 11.33
CA CYS A 413 16.61 25.33 11.73
C CYS A 413 16.91 26.49 12.68
N VAL A 414 17.71 26.22 13.71
CA VAL A 414 18.10 27.25 14.67
C VAL A 414 18.81 28.40 13.95
N TRP A 415 19.70 28.05 13.04
CA TRP A 415 20.42 29.04 12.27
C TRP A 415 19.44 29.90 11.47
N GLN A 416 18.42 29.25 10.89
CA GLN A 416 17.32 29.96 10.25
C GLN A 416 16.71 31.03 11.18
N MET A 417 16.50 30.70 12.45
CA MET A 417 15.92 31.70 13.32
C MET A 417 16.89 32.83 13.61
N THR A 418 18.18 32.55 13.75
CA THR A 418 19.15 33.63 14.00
C THR A 418 19.17 34.58 12.81
N ARG A 419 18.89 34.06 11.63
CA ARG A 419 18.93 34.87 10.41
C ARG A 419 17.65 35.72 10.23
N GLN A 420 16.48 35.17 10.52
CA GLN A 420 15.27 35.98 10.51
C GLN A 420 15.25 36.92 11.69
N PHE A 421 16.00 36.58 12.75
CA PHE A 421 16.00 37.39 13.94
C PHE A 421 17.43 37.70 14.41
N PRO A 422 18.18 38.50 13.59
CA PRO A 422 19.63 38.70 13.73
C PRO A 422 20.09 39.38 15.01
N SER A 423 19.15 39.81 15.84
CA SER A 423 19.51 40.38 17.13
C SER A 423 18.89 39.59 18.28
N ALA A 424 18.21 38.49 17.96
CA ALA A 424 17.48 37.76 18.99
C ALA A 424 18.33 36.72 19.73
N PHE A 425 19.43 36.26 19.14
CA PHE A 425 20.21 35.23 19.85
C PHE A 425 21.56 35.74 20.33
N GLU A 426 21.93 35.36 21.54
CA GLU A 426 23.20 35.77 22.13
C GLU A 426 24.37 35.09 21.45
N PHE A 427 24.15 33.85 21.04
CA PHE A 427 25.21 33.15 20.38
C PHE A 427 25.22 33.55 18.93
N ASN A 428 26.35 33.32 18.28
CA ASN A 428 26.48 33.65 16.87
C ASN A 428 26.61 32.40 16.00
N GLU A 429 26.83 32.60 14.72
CA GLU A 429 26.89 31.47 13.79
C GLU A 429 28.06 30.52 14.06
N LEU A 430 29.21 31.08 14.43
CA LEU A 430 30.36 30.26 14.75
C LEU A 430 30.07 29.32 15.94
N PHE A 431 29.27 29.78 16.91
CA PHE A 431 28.75 28.91 17.98
C PHE A 431 28.12 27.64 17.40
N LEU A 432 27.20 27.81 16.46
CA LEU A 432 26.43 26.68 15.91
C LEU A 432 27.29 25.71 15.10
N ILE A 433 28.11 26.28 14.22
CA ILE A 433 29.08 25.50 13.45
C ILE A 433 30.11 24.77 14.36
N THR A 434 30.55 25.42 15.42
CA THR A 434 31.48 24.81 16.37
C THR A 434 30.83 23.59 17.02
N ILE A 435 29.57 23.75 17.42
CA ILE A 435 28.80 22.61 17.92
C ILE A 435 28.80 21.47 16.86
N LEU A 436 28.44 21.78 15.63
CA LEU A 436 28.42 20.72 14.61
C LEU A 436 29.79 20.06 14.43
N ASP A 437 30.87 20.82 14.57
CA ASP A 437 32.19 20.25 14.34
C ASP A 437 32.51 19.25 15.46
N HIS A 438 32.11 19.60 16.66
CA HIS A 438 32.44 18.74 17.74
C HIS A 438 31.39 17.66 17.96
N LEU A 439 30.35 17.70 17.12
CA LEU A 439 29.38 16.62 17.09
C LEU A 439 30.10 15.41 16.54
N TYR A 440 30.95 15.64 15.55
CA TYR A 440 31.70 14.56 14.92
C TYR A 440 33.04 14.23 15.60
N SER A 441 33.71 15.24 16.13
CA SER A 441 35.11 15.11 16.55
C SER A 441 35.35 14.18 17.76
N CYS A 442 34.39 14.10 18.67
CA CYS A 442 34.51 13.36 19.93
C CYS A 442 35.72 13.83 20.71
N LEU A 443 35.92 15.14 20.71
CA LEU A 443 36.92 15.74 21.58
C LEU A 443 36.36 15.79 22.98
N PHE A 444 35.04 15.92 23.07
CA PHE A 444 34.32 16.20 24.31
C PHE A 444 33.33 15.10 24.72
N GLY A 445 32.95 15.07 25.99
CA GLY A 445 32.00 14.04 26.40
C GLY A 445 30.60 14.30 25.87
N THR A 446 30.32 15.57 25.58
CA THR A 446 28.95 16.08 25.52
C THR A 446 27.97 15.27 24.66
N PHE A 447 28.36 14.91 23.44
CA PHE A 447 27.45 14.20 22.56
C PHE A 447 27.76 12.69 22.52
N LEU A 448 28.37 12.18 23.58
CA LEU A 448 28.69 10.75 23.59
C LEU A 448 27.50 9.90 23.99
N CYS A 449 27.47 8.69 23.43
CA CYS A 449 26.54 7.62 23.76
C CYS A 449 25.15 7.90 23.23
N ASN A 450 24.23 7.04 23.62
CA ASN A 450 22.86 7.03 23.13
C ASN A 450 21.79 7.39 24.17
N CYS A 451 22.20 7.44 25.44
CA CYS A 451 21.23 7.78 26.49
C CYS A 451 21.93 8.09 27.80
N GLU A 452 21.21 8.68 28.75
CA GLU A 452 21.89 9.10 29.95
C GLU A 452 22.52 7.91 30.67
N GLN A 453 21.77 6.82 30.73
CA GLN A 453 22.23 5.70 31.52
C GLN A 453 23.58 5.23 30.99
N GLN A 454 23.71 5.17 29.68
CA GLN A 454 24.93 4.68 29.08
C GLN A 454 26.08 5.63 29.52
N ARG A 455 25.77 6.92 29.66
CA ARG A 455 26.81 7.87 29.99
C ARG A 455 27.36 7.69 31.41
N PHE A 456 26.50 7.34 32.36
CA PHE A 456 27.00 7.07 33.71
C PHE A 456 27.80 5.77 33.75
N LYS A 457 27.36 4.77 33.00
CA LYS A 457 28.05 3.49 32.93
C LYS A 457 29.46 3.63 32.36
N GLU A 458 29.59 4.45 31.32
CA GLU A 458 30.85 4.58 30.60
C GLU A 458 31.76 5.63 31.20
N ASP A 459 31.38 6.16 32.36
CA ASP A 459 32.17 7.16 33.08
C ASP A 459 32.41 8.47 32.31
N VAL A 460 31.44 8.87 31.50
CA VAL A 460 31.58 10.07 30.70
C VAL A 460 31.76 11.30 31.58
N TYR A 461 31.00 11.39 32.66
CA TYR A 461 31.05 12.59 33.48
C TYR A 461 32.35 12.75 34.27
N THR A 462 33.14 11.66 34.39
CA THR A 462 34.42 11.78 35.10
C THR A 462 35.65 11.73 34.18
N LYS A 463 35.56 11.00 33.08
CA LYS A 463 36.72 10.80 32.23
C LYS A 463 36.78 11.73 31.00
N THR A 464 35.75 12.55 30.79
CA THR A 464 35.75 13.40 29.60
C THR A 464 35.41 14.87 29.91
N ILE A 465 35.68 15.73 28.94
CA ILE A 465 35.45 17.16 29.11
C ILE A 465 34.19 17.60 28.36
N SER A 466 33.46 18.57 28.93
CA SER A 466 32.30 19.18 28.29
C SER A 466 32.69 20.17 27.19
N LEU A 467 31.93 20.15 26.09
CA LEU A 467 32.06 21.15 25.03
C LEU A 467 31.89 22.58 25.57
N TRP A 468 31.00 22.73 26.54
CA TRP A 468 30.67 24.05 27.03
C TRP A 468 31.81 24.64 27.87
N SER A 469 32.69 23.79 28.40
CA SER A 469 33.87 24.28 29.12
C SER A 469 34.71 25.13 28.19
N TYR A 470 34.95 24.58 27.00
CA TYR A 470 35.67 25.29 25.96
C TYR A 470 34.93 26.54 25.53
N ILE A 471 33.71 26.37 25.02
CA ILE A 471 32.94 27.50 24.49
C ILE A 471 32.79 28.64 25.50
N ASN A 472 32.44 28.31 26.73
CA ASN A 472 32.20 29.31 27.75
C ASN A 472 33.46 29.90 28.39
N SER A 473 34.61 29.30 28.11
CA SER A 473 35.89 29.88 28.53
C SER A 473 36.34 30.93 27.55
N GLN A 474 35.65 30.99 26.41
CA GLN A 474 36.01 31.91 25.33
C GLN A 474 34.77 32.56 24.73
N LEU A 475 33.90 33.09 25.60
CA LEU A 475 32.59 33.59 25.19
C LEU A 475 32.58 34.61 24.05
N ASP A 476 33.55 35.53 24.03
CA ASP A 476 33.54 36.62 23.04
C ASP A 476 33.56 36.09 21.61
N GLU A 477 34.35 35.05 21.40
CA GLU A 477 34.41 34.34 20.14
C GLU A 477 33.03 33.84 19.68
N PHE A 478 32.10 33.60 20.60
CA PHE A 478 30.87 32.94 20.18
C PHE A 478 29.62 33.80 20.39
N SER A 479 29.83 35.08 20.63
CA SER A 479 28.72 35.97 20.94
C SER A 479 28.28 36.80 19.76
N ASN A 480 26.96 36.93 19.61
CA ASN A 480 26.34 37.87 18.70
C ASN A 480 26.48 39.32 19.22
N PRO A 481 27.27 40.14 18.52
CA PRO A 481 27.44 41.54 18.94
C PRO A 481 26.14 42.36 18.81
N PHE A 482 25.20 41.86 18.02
CA PHE A 482 23.95 42.56 17.80
C PHE A 482 22.89 42.11 18.79
N PHE A 483 23.25 41.19 19.69
CA PHE A 483 22.27 40.61 20.59
C PHE A 483 21.61 41.66 21.49
N VAL A 484 20.28 41.62 21.54
CA VAL A 484 19.55 42.48 22.45
C VAL A 484 18.70 41.61 23.37
N ASN A 485 18.97 41.69 24.67
CA ASN A 485 18.35 40.75 25.61
C ASN A 485 16.92 41.08 25.99
N TYR A 486 16.37 42.19 25.52
CA TYR A 486 14.96 42.44 25.79
C TYR A 486 14.10 42.04 24.57
N GLU A 487 14.73 41.45 23.55
CA GLU A 487 13.98 40.79 22.47
C GLU A 487 13.48 39.45 23.01
N ASN A 488 12.65 39.52 24.05
CA ASN A 488 12.31 38.37 24.84
C ASN A 488 10.84 37.94 24.69
N HIS A 489 10.19 38.36 23.61
CA HIS A 489 8.83 37.92 23.33
C HIS A 489 8.86 36.59 22.57
N VAL A 490 7.71 36.01 22.32
CA VAL A 490 7.66 34.80 21.50
C VAL A 490 8.03 35.14 20.05
N LEU A 491 8.94 34.38 19.49
CA LEU A 491 9.34 34.54 18.10
C LEU A 491 8.66 33.52 17.24
N TYR A 492 7.96 33.98 16.22
CA TYR A 492 7.37 33.09 15.26
C TYR A 492 8.09 33.26 13.93
N PRO A 493 9.07 32.39 13.64
CA PRO A 493 9.74 32.51 12.35
C PRO A 493 8.79 32.18 11.22
N VAL A 494 9.14 32.62 10.02
CA VAL A 494 8.30 32.42 8.86
C VAL A 494 8.75 31.17 8.13
N ALA A 495 7.85 30.19 8.07
CA ALA A 495 8.16 28.89 7.48
C ALA A 495 7.70 28.87 6.05
N SER A 496 8.47 29.56 5.20
CA SER A 496 8.23 29.60 3.76
C SER A 496 9.59 29.59 3.08
N LEU A 497 9.69 28.89 1.95
CA LEU A 497 10.97 28.80 1.22
C LEU A 497 11.53 30.18 0.86
N SER A 498 10.62 31.12 0.63
CA SER A 498 10.99 32.51 0.37
C SER A 498 11.71 33.17 1.56
N HIS A 499 11.49 32.66 2.76
CA HIS A 499 12.11 33.23 3.94
C HIS A 499 13.18 32.32 4.54
N LEU A 500 13.63 31.34 3.77
CA LEU A 500 14.67 30.44 4.24
C LEU A 500 15.79 30.42 3.22
N GLU A 501 16.98 30.07 3.68
CA GLU A 501 18.18 30.06 2.85
C GLU A 501 18.98 28.79 3.04
N LEU A 502 19.79 28.46 2.05
CA LEU A 502 20.75 27.39 2.26
C LEU A 502 21.91 27.90 3.10
N TRP A 503 22.21 27.17 4.18
CA TRP A 503 23.27 27.53 5.12
C TRP A 503 24.67 27.35 4.52
N VAL A 504 24.99 28.18 3.54
CA VAL A 504 26.20 28.01 2.74
C VAL A 504 27.49 28.05 3.57
N ASN A 505 27.51 28.86 4.63
CA ASN A 505 28.67 28.89 5.50
C ASN A 505 28.96 27.53 6.11
N TYR A 506 27.94 26.70 6.33
CA TYR A 506 28.24 25.35 6.77
C TYR A 506 28.36 24.39 5.60
N TYR A 507 27.33 24.30 4.76
CA TYR A 507 27.29 23.28 3.71
C TYR A 507 28.32 23.47 2.60
N VAL A 508 28.72 24.71 2.33
CA VAL A 508 29.68 24.96 1.26
C VAL A 508 30.95 25.55 1.86
N ARG A 509 31.22 25.18 3.10
CA ARG A 509 32.33 25.77 3.83
C ARG A 509 33.69 25.48 3.20
N TRP A 510 33.81 24.31 2.59
CA TRP A 510 35.14 23.81 2.20
C TRP A 510 35.61 24.22 0.80
N ASN A 511 34.81 25.00 0.07
CA ASN A 511 35.27 25.67 -1.14
C ASN A 511 34.22 26.66 -1.64
N ALA B 4 44.36 -28.05 9.48
CA ALA B 4 42.90 -28.05 9.35
C ALA B 4 42.25 -27.77 10.71
N PRO B 5 41.33 -26.79 10.75
CA PRO B 5 40.68 -26.30 11.97
C PRO B 5 39.89 -27.39 12.69
N LEU B 6 39.95 -27.42 14.02
CA LEU B 6 39.35 -28.52 14.78
C LEU B 6 38.58 -28.04 15.99
N PHE B 7 37.36 -28.55 16.15
CA PHE B 7 36.58 -28.37 17.38
C PHE B 7 37.23 -29.12 18.53
N PRO B 8 37.07 -28.62 19.77
CA PRO B 8 37.35 -29.43 20.97
C PRO B 8 36.55 -30.73 20.99
N GLY B 9 37.28 -31.85 21.02
CA GLY B 9 36.69 -33.16 20.96
C GLY B 9 36.78 -33.78 19.57
N GLU B 10 37.13 -32.95 18.59
CA GLU B 10 37.25 -33.43 17.21
C GLU B 10 38.61 -34.02 16.95
N SER B 11 38.64 -35.12 16.19
CA SER B 11 39.88 -35.86 15.89
C SER B 11 40.07 -36.16 14.40
N ILE B 12 41.30 -35.98 13.91
CA ILE B 12 41.59 -36.20 12.49
C ILE B 12 41.64 -37.69 12.17
N LYS B 13 40.96 -38.10 11.11
CA LYS B 13 40.89 -39.50 10.73
C LYS B 13 41.71 -39.80 9.48
N ALA B 14 41.85 -38.79 8.62
CA ALA B 14 42.62 -38.95 7.39
C ALA B 14 42.93 -37.62 6.76
N ILE B 15 43.99 -37.61 5.96
CA ILE B 15 44.49 -36.43 5.25
C ILE B 15 45.03 -36.87 3.88
N VAL B 16 44.46 -36.32 2.82
CA VAL B 16 44.97 -36.59 1.48
C VAL B 16 45.17 -35.26 0.75
N LYS B 17 46.35 -35.10 0.17
CA LYS B 17 46.66 -33.90 -0.59
C LYS B 17 46.59 -34.23 -2.08
N ASP B 18 46.58 -33.20 -2.92
CA ASP B 18 46.35 -33.39 -4.34
C ASP B 18 45.10 -34.22 -4.58
N VAL B 19 43.98 -33.71 -4.08
CA VAL B 19 42.68 -34.30 -4.32
C VAL B 19 41.94 -33.31 -5.20
N MET B 20 41.17 -33.81 -6.17
CA MET B 20 40.47 -32.90 -7.07
C MET B 20 38.98 -32.74 -6.70
N TYR B 21 38.62 -31.53 -6.28
CA TYR B 21 37.21 -31.19 -6.10
C TYR B 21 36.64 -30.57 -7.38
N ILE B 22 35.81 -31.32 -8.08
CA ILE B 22 35.18 -30.86 -9.30
C ILE B 22 34.04 -29.87 -9.03
N CYS B 23 34.37 -28.58 -9.06
CA CYS B 23 33.38 -27.52 -8.90
C CYS B 23 32.36 -27.63 -10.03
N PRO B 24 31.14 -27.17 -9.80
CA PRO B 24 30.13 -27.29 -10.86
C PRO B 24 30.52 -26.56 -12.15
N PHE B 25 30.97 -25.32 -12.01
CA PHE B 25 31.27 -24.47 -13.17
C PHE B 25 32.75 -24.07 -13.28
N MET B 26 33.35 -23.60 -12.20
CA MET B 26 34.75 -23.19 -12.25
C MET B 26 35.72 -24.38 -12.19
N GLY B 27 35.25 -25.54 -12.64
CA GLY B 27 36.08 -26.72 -12.84
C GLY B 27 36.87 -27.23 -11.65
N ALA B 28 37.74 -28.21 -11.89
CA ALA B 28 38.53 -28.84 -10.83
C ALA B 28 39.46 -27.87 -10.11
N VAL B 29 39.83 -28.25 -8.89
CA VAL B 29 40.74 -27.48 -8.05
C VAL B 29 41.57 -28.46 -7.22
N SER B 30 42.88 -28.25 -7.16
CA SER B 30 43.72 -29.12 -6.33
C SER B 30 43.61 -28.68 -4.87
N GLY B 31 43.80 -29.62 -3.96
CA GLY B 31 43.81 -29.28 -2.56
C GLY B 31 44.06 -30.45 -1.63
N THR B 32 44.12 -30.16 -0.34
CA THR B 32 44.30 -31.21 0.65
C THR B 32 42.96 -31.55 1.29
N LEU B 33 42.59 -32.83 1.22
CA LEU B 33 41.36 -33.34 1.80
C LEU B 33 41.58 -33.94 3.19
N THR B 34 41.00 -33.29 4.20
CA THR B 34 41.04 -33.79 5.56
C THR B 34 39.68 -34.32 6.01
N VAL B 35 39.62 -35.60 6.33
CA VAL B 35 38.42 -36.19 6.94
C VAL B 35 38.57 -36.26 8.45
N THR B 36 37.59 -35.72 9.18
CA THR B 36 37.58 -35.88 10.63
C THR B 36 36.36 -36.69 11.03
N ASP B 37 36.10 -36.78 12.33
CA ASP B 37 34.92 -37.51 12.77
C ASP B 37 33.71 -36.57 12.90
N PHE B 38 33.91 -35.29 12.59
CA PHE B 38 32.82 -34.35 12.45
C PHE B 38 32.62 -33.92 11.00
N LYS B 39 33.70 -33.80 10.24
CA LYS B 39 33.58 -33.07 8.97
C LYS B 39 34.56 -33.44 7.89
N LEU B 40 34.20 -32.96 6.70
CA LEU B 40 35.05 -32.89 5.53
C LEU B 40 35.69 -31.53 5.45
N TYR B 41 37.00 -31.48 5.27
CA TYR B 41 37.67 -30.21 5.09
C TYR B 41 38.64 -30.31 3.91
N PHE B 42 38.54 -29.38 2.98
CA PHE B 42 39.34 -29.39 1.76
C PHE B 42 39.88 -27.99 1.56
N LYS B 43 41.17 -27.86 1.30
CA LYS B 43 41.76 -26.53 1.21
C LYS B 43 42.81 -26.42 0.12
N ASN B 44 42.88 -25.23 -0.48
CA ASN B 44 43.86 -24.90 -1.52
C ASN B 44 44.49 -23.54 -1.22
N VAL B 45 45.81 -23.49 -1.24
CA VAL B 45 46.55 -22.25 -0.98
C VAL B 45 47.49 -21.90 -2.13
N HIS B 50 42.19 -18.05 -1.61
CA HIS B 50 42.07 -19.13 -0.63
C HIS B 50 40.75 -19.87 -0.76
N PHE B 51 40.82 -21.13 -1.19
CA PHE B 51 39.63 -21.95 -1.37
C PHE B 51 39.43 -22.95 -0.24
N ILE B 52 38.27 -22.88 0.39
CA ILE B 52 37.95 -23.74 1.51
C ILE B 52 36.53 -24.29 1.39
N LEU B 53 36.43 -25.61 1.42
CA LEU B 53 35.17 -26.32 1.45
C LEU B 53 35.00 -26.97 2.82
N ASP B 54 33.94 -26.63 3.55
CA ASP B 54 33.70 -27.16 4.90
C ASP B 54 32.32 -27.83 5.02
N VAL B 55 32.33 -29.16 5.17
CA VAL B 55 31.13 -29.99 5.08
C VAL B 55 30.98 -30.93 6.28
N PRO B 56 30.02 -30.66 7.18
CA PRO B 56 29.78 -31.64 8.24
C PRO B 56 29.31 -32.97 7.65
N LEU B 57 29.95 -34.06 8.09
CA LEU B 57 29.66 -35.39 7.58
C LEU B 57 28.18 -35.80 7.68
N GLY B 58 27.50 -35.35 8.74
CA GLY B 58 26.08 -35.65 8.94
C GLY B 58 25.13 -35.06 7.90
N VAL B 59 25.69 -34.24 7.02
CA VAL B 59 24.93 -33.69 5.91
C VAL B 59 24.96 -34.66 4.72
N ILE B 60 25.86 -35.63 4.80
CA ILE B 60 25.97 -36.65 3.76
C ILE B 60 24.90 -37.74 3.90
N SER B 61 24.24 -38.09 2.80
CA SER B 61 23.21 -39.13 2.83
C SER B 61 23.69 -40.39 2.10
N ARG B 62 24.47 -40.21 1.05
CA ARG B 62 25.16 -41.36 0.45
C ARG B 62 26.46 -40.96 -0.22
N VAL B 63 27.31 -41.96 -0.42
CA VAL B 63 28.63 -41.80 -1.01
C VAL B 63 28.83 -42.89 -2.05
N GLU B 64 28.97 -42.49 -3.31
CA GLU B 64 29.02 -43.44 -4.41
C GLU B 64 30.26 -43.24 -5.27
N LYS B 65 30.92 -44.35 -5.62
CA LYS B 65 32.06 -44.31 -6.54
C LYS B 65 31.61 -44.10 -7.98
N ILE B 66 32.11 -43.07 -8.64
CA ILE B 66 31.76 -42.84 -10.04
C ILE B 66 32.93 -43.17 -10.97
N GLY B 77 37.40 -41.28 -8.58
CA GLY B 77 36.13 -40.59 -8.79
C GLY B 77 35.05 -40.89 -7.77
N ILE B 78 34.72 -39.91 -6.94
CA ILE B 78 33.73 -40.08 -5.87
C ILE B 78 32.61 -39.03 -5.92
N GLU B 79 31.38 -39.49 -5.70
CA GLU B 79 30.22 -38.63 -5.65
C GLU B 79 29.64 -38.54 -4.22
N ILE B 80 29.54 -37.33 -3.69
CA ILE B 80 29.02 -37.14 -2.34
C ILE B 80 27.66 -36.46 -2.36
N VAL B 81 26.61 -37.22 -2.09
CA VAL B 81 25.25 -36.68 -2.07
C VAL B 81 24.88 -36.13 -0.70
N CYS B 82 24.57 -34.83 -0.66
CA CYS B 82 24.26 -34.16 0.60
C CYS B 82 22.77 -33.83 0.78
N LYS B 83 22.37 -33.62 2.04
CA LYS B 83 20.99 -33.29 2.37
C LYS B 83 20.66 -31.81 2.27
N ASP B 84 21.66 -30.93 2.18
CA ASP B 84 21.35 -29.49 2.15
C ASP B 84 21.44 -28.86 0.76
N MET B 85 20.90 -29.57 -0.24
CA MET B 85 20.67 -29.02 -1.60
C MET B 85 21.95 -28.84 -2.40
N ARG B 86 22.79 -29.88 -2.39
CA ARG B 86 24.02 -29.87 -3.17
C ARG B 86 24.64 -31.24 -3.18
N ASN B 87 25.50 -31.47 -4.16
CA ASN B 87 26.37 -32.63 -4.18
C ASN B 87 27.83 -32.19 -4.24
N LEU B 88 28.73 -33.16 -4.10
CA LEU B 88 30.15 -32.87 -4.07
C LEU B 88 30.84 -33.94 -4.89
N ARG B 89 31.63 -33.53 -5.86
CA ARG B 89 32.32 -34.48 -6.73
C ARG B 89 33.83 -34.43 -6.48
N LEU B 90 34.39 -35.56 -6.05
CA LEU B 90 35.82 -35.62 -5.73
C LEU B 90 36.55 -36.58 -6.66
N ALA B 91 37.74 -36.17 -7.10
CA ALA B 91 38.57 -37.02 -7.95
C ALA B 91 39.91 -37.34 -7.31
N TYR B 92 40.31 -38.61 -7.39
CA TYR B 92 41.62 -39.05 -6.92
C TYR B 92 42.73 -38.38 -7.74
N LEU B 100 43.94 -47.35 3.83
CA LEU B 100 43.17 -46.16 4.20
C LEU B 100 41.94 -46.03 3.31
N GLY B 101 42.04 -45.22 2.27
CA GLY B 101 40.96 -45.00 1.33
C GLY B 101 40.04 -43.86 1.72
N ILE B 102 39.85 -42.92 0.79
CA ILE B 102 38.92 -41.82 0.99
C ILE B 102 37.49 -42.35 1.12
N PHE B 103 37.15 -43.33 0.28
CA PHE B 103 35.80 -43.86 0.21
C PHE B 103 35.39 -44.57 1.50
N GLU B 104 36.32 -45.31 2.08
CA GLU B 104 36.02 -46.04 3.31
C GLU B 104 35.86 -45.07 4.50
N ASN B 105 36.67 -44.01 4.54
CA ASN B 105 36.65 -43.11 5.68
C ASN B 105 35.44 -42.18 5.71
N LEU B 106 35.04 -41.69 4.54
CA LEU B 106 33.80 -40.95 4.42
C LEU B 106 32.66 -41.81 4.90
N ASN B 107 32.52 -42.98 4.29
CA ASN B 107 31.50 -43.93 4.66
C ASN B 107 31.47 -44.21 6.17
N LYS B 108 32.60 -44.66 6.69
CA LYS B 108 32.75 -45.02 8.09
C LYS B 108 32.34 -43.87 9.04
N HIS B 109 32.70 -42.64 8.68
CA HIS B 109 32.50 -41.55 9.62
C HIS B 109 31.26 -40.70 9.30
N ALA B 110 30.76 -40.78 8.06
CA ALA B 110 29.47 -40.13 7.74
C ALA B 110 28.31 -40.93 8.30
N PHE B 111 28.52 -42.24 8.46
CA PHE B 111 27.48 -43.11 8.96
C PHE B 111 27.95 -43.93 10.19
N PRO B 112 28.23 -43.23 11.30
CA PRO B 112 28.76 -43.88 12.50
C PRO B 112 27.83 -44.97 13.03
N LEU B 113 26.53 -44.65 13.09
CA LEU B 113 25.54 -45.56 13.66
C LEU B 113 25.39 -46.84 12.82
N SER B 114 25.88 -46.82 11.58
CA SER B 114 25.85 -48.01 10.74
C SER B 114 27.20 -48.73 10.77
N ASN B 115 28.15 -48.18 11.52
CA ASN B 115 29.49 -48.74 11.64
C ASN B 115 29.98 -48.86 13.09
N GLY B 116 29.06 -48.98 14.04
CA GLY B 116 29.41 -49.24 15.41
C GLY B 116 30.00 -48.08 16.21
N GLN B 117 29.84 -46.87 15.70
CA GLN B 117 30.32 -45.69 16.42
C GLN B 117 29.17 -44.75 16.83
N ALA B 118 29.49 -43.72 17.61
CA ALA B 118 28.48 -42.77 18.08
C ALA B 118 28.39 -41.52 17.21
N LEU B 119 27.25 -40.83 17.26
CA LEU B 119 27.13 -39.51 16.63
C LEU B 119 28.16 -38.55 17.21
N PHE B 120 28.55 -37.52 16.44
CA PHE B 120 29.68 -36.71 16.85
C PHE B 120 29.36 -35.85 18.04
N ALA B 121 28.07 -35.55 18.24
CA ALA B 121 27.59 -34.74 19.36
C ALA B 121 28.08 -35.24 20.71
N PHE B 122 28.29 -36.56 20.80
CA PHE B 122 28.76 -37.17 22.03
C PHE B 122 30.26 -36.92 22.27
N SER B 123 31.00 -36.49 21.23
CA SER B 123 32.43 -36.19 21.37
C SER B 123 32.71 -34.69 21.42
N TYR B 124 31.71 -33.87 21.10
CA TYR B 124 31.83 -32.40 21.17
C TYR B 124 32.06 -31.89 22.60
N LYS B 125 33.12 -31.10 22.79
CA LYS B 125 33.64 -30.74 24.13
C LYS B 125 33.60 -29.26 24.48
N GLU B 126 33.08 -28.43 23.58
CA GLU B 126 33.05 -26.99 23.78
C GLU B 126 32.24 -26.59 25.03
N LYS B 127 32.61 -25.48 25.65
CA LYS B 127 31.83 -24.98 26.76
C LYS B 127 31.36 -23.58 26.46
N PHE B 128 30.05 -23.37 26.56
CA PHE B 128 29.47 -22.07 26.27
C PHE B 128 29.07 -21.38 27.55
N PRO B 129 29.05 -20.03 27.55
CA PRO B 129 28.65 -19.32 28.77
C PRO B 129 27.22 -19.62 29.19
N ILE B 130 26.38 -19.94 28.21
CA ILE B 130 24.97 -20.16 28.46
C ILE B 130 24.61 -21.60 28.22
N ASN B 131 23.84 -22.20 29.13
CA ASN B 131 23.41 -23.58 28.97
C ASN B 131 22.06 -23.67 28.28
N GLY B 132 22.08 -24.03 27.00
CA GLY B 132 20.86 -24.13 26.21
C GLY B 132 19.84 -25.10 26.78
N TRP B 133 20.31 -26.17 27.44
CA TRP B 133 19.40 -27.21 27.96
C TRP B 133 18.40 -26.64 28.96
N LYS B 134 18.66 -25.43 29.43
CA LYS B 134 17.77 -24.76 30.37
C LYS B 134 16.82 -23.76 29.72
N VAL B 135 16.89 -23.57 28.40
CA VAL B 135 15.96 -22.65 27.74
C VAL B 135 14.51 -23.11 27.98
N TYR B 136 14.23 -24.39 27.72
CA TYR B 136 12.88 -24.92 27.91
C TYR B 136 12.73 -25.72 29.19
N ASP B 137 11.84 -25.25 30.04
CA ASP B 137 11.38 -25.97 31.22
C ASP B 137 9.87 -26.02 31.21
N PRO B 138 9.31 -27.24 31.03
CA PRO B 138 7.88 -27.47 30.84
C PRO B 138 7.02 -26.74 31.88
N VAL B 139 7.32 -26.91 33.16
CA VAL B 139 6.52 -26.32 34.23
C VAL B 139 6.50 -24.79 34.15
N SER B 140 7.65 -24.20 33.81
CA SER B 140 7.73 -22.75 33.60
C SER B 140 6.88 -22.29 32.40
N GLU B 141 6.95 -23.04 31.32
CA GLU B 141 6.22 -22.69 30.10
C GLU B 141 4.72 -22.78 30.30
N TYR B 142 4.26 -23.72 31.12
CA TYR B 142 2.84 -23.79 31.45
C TYR B 142 2.44 -22.68 32.45
N LYS B 143 3.34 -22.35 33.36
CA LYS B 143 3.09 -21.26 34.28
C LYS B 143 2.99 -19.94 33.50
N ARG B 144 3.93 -19.74 32.59
CA ARG B 144 3.90 -18.61 31.67
C ARG B 144 2.53 -18.49 30.98
N GLN B 145 1.90 -19.63 30.66
CA GLN B 145 0.59 -19.63 30.01
C GLN B 145 -0.59 -19.50 30.98
N GLY B 146 -0.31 -19.58 32.27
CA GLY B 146 -1.37 -19.45 33.27
C GLY B 146 -1.83 -20.79 33.83
N LEU B 147 -1.02 -21.83 33.60
CA LEU B 147 -1.35 -23.18 34.07
C LEU B 147 -0.44 -23.67 35.20
N PRO B 148 -1.00 -24.44 36.15
CA PRO B 148 -2.36 -24.97 36.20
C PRO B 148 -3.38 -23.97 36.71
N ASN B 149 -4.59 -24.05 36.19
CA ASN B 149 -5.66 -23.22 36.70
C ASN B 149 -6.76 -24.14 37.24
N GLU B 150 -7.99 -23.64 37.33
CA GLU B 150 -9.07 -24.41 37.92
C GLU B 150 -9.47 -25.61 37.07
N SER B 151 -9.31 -25.49 35.75
CA SER B 151 -9.78 -26.52 34.84
C SER B 151 -8.67 -27.40 34.28
N TRP B 152 -7.43 -26.95 34.35
CA TRP B 152 -6.32 -27.71 33.79
C TRP B 152 -5.26 -28.05 34.83
N LYS B 153 -4.71 -29.25 34.74
CA LYS B 153 -3.72 -29.70 35.70
C LYS B 153 -2.50 -30.30 35.04
N ILE B 154 -1.38 -30.19 35.74
CA ILE B 154 -0.15 -30.82 35.32
C ILE B 154 -0.17 -32.26 35.81
N SER B 155 -0.21 -33.19 34.89
CA SER B 155 -0.26 -34.59 35.26
C SER B 155 1.11 -35.21 35.20
N LYS B 156 1.39 -36.09 36.16
CA LYS B 156 2.66 -36.82 36.19
C LYS B 156 2.46 -38.27 35.78
N ILE B 157 1.29 -38.58 35.20
CA ILE B 157 0.95 -39.95 34.84
C ILE B 157 2.01 -40.56 33.92
N ASN B 158 2.72 -39.72 33.18
CA ASN B 158 3.72 -40.22 32.25
C ASN B 158 5.16 -40.00 32.68
N SER B 159 5.38 -39.80 33.97
CA SER B 159 6.72 -39.45 34.43
C SER B 159 7.74 -40.55 34.16
N ASN B 160 7.30 -41.77 33.89
CA ASN B 160 8.23 -42.82 33.47
C ASN B 160 7.95 -43.36 32.09
N TYR B 161 7.19 -42.57 31.32
CA TYR B 161 6.86 -42.91 29.94
C TYR B 161 6.10 -44.25 29.81
N GLU B 162 5.37 -44.62 30.85
CA GLU B 162 4.56 -45.84 30.82
C GLU B 162 3.14 -45.58 30.32
N PHE B 163 2.68 -44.34 30.42
CA PHE B 163 1.38 -43.99 29.88
C PHE B 163 1.42 -43.98 28.35
N CYS B 164 2.44 -43.33 27.81
CA CYS B 164 2.57 -43.09 26.40
C CYS B 164 4.03 -42.81 26.08
N ASP B 165 4.71 -43.75 25.45
CA ASP B 165 6.18 -43.69 25.47
C ASP B 165 6.80 -42.79 24.41
N THR B 166 5.98 -42.08 23.63
CA THR B 166 6.54 -41.11 22.72
C THR B 166 6.07 -39.70 23.08
N TYR B 167 5.48 -39.58 24.27
CA TYR B 167 5.10 -38.30 24.85
C TYR B 167 6.13 -37.83 25.88
N PRO B 168 5.98 -36.59 26.41
CA PRO B 168 6.94 -36.12 27.43
C PRO B 168 6.53 -36.50 28.86
N ALA B 169 7.47 -36.39 29.79
CA ALA B 169 7.21 -36.85 31.16
C ALA B 169 6.05 -36.09 31.79
N ILE B 170 5.90 -34.82 31.40
CA ILE B 170 4.85 -33.95 31.93
C ILE B 170 3.80 -33.62 30.87
N ILE B 171 2.53 -33.80 31.21
CA ILE B 171 1.46 -33.42 30.30
C ILE B 171 0.36 -32.67 31.02
N VAL B 172 -0.34 -31.83 30.27
CA VAL B 172 -1.41 -31.02 30.84
C VAL B 172 -2.78 -31.46 30.29
N VAL B 173 -3.66 -31.83 31.22
CA VAL B 173 -4.95 -32.44 30.94
C VAL B 173 -6.01 -31.79 31.84
N PRO B 174 -7.30 -31.99 31.53
CA PRO B 174 -8.31 -31.39 32.41
C PRO B 174 -8.23 -31.93 33.84
N THR B 175 -8.53 -31.06 34.81
CA THR B 175 -8.46 -31.44 36.21
C THR B 175 -9.41 -32.57 36.57
N SER B 176 -10.53 -32.70 35.84
CA SER B 176 -11.59 -33.63 36.23
C SER B 176 -11.39 -35.07 35.80
N VAL B 177 -10.42 -35.35 34.93
CA VAL B 177 -10.26 -36.70 34.42
C VAL B 177 -9.51 -37.59 35.42
N LYS B 178 -10.06 -38.77 35.67
CA LYS B 178 -9.40 -39.76 36.51
C LYS B 178 -8.33 -40.46 35.67
N ASP B 179 -7.26 -40.89 36.32
CA ASP B 179 -6.13 -41.50 35.62
C ASP B 179 -6.53 -42.83 34.97
N ASP B 180 -7.56 -43.47 35.50
CA ASP B 180 -8.04 -44.74 34.94
C ASP B 180 -8.77 -44.53 33.62
N ASP B 181 -9.48 -43.41 33.50
CA ASP B 181 -10.15 -43.07 32.24
C ASP B 181 -9.18 -42.60 31.16
N LEU B 182 -8.12 -41.91 31.57
CA LEU B 182 -7.08 -41.46 30.65
C LEU B 182 -6.41 -42.65 29.99
N SER B 183 -6.11 -43.68 30.78
CA SER B 183 -5.54 -44.91 30.26
C SER B 183 -6.46 -45.54 29.23
N LYS B 184 -7.76 -45.36 29.42
CA LYS B 184 -8.75 -45.88 28.50
C LYS B 184 -8.75 -45.08 27.21
N VAL B 185 -8.59 -43.76 27.35
CA VAL B 185 -8.44 -42.90 26.19
C VAL B 185 -7.16 -43.28 25.45
N ALA B 186 -6.10 -43.56 26.19
CA ALA B 186 -4.84 -43.98 25.59
C ALA B 186 -5.02 -45.22 24.72
N ALA B 187 -5.83 -46.17 25.18
CA ALA B 187 -6.12 -47.38 24.40
C ALA B 187 -6.92 -47.08 23.12
N PHE B 188 -7.65 -45.97 23.08
CA PHE B 188 -8.47 -45.61 21.92
C PHE B 188 -7.77 -44.65 20.94
N ARG B 189 -6.54 -44.26 21.24
CA ARG B 189 -5.80 -43.35 20.37
C ARG B 189 -4.51 -44.00 19.90
N ALA B 190 -4.16 -43.80 18.63
CA ALA B 190 -2.96 -44.42 18.09
C ALA B 190 -1.72 -44.06 18.92
N LYS B 191 -0.94 -45.08 19.26
CA LYS B 191 0.31 -44.93 20.03
C LYS B 191 0.08 -44.32 21.42
N GLY B 192 -1.18 -44.32 21.86
CA GLY B 192 -1.50 -43.81 23.17
C GLY B 192 -1.40 -42.30 23.29
N ARG B 193 -1.34 -41.60 22.17
CA ARG B 193 -1.15 -40.15 22.18
C ARG B 193 -2.47 -39.41 22.34
N VAL B 194 -2.89 -39.27 23.60
CA VAL B 194 -4.17 -38.70 23.96
C VAL B 194 -4.17 -37.17 23.82
N PRO B 195 -5.37 -36.57 23.77
CA PRO B 195 -5.45 -35.11 23.65
C PRO B 195 -4.84 -34.46 24.88
N VAL B 196 -3.83 -33.63 24.65
CA VAL B 196 -3.17 -32.90 25.73
C VAL B 196 -3.02 -31.44 25.29
N LEU B 197 -2.85 -30.55 26.26
CA LEU B 197 -2.83 -29.12 25.97
C LEU B 197 -1.52 -28.68 25.36
N SER B 198 -1.62 -27.99 24.24
CA SER B 198 -0.49 -27.28 23.65
C SER B 198 -0.47 -25.82 24.11
N TRP B 199 -1.63 -25.15 24.01
CA TRP B 199 -1.75 -23.74 24.33
C TRP B 199 -3.11 -23.41 24.91
N ILE B 200 -3.17 -22.38 25.74
CA ILE B 200 -4.43 -21.85 26.26
C ILE B 200 -4.45 -20.33 26.09
N HIS B 201 -5.59 -19.78 25.70
CA HIS B 201 -5.74 -18.36 25.49
C HIS B 201 -5.94 -17.68 26.84
N PRO B 202 -5.15 -16.63 27.10
CA PRO B 202 -5.16 -15.92 28.39
C PRO B 202 -6.53 -15.35 28.78
N GLU B 203 -7.30 -14.85 27.82
CA GLU B 203 -8.59 -14.24 28.11
C GLU B 203 -9.79 -15.19 28.00
N SER B 204 -9.95 -15.82 26.84
CA SER B 204 -11.12 -16.67 26.55
C SER B 204 -11.07 -18.03 27.20
N GLN B 205 -9.84 -18.51 27.43
CA GLN B 205 -9.57 -19.85 27.97
C GLN B 205 -9.77 -20.92 26.89
N ALA B 206 -9.78 -20.49 25.63
CA ALA B 206 -9.85 -21.42 24.51
C ALA B 206 -8.51 -22.14 24.35
N THR B 207 -8.58 -23.45 24.22
CA THR B 207 -7.36 -24.23 24.17
C THR B 207 -7.07 -24.83 22.81
N ILE B 208 -5.80 -25.04 22.54
CA ILE B 208 -5.38 -25.92 21.49
C ILE B 208 -4.91 -27.19 22.16
N THR B 209 -5.52 -28.32 21.77
CA THR B 209 -5.02 -29.62 22.20
C THR B 209 -4.51 -30.43 20.99
N ARG B 210 -3.63 -31.39 21.23
CA ARG B 210 -3.14 -32.23 20.15
C ARG B 210 -3.21 -33.69 20.52
N CYS B 211 -3.32 -34.52 19.50
CA CYS B 211 -3.38 -35.96 19.70
C CYS B 211 -3.16 -36.69 18.38
N SER B 212 -3.32 -38.01 18.45
CA SER B 212 -3.32 -38.86 17.28
C SER B 212 -4.76 -39.25 16.97
N GLN B 213 -4.96 -40.08 15.95
CA GLN B 213 -6.31 -40.45 15.52
C GLN B 213 -6.98 -41.45 16.48
N PRO B 214 -8.32 -41.38 16.57
CA PRO B 214 -9.07 -42.35 17.38
C PRO B 214 -9.15 -43.70 16.68
N LEU B 215 -9.26 -44.77 17.45
CA LEU B 215 -9.17 -46.11 16.86
C LEU B 215 -10.57 -46.67 16.60
N VAL B 216 -11.24 -46.06 15.62
CA VAL B 216 -12.64 -46.32 15.31
C VAL B 216 -12.77 -47.56 14.44
N GLY B 217 -11.97 -47.61 13.37
CA GLY B 217 -12.00 -48.71 12.44
C GLY B 217 -13.24 -48.75 11.56
N PRO B 218 -13.27 -49.69 10.61
CA PRO B 218 -14.37 -49.89 9.66
C PRO B 218 -15.72 -50.24 10.30
N ASN B 219 -15.70 -50.70 11.54
CA ASN B 219 -16.95 -51.07 12.23
C ASN B 219 -17.38 -50.04 13.29
N ASP B 220 -16.82 -48.84 13.18
CA ASP B 220 -17.19 -47.72 14.03
C ASP B 220 -17.24 -48.01 15.53
N LYS B 221 -16.13 -48.55 16.03
CA LYS B 221 -15.94 -48.68 17.47
C LYS B 221 -16.09 -47.32 18.16
N ARG B 222 -16.68 -47.35 19.35
CA ARG B 222 -16.79 -46.17 20.21
C ARG B 222 -16.06 -46.40 21.53
N CYS B 223 -15.64 -45.32 22.15
CA CYS B 223 -15.06 -45.34 23.48
C CYS B 223 -15.72 -44.25 24.33
N LYS B 224 -16.47 -44.67 25.34
CA LYS B 224 -17.23 -43.72 26.14
C LYS B 224 -16.33 -42.69 26.82
N GLU B 225 -15.18 -43.14 27.34
CA GLU B 225 -14.26 -42.25 28.07
C GLU B 225 -13.64 -41.19 27.16
N ASP B 226 -13.32 -41.58 25.94
CA ASP B 226 -12.76 -40.67 24.91
C ASP B 226 -13.78 -39.61 24.53
N GLU B 227 -15.05 -39.99 24.48
CA GLU B 227 -16.11 -39.04 24.14
C GLU B 227 -16.26 -38.07 25.30
N LYS B 228 -16.36 -38.60 26.51
CA LYS B 228 -16.43 -37.76 27.70
C LYS B 228 -15.21 -36.86 27.81
N TYR B 229 -14.05 -37.39 27.44
CA TYR B 229 -12.81 -36.62 27.55
C TYR B 229 -12.86 -35.39 26.65
N LEU B 230 -13.24 -35.56 25.39
CA LEU B 230 -13.34 -34.42 24.51
C LEU B 230 -14.37 -33.42 25.03
N GLN B 231 -15.45 -33.97 25.60
CA GLN B 231 -16.49 -33.15 26.20
C GLN B 231 -15.96 -32.36 27.42
N THR B 232 -15.13 -33.01 28.22
CA THR B 232 -14.46 -32.36 29.34
C THR B 232 -13.55 -31.20 28.89
N ILE B 233 -12.83 -31.39 27.79
CA ILE B 233 -11.97 -30.33 27.24
C ILE B 233 -12.82 -29.13 26.86
N MET B 234 -13.93 -29.40 26.19
CA MET B 234 -14.85 -28.34 25.81
C MET B 234 -15.37 -27.60 27.05
N ASP B 235 -15.75 -28.34 28.09
CA ASP B 235 -16.32 -27.74 29.30
C ASP B 235 -15.33 -26.84 30.04
N ALA B 236 -14.04 -27.11 29.90
CA ALA B 236 -13.01 -26.27 30.53
C ALA B 236 -13.04 -24.86 29.92
N ASN B 237 -13.56 -24.77 28.69
CA ASN B 237 -13.88 -23.49 28.08
C ASN B 237 -15.36 -23.16 28.37
N ALA B 238 -15.64 -22.79 29.61
CA ALA B 238 -17.02 -22.79 30.13
C ALA B 238 -18.02 -21.94 29.34
N GLN B 239 -17.51 -20.96 28.60
CA GLN B 239 -18.34 -20.09 27.76
C GLN B 239 -18.72 -20.74 26.43
N SER B 240 -17.92 -21.70 25.96
CA SER B 240 -18.10 -22.31 24.64
C SER B 240 -19.18 -23.39 24.62
N HIS B 241 -19.81 -23.53 23.47
CA HIS B 241 -20.87 -24.52 23.31
C HIS B 241 -20.48 -25.59 22.29
N LYS B 242 -19.36 -25.38 21.60
CA LYS B 242 -18.88 -26.40 20.67
C LYS B 242 -17.35 -26.55 20.66
N LEU B 243 -16.90 -27.74 20.32
CA LEU B 243 -15.48 -28.05 20.17
C LEU B 243 -15.20 -28.27 18.69
N ILE B 244 -14.10 -27.72 18.17
CA ILE B 244 -13.72 -27.96 16.78
C ILE B 244 -12.56 -28.93 16.71
N ILE B 245 -12.68 -29.96 15.87
CA ILE B 245 -11.58 -30.87 15.63
C ILE B 245 -11.03 -30.62 14.26
N PHE B 246 -9.75 -30.27 14.17
CA PHE B 246 -9.10 -30.17 12.86
C PHE B 246 -8.28 -31.44 12.63
N ASP B 247 -8.83 -32.38 11.87
CA ASP B 247 -8.03 -33.48 11.37
C ASP B 247 -7.15 -32.91 10.25
N ALA B 248 -5.84 -33.15 10.38
CA ALA B 248 -4.86 -32.56 9.47
C ALA B 248 -4.92 -33.10 8.04
N ARG B 249 -5.45 -34.30 7.88
CA ARG B 249 -5.31 -35.05 6.64
C ARG B 249 -6.33 -34.72 5.56
N GLN B 250 -6.06 -35.19 4.34
CA GLN B 250 -7.10 -35.31 3.31
C GLN B 250 -8.24 -36.22 3.79
N ASN B 251 -9.47 -35.89 3.40
CA ASN B 251 -10.63 -36.70 3.76
C ASN B 251 -10.48 -38.14 3.27
N SER B 252 -9.97 -38.30 2.06
CA SER B 252 -9.76 -39.61 1.47
C SER B 252 -8.71 -40.45 2.23
N VAL B 253 -7.67 -39.78 2.71
CA VAL B 253 -6.60 -40.47 3.42
C VAL B 253 -7.06 -40.89 4.81
N ALA B 254 -7.87 -40.05 5.43
CA ALA B 254 -8.48 -40.39 6.71
C ALA B 254 -9.40 -41.60 6.58
N ASP B 255 -10.08 -41.73 5.44
CA ASP B 255 -10.95 -42.88 5.19
C ASP B 255 -10.14 -44.16 4.98
N THR B 256 -8.97 -44.03 4.39
CA THR B 256 -8.05 -45.15 4.22
C THR B 256 -7.55 -45.61 5.58
N ASN B 257 -7.24 -44.63 6.43
CA ASN B 257 -6.83 -44.91 7.79
C ASN B 257 -7.95 -45.58 8.58
N LYS B 258 -9.19 -45.20 8.28
CA LYS B 258 -10.33 -45.80 8.92
C LYS B 258 -10.42 -47.29 8.61
N THR B 259 -10.23 -47.66 7.35
CA THR B 259 -10.31 -49.07 6.97
C THR B 259 -9.17 -49.88 7.60
N LYS B 260 -8.13 -49.21 8.05
CA LYS B 260 -6.99 -49.89 8.65
C LYS B 260 -7.07 -49.97 10.17
N GLY B 261 -8.17 -49.50 10.75
CA GLY B 261 -8.32 -49.52 12.19
C GLY B 261 -8.27 -48.15 12.86
N GLY B 262 -7.93 -47.12 12.10
CA GLY B 262 -7.92 -45.77 12.64
C GLY B 262 -9.20 -45.03 12.35
N GLY B 263 -9.08 -43.78 11.89
CA GLY B 263 -10.21 -42.98 11.48
C GLY B 263 -10.24 -41.61 12.13
N TYR B 264 -11.45 -41.15 12.44
CA TYR B 264 -11.67 -39.81 12.98
C TYR B 264 -12.99 -39.75 13.74
N GLU B 265 -13.19 -38.66 14.46
CA GLU B 265 -14.37 -38.47 15.28
C GLU B 265 -15.61 -38.25 14.42
N SER B 266 -16.66 -39.03 14.66
CA SER B 266 -17.92 -38.92 13.93
C SER B 266 -18.92 -37.98 14.60
N GLU B 267 -19.90 -37.56 13.80
CA GLU B 267 -20.95 -36.68 14.27
C GLU B 267 -21.82 -37.38 15.31
N SER B 268 -22.07 -38.67 15.10
CA SER B 268 -22.88 -39.47 16.02
C SER B 268 -22.24 -39.62 17.39
N ALA B 269 -20.94 -39.94 17.40
CA ALA B 269 -20.27 -40.30 18.66
C ALA B 269 -19.80 -39.05 19.44
N TYR B 270 -19.47 -37.99 18.72
CA TYR B 270 -19.01 -36.76 19.37
C TYR B 270 -19.97 -35.64 18.97
N PRO B 271 -21.14 -35.61 19.61
CA PRO B 271 -22.24 -34.75 19.17
C PRO B 271 -22.00 -33.27 19.42
N ASN B 272 -21.17 -32.92 20.39
CA ASN B 272 -20.84 -31.51 20.64
C ASN B 272 -19.56 -31.07 19.93
N ALA B 273 -19.07 -31.88 19.00
CA ALA B 273 -17.87 -31.52 18.24
C ALA B 273 -18.14 -31.47 16.76
N GLU B 274 -17.43 -30.61 16.05
CA GLU B 274 -17.50 -30.57 14.59
C GLU B 274 -16.11 -30.76 14.01
N LEU B 275 -15.93 -31.81 13.22
CA LEU B 275 -14.63 -32.11 12.64
C LEU B 275 -14.51 -31.48 11.27
N VAL B 276 -13.32 -31.01 10.95
CA VAL B 276 -13.04 -30.40 9.66
C VAL B 276 -11.70 -30.91 9.17
N PHE B 277 -11.60 -31.22 7.88
CA PHE B 277 -10.33 -31.68 7.32
C PHE B 277 -9.49 -30.53 6.80
N LEU B 278 -8.18 -30.61 7.02
CA LEU B 278 -7.26 -29.57 6.57
C LEU B 278 -6.53 -29.96 5.29
N GLU B 279 -6.71 -31.19 4.84
CA GLU B 279 -6.26 -31.64 3.51
C GLU B 279 -4.74 -31.61 3.28
N ILE B 280 -3.96 -31.77 4.35
CA ILE B 280 -2.49 -31.78 4.26
C ILE B 280 -1.99 -33.15 3.78
N HIS B 281 -1.17 -33.18 2.73
CA HIS B 281 -0.67 -34.42 2.13
C HIS B 281 0.35 -35.19 2.97
N ASN B 282 0.74 -36.39 2.53
CA ASN B 282 1.55 -37.28 3.38
C ASN B 282 3.03 -36.97 3.28
N ILE B 283 3.83 -37.65 4.11
CA ILE B 283 5.26 -37.37 4.20
C ILE B 283 6.02 -37.71 2.93
N HIS B 284 5.55 -38.71 2.18
CA HIS B 284 6.23 -39.16 0.97
C HIS B 284 6.09 -38.09 -0.13
N VAL B 285 4.93 -37.46 -0.18
CA VAL B 285 4.73 -36.32 -1.05
C VAL B 285 5.73 -35.20 -0.75
N MET B 286 5.92 -34.88 0.53
CA MET B 286 6.86 -33.82 0.91
C MET B 286 8.28 -34.18 0.45
N ARG B 287 8.75 -35.39 0.80
CA ARG B 287 10.06 -35.86 0.35
C ARG B 287 10.25 -35.77 -1.16
N GLU B 288 9.25 -36.22 -1.93
CA GLU B 288 9.41 -36.20 -3.37
C GLU B 288 9.45 -34.78 -3.90
N SER B 289 8.71 -33.88 -3.26
CA SER B 289 8.71 -32.47 -3.69
C SER B 289 10.11 -31.86 -3.58
N LEU B 290 10.75 -32.04 -2.43
CA LEU B 290 12.11 -31.54 -2.21
C LEU B 290 13.15 -32.18 -3.15
N ARG B 291 12.99 -33.48 -3.42
CA ARG B 291 13.87 -34.16 -4.34
C ARG B 291 13.80 -33.44 -5.69
N LYS B 292 12.60 -33.23 -6.21
CA LYS B 292 12.44 -32.58 -7.51
C LYS B 292 12.97 -31.15 -7.48
N LEU B 293 12.75 -30.46 -6.36
CA LEU B 293 13.29 -29.11 -6.22
C LEU B 293 14.82 -29.10 -6.31
N LYS B 294 15.46 -30.14 -5.75
CA LYS B 294 16.92 -30.20 -5.69
C LYS B 294 17.58 -30.39 -7.05
N GLU B 295 17.04 -31.32 -7.85
CA GLU B 295 17.57 -31.54 -9.19
C GLU B 295 17.39 -30.32 -10.10
N ILE B 296 16.53 -29.41 -9.67
CA ILE B 296 16.27 -28.18 -10.39
C ILE B 296 17.20 -27.06 -9.94
N VAL B 297 17.40 -26.89 -8.62
CA VAL B 297 18.18 -25.75 -8.13
C VAL B 297 19.70 -25.97 -8.14
N TYR B 298 20.14 -27.22 -8.01
CA TYR B 298 21.57 -27.52 -7.98
C TYR B 298 21.84 -28.54 -9.04
N PRO B 299 22.91 -28.35 -9.83
CA PRO B 299 24.02 -27.40 -9.70
C PRO B 299 23.78 -26.02 -10.30
N SER B 300 22.82 -25.93 -11.21
CA SER B 300 22.52 -24.69 -11.90
C SER B 300 21.04 -24.52 -12.07
N ILE B 301 20.62 -23.29 -12.27
CA ILE B 301 19.25 -23.03 -12.65
C ILE B 301 19.15 -22.78 -14.14
N ASP B 302 18.32 -23.56 -14.81
CA ASP B 302 17.95 -23.27 -16.18
C ASP B 302 16.85 -22.21 -16.12
N GLU B 303 17.24 -20.94 -16.17
CA GLU B 303 16.30 -19.84 -15.99
C GLU B 303 15.18 -19.89 -17.03
N ALA B 304 15.49 -20.43 -18.20
CA ALA B 304 14.55 -20.46 -19.31
C ALA B 304 13.34 -21.34 -19.00
N ARG B 305 13.46 -22.23 -18.02
CA ARG B 305 12.33 -23.07 -17.66
C ARG B 305 12.10 -23.14 -16.14
N TRP B 306 12.58 -22.10 -15.46
CA TRP B 306 12.41 -21.96 -14.02
C TRP B 306 10.94 -21.98 -13.61
N LEU B 307 10.13 -21.17 -14.28
CA LEU B 307 8.71 -21.07 -13.97
C LEU B 307 8.01 -22.43 -13.99
N SER B 308 8.10 -23.16 -15.09
CA SER B 308 7.39 -24.44 -15.18
C SER B 308 8.03 -25.52 -14.27
N ASN B 309 9.36 -25.53 -14.19
CA ASN B 309 10.03 -26.54 -13.38
C ASN B 309 9.71 -26.45 -11.87
N VAL B 310 9.66 -25.24 -11.33
CA VAL B 310 9.44 -25.07 -9.88
C VAL B 310 7.96 -25.25 -9.50
N ASP B 311 7.08 -24.84 -10.41
CA ASP B 311 5.65 -25.09 -10.22
C ASP B 311 5.43 -26.59 -10.10
N GLY B 312 6.14 -27.34 -10.95
CA GLY B 312 5.96 -28.78 -11.01
C GLY B 312 6.41 -29.55 -9.78
N THR B 313 7.09 -28.88 -8.85
CA THR B 313 7.49 -29.53 -7.60
C THR B 313 6.35 -29.44 -6.59
N HIS B 314 5.52 -28.38 -6.72
CA HIS B 314 4.41 -28.09 -5.83
C HIS B 314 4.87 -27.74 -4.43
N TRP B 315 6.16 -27.48 -4.28
CA TRP B 315 6.74 -27.14 -2.97
C TRP B 315 6.00 -25.96 -2.34
N LEU B 316 5.82 -24.90 -3.12
CA LEU B 316 5.24 -23.70 -2.58
C LEU B 316 3.75 -23.90 -2.35
N GLU B 317 3.16 -24.84 -3.08
CA GLU B 317 1.78 -25.17 -2.84
C GLU B 317 1.57 -25.94 -1.51
N TYR B 318 2.49 -26.85 -1.19
CA TYR B 318 2.40 -27.54 0.09
C TYR B 318 2.63 -26.54 1.21
N ILE B 319 3.58 -25.62 1.00
CA ILE B 319 3.79 -24.53 1.95
C ILE B 319 2.47 -23.77 2.14
N ARG B 320 1.83 -23.38 1.04
CA ARG B 320 0.61 -22.60 1.16
C ARG B 320 -0.47 -23.34 1.98
N MET B 321 -0.60 -24.64 1.77
CA MET B 321 -1.60 -25.43 2.48
C MET B 321 -1.38 -25.47 3.98
N LEU B 322 -0.13 -25.56 4.40
CA LEU B 322 0.19 -25.57 5.83
C LEU B 322 -0.13 -24.26 6.49
N LEU B 323 0.30 -23.16 5.85
CA LEU B 323 -0.01 -21.83 6.36
C LEU B 323 -1.53 -21.58 6.43
N ALA B 324 -2.28 -21.99 5.40
CA ALA B 324 -3.75 -21.89 5.43
C ALA B 324 -4.35 -22.68 6.59
N GLY B 325 -3.87 -23.91 6.76
CA GLY B 325 -4.30 -24.71 7.88
C GLY B 325 -4.11 -24.04 9.23
N ALA B 326 -2.91 -23.52 9.45
CA ALA B 326 -2.59 -22.91 10.75
C ALA B 326 -3.43 -21.65 10.97
N VAL B 327 -3.58 -20.87 9.91
CA VAL B 327 -4.47 -19.70 9.97
C VAL B 327 -5.90 -20.08 10.35
N ARG B 328 -6.43 -21.17 9.78
CA ARG B 328 -7.76 -21.63 10.19
C ARG B 328 -7.79 -21.95 11.69
N ILE B 329 -6.75 -22.61 12.18
CA ILE B 329 -6.67 -22.95 13.59
C ILE B 329 -6.63 -21.67 14.44
N ALA B 330 -5.70 -20.78 14.12
CA ALA B 330 -5.52 -19.52 14.88
C ALA B 330 -6.82 -18.69 14.94
N ASP B 331 -7.50 -18.57 13.81
CA ASP B 331 -8.73 -17.80 13.75
C ASP B 331 -9.83 -18.36 14.65
N LYS B 332 -9.96 -19.68 14.70
CA LYS B 332 -10.99 -20.33 15.49
C LYS B 332 -10.75 -20.09 16.98
N ILE B 333 -9.49 -20.01 17.36
CA ILE B 333 -9.07 -19.70 18.71
C ILE B 333 -9.31 -18.20 19.00
N GLU B 334 -8.74 -17.32 18.18
CA GLU B 334 -8.76 -15.90 18.52
C GLU B 334 -10.16 -15.26 18.33
N SER B 335 -10.77 -15.43 17.15
CA SER B 335 -12.12 -14.90 16.87
C SER B 335 -13.24 -15.76 17.42
N GLY B 336 -13.15 -17.08 17.23
CA GLY B 336 -14.25 -17.95 17.61
C GLY B 336 -14.34 -18.13 19.11
N LYS B 337 -13.23 -17.90 19.81
CA LYS B 337 -13.11 -18.20 21.24
C LYS B 337 -13.51 -19.66 21.49
N THR B 338 -13.09 -20.53 20.59
CA THR B 338 -13.52 -21.92 20.60
C THR B 338 -12.32 -22.85 20.73
N SER B 339 -12.39 -23.80 21.66
CA SER B 339 -11.30 -24.74 21.83
C SER B 339 -11.18 -25.67 20.62
N VAL B 340 -9.98 -26.16 20.37
CA VAL B 340 -9.65 -26.84 19.13
C VAL B 340 -8.75 -28.07 19.37
N VAL B 341 -9.25 -29.26 19.08
CA VAL B 341 -8.40 -30.44 19.08
C VAL B 341 -7.76 -30.54 17.70
N VAL B 342 -6.44 -30.70 17.65
CA VAL B 342 -5.71 -30.97 16.41
C VAL B 342 -5.11 -32.39 16.34
N HIS B 343 -5.40 -33.15 15.27
CA HIS B 343 -4.73 -34.43 15.09
C HIS B 343 -4.51 -34.81 13.62
N SER B 344 -3.53 -35.70 13.41
CA SER B 344 -3.29 -36.32 12.13
C SER B 344 -3.43 -37.83 12.35
N SER B 345 -2.55 -38.66 11.79
CA SER B 345 -2.62 -40.12 12.05
C SER B 345 -1.93 -40.49 13.37
N ASP B 346 -0.60 -40.37 13.41
CA ASP B 346 0.16 -40.58 14.65
C ASP B 346 0.30 -39.28 15.45
N GLY B 347 -0.05 -38.17 14.81
CA GLY B 347 0.03 -36.87 15.45
C GLY B 347 1.45 -36.42 15.79
N TRP B 348 2.44 -36.69 14.94
CA TRP B 348 3.76 -36.17 15.27
C TRP B 348 4.48 -35.54 14.09
N ASP B 349 3.78 -35.43 12.97
CA ASP B 349 4.31 -34.70 11.83
C ASP B 349 3.44 -33.51 11.51
N ARG B 350 2.41 -33.72 10.70
CA ARG B 350 1.51 -32.64 10.34
C ARG B 350 0.93 -31.96 11.57
N THR B 351 0.70 -32.72 12.64
CA THR B 351 0.19 -32.17 13.90
C THR B 351 1.17 -31.18 14.51
N ALA B 352 2.45 -31.54 14.50
CA ALA B 352 3.50 -30.66 15.01
C ALA B 352 3.61 -29.37 14.19
N GLN B 353 3.52 -29.52 12.86
CA GLN B 353 3.60 -28.40 11.93
C GLN B 353 2.47 -27.41 12.17
N LEU B 354 1.26 -27.95 12.31
CA LEU B 354 0.06 -27.15 12.45
C LEU B 354 -0.03 -26.46 13.80
N THR B 355 0.18 -27.18 14.89
CA THR B 355 0.04 -26.54 16.20
C THR B 355 1.11 -25.47 16.40
N SER B 356 2.34 -25.74 15.99
CA SER B 356 3.42 -24.81 16.26
C SER B 356 3.26 -23.53 15.40
N LEU B 357 2.76 -23.63 14.17
CA LEU B 357 2.56 -22.43 13.36
C LEU B 357 1.39 -21.60 13.86
N ALA B 358 0.32 -22.27 14.26
CA ALA B 358 -0.80 -21.56 14.86
C ALA B 358 -0.35 -20.87 16.14
N MET B 359 0.44 -21.57 16.95
CA MET B 359 1.00 -20.95 18.16
C MET B 359 1.91 -19.76 17.84
N LEU B 360 2.70 -19.85 16.76
CA LEU B 360 3.54 -18.74 16.35
C LEU B 360 2.71 -17.53 15.95
N MET B 361 1.56 -17.79 15.33
CA MET B 361 0.62 -16.73 14.95
C MET B 361 -0.07 -16.12 16.16
N LEU B 362 -0.39 -16.93 17.17
CA LEU B 362 -1.23 -16.50 18.28
C LEU B 362 -0.51 -15.87 19.48
N ASP B 363 0.72 -16.29 19.71
CA ASP B 363 1.42 -15.91 20.92
C ASP B 363 2.78 -15.31 20.58
N SER B 364 2.90 -14.00 20.78
CA SER B 364 4.11 -13.27 20.40
C SER B 364 5.35 -13.71 21.21
N TYR B 365 5.17 -14.26 22.40
CA TYR B 365 6.33 -14.89 23.06
C TYR B 365 7.11 -15.87 22.15
N TYR B 366 6.40 -16.74 21.42
CA TYR B 366 7.07 -17.74 20.58
C TYR B 366 7.80 -17.05 19.45
N ARG B 367 7.56 -15.74 19.32
CA ARG B 367 8.20 -14.95 18.28
C ARG B 367 9.53 -14.33 18.73
N THR B 368 9.83 -14.41 20.02
CA THR B 368 11.17 -14.05 20.48
C THR B 368 12.13 -15.21 20.19
N ILE B 369 13.43 -14.98 20.27
CA ILE B 369 14.42 -16.04 20.03
C ILE B 369 14.27 -17.17 21.05
N LYS B 370 14.17 -16.83 22.33
CA LYS B 370 14.03 -17.85 23.36
C LYS B 370 12.66 -18.54 23.28
N GLY B 371 11.62 -17.74 23.05
CA GLY B 371 10.27 -18.24 22.92
C GLY B 371 10.17 -19.29 21.82
N PHE B 372 10.88 -19.01 20.74
CA PHE B 372 10.87 -19.89 19.58
C PHE B 372 11.62 -21.18 19.84
N GLU B 373 12.85 -21.04 20.35
CA GLU B 373 13.60 -22.19 20.84
C GLU B 373 12.71 -23.02 21.73
N THR B 374 11.92 -22.34 22.56
CA THR B 374 11.01 -23.04 23.45
C THR B 374 9.85 -23.70 22.72
N LEU B 375 9.26 -22.97 21.78
CA LEU B 375 8.26 -23.53 20.90
C LEU B 375 8.73 -24.87 20.29
N VAL B 376 9.94 -24.87 19.75
CA VAL B 376 10.54 -26.05 19.14
C VAL B 376 10.82 -27.16 20.16
N GLU B 377 11.30 -26.81 21.34
CA GLU B 377 11.56 -27.82 22.37
C GLU B 377 10.27 -28.51 22.86
N LYS B 378 9.17 -27.75 22.89
CA LYS B 378 7.89 -28.31 23.30
C LYS B 378 7.28 -29.15 22.15
N GLU B 379 6.86 -28.48 21.07
CA GLU B 379 5.97 -29.11 20.08
C GLU B 379 6.64 -30.09 19.12
N TRP B 380 7.93 -29.94 18.90
CA TRP B 380 8.66 -30.79 17.97
C TRP B 380 9.50 -31.85 18.67
N ILE B 381 10.32 -31.43 19.61
CA ILE B 381 11.25 -32.35 20.23
C ILE B 381 10.57 -33.21 21.28
N SER B 382 9.92 -32.57 22.24
CA SER B 382 9.42 -33.29 23.39
C SER B 382 8.17 -34.10 23.05
N PHE B 383 7.37 -33.64 22.10
CA PHE B 383 6.18 -34.38 21.75
C PHE B 383 6.49 -35.45 20.70
N GLY B 384 7.77 -35.75 20.55
CA GLY B 384 8.22 -36.91 19.81
C GLY B 384 8.03 -36.83 18.30
N HIS B 385 8.23 -35.66 17.72
CA HIS B 385 8.53 -35.69 16.29
C HIS B 385 9.74 -36.57 16.21
N ARG B 386 9.73 -37.51 15.28
CA ARG B 386 10.81 -38.50 15.25
C ARG B 386 12.00 -38.02 14.43
N PHE B 387 12.78 -37.08 14.98
CA PHE B 387 13.89 -36.48 14.21
C PHE B 387 14.95 -37.47 13.69
N ALA B 388 15.39 -38.44 14.50
CA ALA B 388 16.44 -39.36 14.03
C ALA B 388 15.97 -40.18 12.81
N LEU B 389 14.74 -40.68 12.88
CA LEU B 389 14.15 -41.39 11.77
C LEU B 389 13.87 -40.49 10.56
N ARG B 390 13.28 -39.32 10.79
CA ARG B 390 12.94 -38.44 9.67
C ARG B 390 14.17 -37.87 8.94
N VAL B 391 15.29 -37.71 9.64
CA VAL B 391 16.49 -37.12 9.01
C VAL B 391 17.53 -38.19 8.65
N GLY B 392 17.59 -39.26 9.45
CA GLY B 392 18.45 -40.39 9.15
C GLY B 392 19.88 -40.29 9.65
N HIS B 393 20.04 -39.72 10.84
CA HIS B 393 21.34 -39.48 11.47
C HIS B 393 22.32 -40.65 11.45
N GLY B 394 23.53 -40.38 10.97
CA GLY B 394 24.62 -41.34 10.98
C GLY B 394 24.26 -42.70 10.42
N ASN B 395 23.30 -42.75 9.50
CA ASN B 395 22.78 -44.02 9.02
C ASN B 395 22.79 -44.09 7.49
N ASP B 396 23.30 -45.17 6.92
CA ASP B 396 23.51 -45.18 5.47
C ASP B 396 22.28 -45.60 4.66
N ASN B 397 21.16 -45.82 5.33
CA ASN B 397 19.91 -46.22 4.65
C ASN B 397 19.26 -45.02 3.93
N HIS B 398 19.87 -44.60 2.83
CA HIS B 398 19.50 -43.34 2.19
C HIS B 398 18.14 -43.36 1.49
N ALA B 399 17.67 -44.53 1.10
CA ALA B 399 16.40 -44.62 0.40
C ALA B 399 15.24 -44.92 1.35
N ASP B 400 15.48 -44.81 2.65
CA ASP B 400 14.44 -45.08 3.65
C ASP B 400 13.22 -44.18 3.41
N ALA B 401 12.07 -44.81 3.22
CA ALA B 401 10.82 -44.10 2.93
C ALA B 401 10.32 -43.29 4.11
N ASP B 402 10.94 -43.48 5.28
CA ASP B 402 10.56 -42.76 6.48
C ASP B 402 11.27 -41.42 6.63
N ARG B 403 12.21 -41.12 5.75
CA ARG B 403 12.83 -39.81 5.75
C ARG B 403 11.97 -38.80 5.02
N SER B 404 11.75 -37.65 5.64
CA SER B 404 10.97 -36.61 5.01
C SER B 404 11.30 -35.27 5.66
N PRO B 405 11.38 -34.21 4.84
CA PRO B 405 11.71 -32.87 5.33
C PRO B 405 10.54 -32.16 6.00
N ILE B 406 9.97 -32.76 7.04
CA ILE B 406 8.79 -32.23 7.72
C ILE B 406 9.13 -31.00 8.58
N PHE B 407 10.13 -31.09 9.45
CA PHE B 407 10.56 -29.97 10.27
C PHE B 407 11.12 -28.86 9.39
N LEU B 408 11.76 -29.23 8.30
CA LEU B 408 12.28 -28.25 7.37
C LEU B 408 11.17 -27.48 6.69
N GLN B 409 10.04 -28.14 6.42
CA GLN B 409 8.85 -27.47 5.84
C GLN B 409 8.28 -26.44 6.81
N PHE B 410 8.26 -26.81 8.08
CA PHE B 410 7.85 -25.89 9.14
C PHE B 410 8.73 -24.61 9.16
N VAL B 411 10.05 -24.80 9.23
CA VAL B 411 11.02 -23.71 9.18
C VAL B 411 10.87 -22.82 7.94
N ASP B 412 10.67 -23.41 6.77
CA ASP B 412 10.29 -22.66 5.57
C ASP B 412 9.04 -21.81 5.85
N CYS B 413 7.96 -22.43 6.33
CA CYS B 413 6.75 -21.69 6.69
C CYS B 413 7.02 -20.57 7.71
N VAL B 414 8.01 -20.76 8.58
CA VAL B 414 8.36 -19.70 9.51
C VAL B 414 9.07 -18.58 8.75
N TRP B 415 9.94 -18.92 7.80
CA TRP B 415 10.65 -17.92 7.02
C TRP B 415 9.71 -17.14 6.10
N GLN B 416 8.75 -17.82 5.44
CA GLN B 416 7.74 -17.16 4.61
C GLN B 416 7.08 -16.05 5.44
N MET B 417 6.81 -16.36 6.70
CA MET B 417 6.26 -15.36 7.63
C MET B 417 7.23 -14.26 8.05
N THR B 418 8.53 -14.55 8.16
CA THR B 418 9.45 -13.48 8.51
C THR B 418 9.40 -12.49 7.36
N ARG B 419 9.15 -13.00 6.15
CA ARG B 419 9.09 -12.17 4.97
C ARG B 419 7.82 -11.30 4.94
N GLN B 420 6.69 -11.83 5.38
CA GLN B 420 5.46 -11.03 5.35
C GLN B 420 5.37 -10.07 6.54
N PHE B 421 6.07 -10.40 7.62
CA PHE B 421 6.06 -9.56 8.80
C PHE B 421 7.51 -9.31 9.26
N PRO B 422 8.20 -8.38 8.58
CA PRO B 422 9.66 -8.28 8.79
C PRO B 422 10.09 -7.56 10.07
N SER B 423 9.15 -7.15 10.92
CA SER B 423 9.54 -6.62 12.23
C SER B 423 8.94 -7.42 13.40
N ALA B 424 8.30 -8.56 13.10
CA ALA B 424 7.55 -9.28 14.13
C ALA B 424 8.31 -10.36 14.91
N PHE B 425 9.44 -10.79 14.38
CA PHE B 425 10.25 -11.85 14.99
C PHE B 425 11.60 -11.32 15.45
N GLU B 426 11.95 -11.63 16.69
CA GLU B 426 13.23 -11.24 17.23
C GLU B 426 14.43 -11.85 16.47
N PHE B 427 14.23 -12.93 15.70
CA PHE B 427 15.36 -13.58 14.97
C PHE B 427 15.43 -13.28 13.48
N ASN B 428 16.56 -13.62 12.85
CA ASN B 428 16.75 -13.36 11.43
C ASN B 428 16.83 -14.64 10.63
N GLU B 429 17.04 -14.49 9.33
CA GLU B 429 17.10 -15.61 8.41
C GLU B 429 18.28 -16.53 8.73
N LEU B 430 19.42 -15.95 9.12
CA LEU B 430 20.62 -16.74 9.38
C LEU B 430 20.36 -17.72 10.51
N PHE B 431 19.62 -17.26 11.51
CA PHE B 431 19.13 -18.08 12.58
C PHE B 431 18.39 -19.35 12.12
N LEU B 432 17.49 -19.18 11.15
CA LEU B 432 16.70 -20.29 10.63
C LEU B 432 17.59 -21.21 9.78
N ILE B 433 18.42 -20.61 8.94
CA ILE B 433 19.38 -21.39 8.16
C ILE B 433 20.35 -22.18 9.09
N THR B 434 20.71 -21.59 10.22
CA THR B 434 21.65 -22.23 11.14
C THR B 434 20.97 -23.40 11.87
N ILE B 435 19.70 -23.21 12.22
CA ILE B 435 18.93 -24.31 12.81
C ILE B 435 18.89 -25.49 11.85
N LEU B 436 18.74 -25.23 10.55
CA LEU B 436 18.72 -26.29 9.55
C LEU B 436 20.10 -26.91 9.25
N ASP B 437 21.15 -26.14 9.42
CA ASP B 437 22.46 -26.71 9.15
C ASP B 437 22.73 -27.75 10.23
N HIS B 438 22.30 -27.45 11.44
CA HIS B 438 22.59 -28.30 12.59
C HIS B 438 21.56 -29.40 12.84
N LEU B 439 20.38 -29.28 12.25
CA LEU B 439 19.45 -30.39 12.09
C LEU B 439 20.18 -31.60 11.50
N TYR B 440 21.05 -31.34 10.54
CA TYR B 440 21.80 -32.42 9.88
C TYR B 440 23.17 -32.72 10.50
N SER B 441 23.78 -31.73 11.16
CA SER B 441 25.21 -31.80 11.50
C SER B 441 25.51 -32.79 12.60
N CYS B 442 24.54 -32.96 13.49
CA CYS B 442 24.68 -33.78 14.69
C CYS B 442 25.85 -33.29 15.57
N LEU B 443 26.13 -31.99 15.52
CA LEU B 443 27.11 -31.38 16.40
C LEU B 443 26.53 -31.27 17.79
N PHE B 444 25.25 -30.93 17.84
CA PHE B 444 24.56 -30.83 19.12
C PHE B 444 23.61 -31.98 19.26
N GLY B 445 23.07 -32.15 20.47
CA GLY B 445 22.15 -33.23 20.75
C GLY B 445 20.71 -32.74 20.73
N THR B 446 20.51 -31.49 20.35
CA THR B 446 19.17 -30.91 20.28
C THR B 446 18.18 -31.70 19.36
N PHE B 447 18.62 -32.13 18.17
CA PHE B 447 17.71 -32.84 17.27
C PHE B 447 17.97 -34.35 17.18
N LEU B 448 18.48 -34.92 18.27
CA LEU B 448 18.79 -36.35 18.27
C LEU B 448 17.66 -37.17 18.84
N CYS B 449 17.58 -38.45 18.43
CA CYS B 449 16.60 -39.42 18.94
C CYS B 449 15.17 -39.14 18.44
N ASN B 450 14.23 -39.96 18.87
CA ASN B 450 12.87 -39.90 18.36
C ASN B 450 11.83 -39.57 19.40
N CYS B 451 12.24 -39.54 20.67
CA CYS B 451 11.36 -39.14 21.76
C CYS B 451 12.14 -38.80 23.01
N GLU B 452 11.44 -38.19 23.95
CA GLU B 452 12.04 -37.78 25.20
C GLU B 452 12.51 -38.97 26.03
N GLN B 453 11.77 -40.07 26.00
CA GLN B 453 12.21 -41.25 26.75
C GLN B 453 13.57 -41.71 26.26
N GLN B 454 13.76 -41.64 24.95
CA GLN B 454 14.93 -42.17 24.29
C GLN B 454 16.15 -41.27 24.52
N ARG B 455 15.92 -39.97 24.60
CA ARG B 455 17.02 -39.04 24.87
C ARG B 455 17.57 -39.27 26.28
N PHE B 456 16.68 -39.55 27.23
CA PHE B 456 17.11 -39.94 28.57
C PHE B 456 17.83 -41.29 28.60
N LYS B 457 17.36 -42.26 27.83
CA LYS B 457 18.01 -43.56 27.78
C LYS B 457 19.43 -43.43 27.23
N GLU B 458 19.62 -42.53 26.27
CA GLU B 458 20.92 -42.40 25.64
C GLU B 458 21.82 -41.33 26.26
N ASP B 459 21.40 -40.76 27.39
CA ASP B 459 22.22 -39.77 28.09
C ASP B 459 22.49 -38.49 27.28
N VAL B 460 21.60 -38.16 26.33
CA VAL B 460 21.79 -37.00 25.46
C VAL B 460 22.07 -35.70 26.24
N TYR B 461 21.38 -35.56 27.37
CA TYR B 461 21.41 -34.36 28.19
C TYR B 461 22.65 -34.21 29.07
N THR B 462 23.37 -35.29 29.34
CA THR B 462 24.58 -35.12 30.13
C THR B 462 25.83 -35.26 29.25
N LYS B 463 25.65 -35.81 28.05
CA LYS B 463 26.79 -36.06 27.17
C LYS B 463 26.81 -35.21 25.89
N THR B 464 25.81 -34.36 25.66
CA THR B 464 25.85 -33.50 24.49
C THR B 464 25.52 -32.06 24.88
N ILE B 465 25.83 -31.16 23.96
CA ILE B 465 25.60 -29.74 24.12
C ILE B 465 24.34 -29.33 23.37
N SER B 466 23.58 -28.41 23.95
CA SER B 466 22.42 -27.81 23.28
C SER B 466 22.79 -26.79 22.22
N LEU B 467 22.11 -26.87 21.07
CA LEU B 467 22.29 -25.89 20.00
C LEU B 467 22.04 -24.45 20.53
N TRP B 468 21.17 -24.30 21.52
CA TRP B 468 20.83 -22.97 22.01
C TRP B 468 21.93 -22.38 22.94
N SER B 469 22.82 -23.23 23.44
CA SER B 469 24.05 -22.74 24.07
C SER B 469 24.89 -21.96 23.04
N TYR B 470 24.97 -22.47 21.83
CA TYR B 470 25.71 -21.76 20.79
C TYR B 470 25.00 -20.47 20.34
N ILE B 471 23.68 -20.53 20.13
CA ILE B 471 22.92 -19.35 19.67
C ILE B 471 22.81 -18.27 20.74
N ASN B 472 22.44 -18.64 21.97
CA ASN B 472 22.17 -17.67 23.00
C ASN B 472 23.46 -16.99 23.50
N SER B 473 24.60 -17.62 23.24
CA SER B 473 25.92 -17.03 23.55
C SER B 473 26.37 -16.00 22.52
N GLN B 474 25.68 -15.95 21.39
CA GLN B 474 26.09 -15.16 20.22
C GLN B 474 24.90 -14.44 19.60
N LEU B 475 24.02 -13.90 20.43
CA LEU B 475 22.71 -13.45 19.98
C LEU B 475 22.71 -12.48 18.81
N ASP B 476 23.65 -11.53 18.81
CA ASP B 476 23.59 -10.43 17.85
C ASP B 476 23.66 -10.89 16.40
N GLU B 477 24.43 -11.93 16.16
CA GLU B 477 24.53 -12.58 14.86
C GLU B 477 23.18 -13.09 14.32
N PHE B 478 22.28 -13.44 15.23
CA PHE B 478 21.02 -14.10 14.90
C PHE B 478 19.81 -13.23 15.22
N SER B 479 20.03 -11.94 15.47
CA SER B 479 18.93 -11.04 15.83
C SER B 479 18.47 -10.23 14.63
N ASN B 480 17.17 -9.96 14.58
CA ASN B 480 16.57 -9.12 13.55
C ASN B 480 16.63 -7.64 13.97
N PRO B 481 17.44 -6.82 13.26
CA PRO B 481 17.58 -5.40 13.64
C PRO B 481 16.24 -4.65 13.65
N PHE B 482 15.27 -5.10 12.87
CA PHE B 482 14.02 -4.36 12.74
C PHE B 482 12.97 -4.85 13.72
N PHE B 483 13.34 -5.75 14.62
CA PHE B 483 12.36 -6.36 15.52
C PHE B 483 11.68 -5.34 16.43
N VAL B 484 10.41 -5.60 16.70
CA VAL B 484 9.56 -4.69 17.45
C VAL B 484 8.67 -5.45 18.48
N ASN B 485 9.09 -5.43 19.73
CA ASN B 485 8.47 -6.31 20.72
C ASN B 485 6.99 -6.00 20.99
N TYR B 486 6.53 -4.81 20.62
CA TYR B 486 5.13 -4.45 20.84
C TYR B 486 4.24 -4.88 19.66
N GLU B 487 4.84 -5.52 18.65
CA GLU B 487 4.05 -6.14 17.58
C GLU B 487 3.55 -7.49 18.06
N ASN B 488 2.70 -7.43 19.06
CA ASN B 488 2.37 -8.59 19.85
C ASN B 488 0.93 -9.05 19.67
N HIS B 489 0.31 -8.65 18.56
CA HIS B 489 -1.04 -9.09 18.27
C HIS B 489 -0.98 -10.42 17.51
N VAL B 490 -2.13 -11.05 17.36
CA VAL B 490 -2.20 -12.24 16.54
C VAL B 490 -1.88 -11.86 15.11
N LEU B 491 -1.02 -12.64 14.47
CA LEU B 491 -0.65 -12.44 13.06
C LEU B 491 -1.27 -13.48 12.15
N TYR B 492 -1.74 -13.05 10.99
CA TYR B 492 -2.32 -13.99 10.03
C TYR B 492 -1.58 -13.86 8.69
N PRO B 493 -0.62 -14.77 8.42
CA PRO B 493 0.06 -14.67 7.13
C PRO B 493 -0.91 -14.96 5.99
N VAL B 494 -0.65 -14.37 4.84
CA VAL B 494 -1.51 -14.56 3.70
C VAL B 494 -1.11 -15.85 3.00
N ALA B 495 -1.98 -16.85 3.11
CA ALA B 495 -1.72 -18.16 2.56
C ALA B 495 -2.12 -18.21 1.09
N SER B 496 -1.33 -17.54 0.27
CA SER B 496 -1.61 -17.39 -1.16
C SER B 496 -0.31 -17.44 -1.93
N LEU B 497 -0.29 -18.09 -3.09
CA LEU B 497 0.95 -18.20 -3.85
C LEU B 497 1.49 -16.82 -4.21
N SER B 498 0.59 -15.90 -4.49
CA SER B 498 0.95 -14.51 -4.74
C SER B 498 1.79 -13.91 -3.59
N HIS B 499 1.54 -14.33 -2.35
CA HIS B 499 2.28 -13.78 -1.21
C HIS B 499 3.38 -14.68 -0.62
N LEU B 500 3.86 -15.66 -1.38
CA LEU B 500 4.89 -16.57 -0.90
C LEU B 500 6.04 -16.62 -1.89
N GLU B 501 7.23 -16.91 -1.40
CA GLU B 501 8.41 -16.92 -2.23
C GLU B 501 9.20 -18.20 -2.03
N LEU B 502 9.91 -18.62 -3.08
CA LEU B 502 10.91 -19.64 -2.89
C LEU B 502 12.00 -19.08 -1.98
N TRP B 503 12.55 -19.93 -1.12
CA TRP B 503 13.55 -19.52 -0.13
C TRP B 503 14.95 -19.67 -0.72
N VAL B 504 15.29 -18.83 -1.68
CA VAL B 504 16.52 -19.01 -2.46
C VAL B 504 17.76 -19.02 -1.58
N ASN B 505 17.79 -18.17 -0.56
CA ASN B 505 18.93 -18.15 0.33
C ASN B 505 19.19 -19.46 1.07
N TYR B 506 18.17 -20.31 1.21
CA TYR B 506 18.42 -21.64 1.70
C TYR B 506 18.53 -22.65 0.54
N TYR B 507 17.53 -22.71 -0.36
CA TYR B 507 17.51 -23.77 -1.39
C TYR B 507 18.52 -23.56 -2.52
N VAL B 508 18.88 -22.31 -2.80
CA VAL B 508 19.86 -22.02 -3.83
C VAL B 508 21.09 -21.37 -3.19
N ARG B 509 21.48 -21.91 -2.04
CA ARG B 509 22.57 -21.33 -1.28
C ARG B 509 23.92 -21.59 -1.94
N TRP B 510 24.04 -22.74 -2.59
CA TRP B 510 25.31 -23.16 -3.18
C TRP B 510 25.43 -22.94 -4.69
N ASN B 511 25.24 -21.72 -5.18
CA ASN B 511 25.31 -21.47 -6.62
C ASN B 511 26.73 -21.14 -7.10
N ALA C 4 -53.08 -10.53 -11.85
CA ALA C 4 -51.62 -10.61 -11.83
C ALA C 4 -50.97 -9.56 -12.74
N PRO C 5 -49.80 -9.04 -12.35
CA PRO C 5 -49.07 -8.05 -13.14
C PRO C 5 -48.42 -8.66 -14.39
N LEU C 6 -48.54 -7.97 -15.52
CA LEU C 6 -48.06 -8.54 -16.77
C LEU C 6 -47.09 -7.60 -17.49
N PHE C 7 -46.00 -8.17 -18.02
CA PHE C 7 -45.13 -7.47 -18.95
C PHE C 7 -45.86 -7.20 -20.28
N PRO C 8 -45.49 -6.12 -20.98
CA PRO C 8 -45.86 -6.04 -22.40
C PRO C 8 -45.43 -7.28 -23.19
N GLY C 9 -46.39 -8.01 -23.74
CA GLY C 9 -46.12 -9.21 -24.50
C GLY C 9 -46.36 -10.50 -23.74
N GLU C 10 -46.62 -10.38 -22.44
CA GLU C 10 -46.87 -11.52 -21.57
C GLU C 10 -48.35 -11.92 -21.57
N SER C 11 -48.62 -13.22 -21.59
CA SER C 11 -50.00 -13.72 -21.64
C SER C 11 -50.29 -14.73 -20.53
N ILE C 12 -51.42 -14.53 -19.85
CA ILE C 12 -51.90 -15.46 -18.83
C ILE C 12 -52.32 -16.80 -19.43
N LYS C 13 -51.83 -17.90 -18.88
CA LYS C 13 -52.15 -19.23 -19.44
C LYS C 13 -53.06 -20.04 -18.53
N ALA C 14 -53.10 -19.69 -17.25
CA ALA C 14 -53.90 -20.41 -16.27
C ALA C 14 -54.03 -19.60 -15.00
N ILE C 15 -55.22 -19.62 -14.42
CA ILE C 15 -55.47 -19.04 -13.11
C ILE C 15 -56.22 -20.06 -12.25
N VAL C 16 -55.61 -20.45 -11.13
CA VAL C 16 -56.22 -21.40 -10.21
C VAL C 16 -56.33 -20.77 -8.82
N LYS C 17 -57.50 -20.89 -8.19
CA LYS C 17 -57.71 -20.27 -6.88
C LYS C 17 -57.57 -21.28 -5.74
N ASP C 18 -57.31 -20.76 -4.54
CA ASP C 18 -57.04 -21.56 -3.34
C ASP C 18 -56.11 -22.74 -3.63
N VAL C 19 -54.92 -22.42 -4.12
CA VAL C 19 -53.81 -23.35 -4.13
C VAL C 19 -53.00 -23.07 -2.88
N MET C 20 -52.20 -24.03 -2.46
CA MET C 20 -51.41 -23.82 -1.25
C MET C 20 -49.91 -23.88 -1.52
N TYR C 21 -49.22 -22.82 -1.15
CA TYR C 21 -47.75 -22.82 -1.15
C TYR C 21 -47.25 -23.19 0.23
N ILE C 22 -46.69 -24.39 0.35
CA ILE C 22 -46.10 -24.82 1.62
C ILE C 22 -44.79 -24.09 1.86
N CYS C 23 -44.87 -22.99 2.60
CA CYS C 23 -43.70 -22.22 3.01
C CYS C 23 -42.81 -23.15 3.81
N PRO C 24 -41.48 -23.02 3.65
CA PRO C 24 -40.53 -23.93 4.30
C PRO C 24 -40.80 -24.11 5.80
N PHE C 25 -40.89 -23.01 6.53
CA PHE C 25 -41.11 -23.05 7.98
C PHE C 25 -42.33 -22.27 8.45
N MET C 26 -42.79 -21.33 7.63
CA MET C 26 -43.93 -20.48 7.95
C MET C 26 -45.27 -21.21 7.76
N GLY C 27 -45.21 -22.49 7.39
CA GLY C 27 -46.40 -23.30 7.19
C GLY C 27 -47.17 -22.94 5.93
N ALA C 28 -48.19 -23.74 5.62
CA ALA C 28 -48.98 -23.55 4.40
C ALA C 28 -49.64 -22.17 4.29
N VAL C 29 -49.93 -21.77 3.05
CA VAL C 29 -50.62 -20.51 2.73
C VAL C 29 -51.53 -20.69 1.51
N SER C 30 -52.79 -20.32 1.62
CA SER C 30 -53.69 -20.40 0.47
C SER C 30 -53.58 -19.13 -0.38
N GLY C 31 -53.73 -19.27 -1.69
CA GLY C 31 -53.68 -18.12 -2.58
C GLY C 31 -54.05 -18.43 -4.02
N THR C 32 -53.92 -17.43 -4.88
CA THR C 32 -54.24 -17.62 -6.29
C THR C 32 -52.96 -17.79 -7.12
N LEU C 33 -52.86 -18.92 -7.83
CA LEU C 33 -51.71 -19.19 -8.68
C LEU C 33 -51.96 -18.82 -10.13
N THR C 34 -51.19 -17.87 -10.66
CA THR C 34 -51.27 -17.54 -12.07
C THR C 34 -50.05 -18.09 -12.83
N VAL C 35 -50.29 -18.83 -13.89
CA VAL C 35 -49.23 -19.26 -14.78
C VAL C 35 -49.29 -18.47 -16.08
N THR C 36 -48.26 -17.65 -16.31
CA THR C 36 -48.14 -16.95 -17.58
C THR C 36 -47.07 -17.65 -18.42
N ASP C 37 -46.77 -17.10 -19.59
CA ASP C 37 -45.73 -17.70 -20.43
C ASP C 37 -44.35 -17.18 -20.06
N PHE C 38 -44.29 -16.27 -19.10
CA PHE C 38 -43.01 -15.85 -18.58
C PHE C 38 -42.77 -16.37 -17.16
N LYS C 39 -43.79 -16.30 -16.31
CA LYS C 39 -43.60 -16.57 -14.90
C LYS C 39 -44.71 -17.37 -14.23
N LEU C 40 -44.44 -17.73 -12.98
CA LEU C 40 -45.43 -18.30 -12.08
C LEU C 40 -45.74 -17.22 -11.04
N TYR C 41 -47.02 -17.03 -10.73
CA TYR C 41 -47.40 -15.94 -9.83
C TYR C 41 -48.42 -16.39 -8.79
N PHE C 42 -48.21 -15.98 -7.54
CA PHE C 42 -49.00 -16.45 -6.40
C PHE C 42 -49.24 -15.33 -5.42
N LYS C 43 -50.50 -15.10 -5.05
CA LYS C 43 -50.81 -14.02 -4.12
C LYS C 43 -51.96 -14.35 -3.17
N ASN C 44 -51.83 -13.85 -1.94
CA ASN C 44 -52.89 -13.90 -0.93
C ASN C 44 -53.05 -12.53 -0.28
N VAL C 45 -54.30 -12.17 0.05
CA VAL C 45 -54.58 -10.85 0.61
C VAL C 45 -55.34 -10.93 1.93
N HIS C 50 -49.69 -7.72 2.15
CA HIS C 50 -50.03 -8.91 1.37
C HIS C 50 -48.81 -9.80 1.20
N PHE C 51 -49.02 -10.98 0.64
CA PHE C 51 -47.92 -11.91 0.39
C PHE C 51 -47.84 -12.30 -1.10
N ILE C 52 -46.63 -12.21 -1.66
CA ILE C 52 -46.45 -12.38 -3.10
C ILE C 52 -45.27 -13.27 -3.44
N LEU C 53 -45.51 -14.28 -4.28
CA LEU C 53 -44.46 -15.16 -4.76
C LEU C 53 -44.34 -15.02 -6.28
N ASP C 54 -43.22 -14.45 -6.74
CA ASP C 54 -43.00 -14.12 -8.15
C ASP C 54 -41.77 -14.83 -8.72
N VAL C 55 -41.99 -15.76 -9.64
CA VAL C 55 -40.93 -16.65 -10.11
C VAL C 55 -40.95 -16.89 -11.62
N PRO C 56 -39.90 -16.46 -12.33
CA PRO C 56 -39.79 -16.72 -13.77
C PRO C 56 -39.67 -18.22 -14.07
N LEU C 57 -40.42 -18.69 -15.06
CA LEU C 57 -40.43 -20.11 -15.37
C LEU C 57 -39.05 -20.63 -15.76
N GLY C 58 -38.20 -19.72 -16.24
CA GLY C 58 -36.87 -20.07 -16.71
C GLY C 58 -35.93 -20.55 -15.62
N VAL C 59 -36.30 -20.31 -14.37
CA VAL C 59 -35.49 -20.72 -13.24
C VAL C 59 -35.85 -22.17 -12.84
N ILE C 60 -36.96 -22.67 -13.37
CA ILE C 60 -37.40 -24.00 -13.05
C ILE C 60 -36.61 -25.04 -13.83
N SER C 61 -36.03 -25.98 -13.09
CA SER C 61 -35.18 -26.99 -13.67
C SER C 61 -35.96 -28.27 -13.86
N ARG C 62 -36.84 -28.52 -12.89
CA ARG C 62 -37.63 -29.74 -12.89
C ARG C 62 -38.95 -29.50 -12.16
N VAL C 63 -40.01 -30.16 -12.64
CA VAL C 63 -41.29 -30.17 -11.93
C VAL C 63 -41.69 -31.61 -11.59
N GLU C 64 -41.87 -31.91 -10.31
CA GLU C 64 -42.15 -33.28 -9.86
C GLU C 64 -43.36 -33.36 -8.94
N LYS C 65 -44.16 -34.42 -9.08
CA LYS C 65 -45.31 -34.65 -8.21
C LYS C 65 -44.91 -35.35 -6.90
N ILE C 66 -45.59 -35.00 -5.81
CA ILE C 66 -45.35 -35.64 -4.51
C ILE C 66 -46.66 -35.93 -3.79
N GLY C 77 -50.27 -32.34 -4.88
CA GLY C 77 -48.99 -31.95 -4.30
C GLY C 77 -47.84 -31.93 -5.30
N ILE C 78 -47.25 -30.75 -5.49
CA ILE C 78 -46.21 -30.58 -6.50
C ILE C 78 -44.92 -29.94 -5.92
N GLU C 79 -43.79 -30.27 -6.53
CA GLU C 79 -42.49 -29.74 -6.09
C GLU C 79 -41.72 -29.11 -7.25
N ILE C 80 -41.45 -27.82 -7.14
CA ILE C 80 -40.75 -27.09 -8.19
C ILE C 80 -39.27 -26.92 -7.86
N VAL C 81 -38.40 -27.69 -8.52
CA VAL C 81 -36.96 -27.53 -8.35
C VAL C 81 -36.41 -26.34 -9.17
N CYS C 82 -35.87 -25.34 -8.50
CA CYS C 82 -35.38 -24.14 -9.18
C CYS C 82 -33.86 -24.07 -9.26
N LYS C 83 -33.38 -23.28 -10.23
CA LYS C 83 -31.95 -23.07 -10.44
C LYS C 83 -31.31 -22.02 -9.54
N ASP C 84 -32.13 -21.22 -8.85
CA ASP C 84 -31.56 -20.12 -8.10
C ASP C 84 -31.49 -20.34 -6.60
N MET C 85 -31.15 -21.56 -6.20
CA MET C 85 -30.94 -21.97 -4.80
C MET C 85 -32.25 -22.04 -4.00
N ARG C 86 -33.26 -22.71 -4.56
CA ARG C 86 -34.52 -22.87 -3.85
C ARG C 86 -35.41 -23.88 -4.52
N ASN C 87 -36.36 -24.41 -3.76
CA ASN C 87 -37.43 -25.21 -4.30
C ASN C 87 -38.75 -24.61 -3.89
N LEU C 88 -39.80 -24.92 -4.65
CA LEU C 88 -41.15 -24.46 -4.32
C LEU C 88 -42.08 -25.67 -4.19
N ARG C 89 -42.81 -25.75 -3.09
CA ARG C 89 -43.80 -26.81 -2.92
C ARG C 89 -45.22 -26.26 -3.02
N LEU C 90 -46.07 -26.91 -3.82
CA LEU C 90 -47.45 -26.48 -3.98
C LEU C 90 -48.41 -27.62 -3.65
N ALA C 91 -49.64 -27.29 -3.27
CA ALA C 91 -50.65 -28.29 -2.89
C ALA C 91 -52.07 -27.90 -3.31
N TYR C 92 -52.87 -28.92 -3.60
CA TYR C 92 -54.22 -28.71 -4.11
C TYR C 92 -55.28 -28.79 -3.01
N LEU C 100 -57.19 -28.78 -17.09
CA LEU C 100 -55.97 -28.16 -17.62
C LEU C 100 -54.72 -28.81 -17.02
N GLY C 101 -54.76 -29.08 -15.72
CA GLY C 101 -53.60 -29.59 -15.00
C GLY C 101 -52.50 -28.54 -14.89
N ILE C 102 -52.31 -28.00 -13.69
CA ILE C 102 -51.25 -27.03 -13.47
C ILE C 102 -49.89 -27.68 -13.68
N PHE C 103 -49.83 -28.99 -13.51
CA PHE C 103 -48.59 -29.72 -13.75
C PHE C 103 -48.28 -29.72 -15.23
N GLU C 104 -49.30 -29.92 -16.05
CA GLU C 104 -49.11 -29.89 -17.49
C GLU C 104 -48.75 -28.47 -17.94
N ASN C 105 -49.33 -27.47 -17.30
CA ASN C 105 -49.06 -26.08 -17.64
C ASN C 105 -47.63 -25.63 -17.33
N LEU C 106 -47.22 -25.78 -16.07
CA LEU C 106 -45.86 -25.49 -15.65
C LEU C 106 -44.87 -26.19 -16.56
N ASN C 107 -45.08 -27.49 -16.77
CA ASN C 107 -44.19 -28.26 -17.60
C ASN C 107 -44.18 -27.78 -19.05
N LYS C 108 -45.34 -27.32 -19.53
CA LYS C 108 -45.44 -26.83 -20.89
C LYS C 108 -44.66 -25.51 -21.06
N HIS C 109 -44.86 -24.58 -20.14
CA HIS C 109 -44.32 -23.24 -20.32
C HIS C 109 -42.98 -22.98 -19.62
N ALA C 110 -42.53 -23.90 -18.78
CA ALA C 110 -41.18 -23.83 -18.23
C ALA C 110 -40.18 -24.40 -19.21
N PHE C 111 -40.67 -25.31 -20.06
CA PHE C 111 -39.79 -25.95 -21.04
C PHE C 111 -40.35 -25.84 -22.46
N PRO C 112 -40.55 -24.60 -22.93
CA PRO C 112 -41.14 -24.36 -24.26
C PRO C 112 -40.32 -24.98 -25.40
N LEU C 113 -39.00 -25.00 -25.27
CA LEU C 113 -38.14 -25.60 -26.29
C LEU C 113 -38.25 -27.13 -26.30
N SER C 114 -38.92 -27.70 -25.30
CA SER C 114 -39.16 -29.14 -25.28
C SER C 114 -40.61 -29.41 -25.69
N ASN C 115 -41.39 -28.34 -25.79
CA ASN C 115 -42.79 -28.43 -26.14
C ASN C 115 -43.12 -27.59 -27.37
N GLY C 116 -42.14 -27.45 -28.26
CA GLY C 116 -42.35 -26.80 -29.55
C GLY C 116 -42.71 -25.33 -29.50
N GLN C 117 -42.29 -24.62 -28.45
CA GLN C 117 -42.53 -23.19 -28.36
C GLN C 117 -41.21 -22.43 -28.32
N ALA C 118 -41.29 -21.10 -28.35
CA ALA C 118 -40.09 -20.26 -28.25
C ALA C 118 -39.87 -19.77 -26.82
N LEU C 119 -38.63 -19.38 -26.51
CA LEU C 119 -38.31 -18.77 -25.21
C LEU C 119 -39.06 -17.45 -25.08
N PHE C 120 -39.28 -16.99 -23.85
CA PHE C 120 -40.17 -15.84 -23.68
C PHE C 120 -39.54 -14.58 -24.23
N ALA C 121 -38.21 -14.57 -24.32
CA ALA C 121 -37.47 -13.37 -24.77
C ALA C 121 -38.07 -12.85 -26.09
N PHE C 122 -38.53 -13.78 -26.92
CA PHE C 122 -39.07 -13.42 -28.24
C PHE C 122 -40.48 -12.79 -28.17
N SER C 123 -41.14 -12.82 -27.01
CA SER C 123 -42.46 -12.20 -26.88
C SER C 123 -42.43 -10.92 -26.06
N TYR C 124 -41.34 -10.68 -25.35
CA TYR C 124 -41.20 -9.47 -24.56
C TYR C 124 -41.20 -8.22 -25.48
N LYS C 125 -42.06 -7.26 -25.18
CA LYS C 125 -42.30 -6.13 -26.10
C LYS C 125 -42.04 -4.78 -25.46
N GLU C 126 -41.33 -4.78 -24.35
CA GLU C 126 -41.02 -3.53 -23.68
C GLU C 126 -40.08 -2.71 -24.57
N LYS C 127 -40.13 -1.40 -24.41
CA LYS C 127 -39.25 -0.50 -25.12
C LYS C 127 -38.51 0.34 -24.09
N PHE C 128 -37.19 0.26 -24.12
CA PHE C 128 -36.37 1.01 -23.18
C PHE C 128 -35.77 2.23 -23.89
N PRO C 129 -35.42 3.28 -23.12
CA PRO C 129 -34.76 4.44 -23.74
C PRO C 129 -33.42 4.06 -24.41
N ILE C 130 -32.59 3.30 -23.73
CA ILE C 130 -31.31 2.86 -24.30
C ILE C 130 -31.44 1.45 -24.89
N ASN C 131 -30.79 1.23 -26.03
CA ASN C 131 -30.71 -0.07 -26.70
C ASN C 131 -29.42 -0.82 -26.37
N GLY C 132 -29.52 -1.78 -25.45
CA GLY C 132 -28.36 -2.51 -24.95
C GLY C 132 -27.54 -3.23 -26.01
N TRP C 133 -28.16 -3.54 -27.15
CA TRP C 133 -27.45 -4.27 -28.22
C TRP C 133 -26.28 -3.44 -28.77
N LYS C 134 -26.26 -2.16 -28.44
CA LYS C 134 -25.23 -1.25 -28.92
C LYS C 134 -24.07 -1.05 -27.93
N VAL C 135 -24.18 -1.62 -26.73
CA VAL C 135 -23.16 -1.40 -25.70
C VAL C 135 -21.80 -1.90 -26.20
N TYR C 136 -21.81 -3.07 -26.84
CA TYR C 136 -20.59 -3.67 -27.34
C TYR C 136 -20.50 -3.64 -28.86
N ASP C 137 -19.57 -2.85 -29.35
CA ASP C 137 -19.15 -2.92 -30.73
C ASP C 137 -17.71 -3.36 -30.75
N PRO C 138 -17.42 -4.50 -31.39
CA PRO C 138 -16.08 -5.08 -31.39
C PRO C 138 -15.00 -4.14 -31.94
N VAL C 139 -15.25 -3.53 -33.09
CA VAL C 139 -14.29 -2.60 -33.67
C VAL C 139 -14.03 -1.42 -32.71
N SER C 140 -15.10 -0.89 -32.11
CA SER C 140 -14.95 0.15 -31.08
C SER C 140 -14.06 -0.28 -29.91
N GLU C 141 -14.26 -1.50 -29.42
CA GLU C 141 -13.53 -1.99 -28.26
C GLU C 141 -12.08 -2.27 -28.63
N TYR C 142 -11.84 -2.87 -29.78
CA TYR C 142 -10.47 -3.05 -30.26
C TYR C 142 -9.79 -1.69 -30.46
N LYS C 143 -10.53 -0.71 -30.96
CA LYS C 143 -10.00 0.63 -31.17
C LYS C 143 -9.62 1.25 -29.85
N ARG C 144 -10.47 1.04 -28.85
CA ARG C 144 -10.22 1.55 -27.50
C ARG C 144 -8.88 1.03 -26.96
N GLN C 145 -8.52 -0.19 -27.36
CA GLN C 145 -7.32 -0.85 -26.86
C GLN C 145 -6.07 -0.43 -27.64
N GLY C 146 -6.26 0.26 -28.77
CA GLY C 146 -5.16 0.71 -29.62
C GLY C 146 -5.01 -0.12 -30.87
N LEU C 147 -6.07 -0.82 -31.25
CA LEU C 147 -6.01 -1.78 -32.34
C LEU C 147 -6.98 -1.41 -33.47
N PRO C 148 -6.56 -1.61 -34.74
CA PRO C 148 -5.31 -2.27 -35.13
C PRO C 148 -4.08 -1.42 -34.91
N ASN C 149 -2.92 -2.03 -35.09
CA ASN C 149 -1.65 -1.30 -35.06
C ASN C 149 -0.64 -1.99 -35.96
N GLU C 150 0.62 -1.64 -35.80
CA GLU C 150 1.68 -2.20 -36.64
C GLU C 150 1.75 -3.73 -36.57
N SER C 151 1.34 -4.31 -35.44
CA SER C 151 1.58 -5.73 -35.24
C SER C 151 0.31 -6.59 -35.23
N TRP C 152 -0.83 -5.98 -34.93
CA TRP C 152 -2.08 -6.74 -34.88
C TRP C 152 -3.14 -6.19 -35.84
N LYS C 153 -3.74 -7.07 -36.63
CA LYS C 153 -4.79 -6.66 -37.56
C LYS C 153 -6.18 -7.17 -37.17
N ILE C 154 -7.19 -6.37 -37.52
CA ILE C 154 -8.58 -6.82 -37.54
C ILE C 154 -8.82 -7.74 -38.72
N SER C 155 -9.19 -8.98 -38.43
CA SER C 155 -9.41 -9.94 -39.51
C SER C 155 -10.90 -10.16 -39.76
N LYS C 156 -11.26 -10.26 -41.04
CA LYS C 156 -12.63 -10.55 -41.44
C LYS C 156 -12.75 -12.00 -41.87
N ILE C 157 -11.75 -12.81 -41.54
CA ILE C 157 -11.67 -14.18 -42.06
C ILE C 157 -12.84 -15.04 -41.61
N ASN C 158 -13.50 -14.66 -40.52
CA ASN C 158 -14.64 -15.44 -40.05
C ASN C 158 -15.97 -14.72 -40.20
N SER C 159 -16.03 -13.75 -41.10
CA SER C 159 -17.22 -12.92 -41.26
C SER C 159 -18.46 -13.75 -41.60
N ASN C 160 -18.25 -14.93 -42.16
CA ASN C 160 -19.35 -15.84 -42.48
C ASN C 160 -19.38 -17.08 -41.60
N TYR C 161 -18.58 -17.07 -40.53
CA TYR C 161 -18.48 -18.18 -39.57
C TYR C 161 -18.06 -19.47 -40.23
N GLU C 162 -17.32 -19.37 -41.33
CA GLU C 162 -16.89 -20.55 -42.06
C GLU C 162 -15.52 -21.03 -41.56
N PHE C 163 -14.75 -20.10 -40.99
CA PHE C 163 -13.42 -20.41 -40.49
C PHE C 163 -13.48 -21.15 -39.16
N CYS C 164 -14.21 -20.58 -38.23
CA CYS C 164 -14.48 -21.19 -36.94
C CYS C 164 -15.87 -20.75 -36.55
N ASP C 165 -16.78 -21.71 -36.40
CA ASP C 165 -18.18 -21.36 -36.31
C ASP C 165 -18.65 -21.14 -34.88
N THR C 166 -17.73 -21.15 -33.93
CA THR C 166 -18.08 -20.80 -32.57
C THR C 166 -17.32 -19.56 -32.12
N TYR C 167 -16.61 -18.93 -33.06
CA TYR C 167 -15.92 -17.66 -32.82
C TYR C 167 -16.74 -16.49 -33.37
N PRO C 168 -16.43 -15.27 -32.92
CA PRO C 168 -17.17 -14.13 -33.47
C PRO C 168 -16.81 -13.83 -34.94
N ALA C 169 -17.59 -12.96 -35.58
CA ALA C 169 -17.39 -12.64 -37.00
C ALA C 169 -16.04 -11.95 -37.25
N ILE C 170 -15.56 -11.28 -36.21
CA ILE C 170 -14.33 -10.48 -36.26
C ILE C 170 -13.33 -11.00 -35.25
N ILE C 171 -12.08 -11.21 -35.66
CA ILE C 171 -11.03 -11.54 -34.70
C ILE C 171 -9.77 -10.73 -34.93
N VAL C 172 -8.97 -10.57 -33.88
CA VAL C 172 -7.71 -9.85 -34.00
C VAL C 172 -6.54 -10.83 -33.90
N VAL C 173 -5.79 -10.93 -35.00
CA VAL C 173 -4.66 -11.84 -35.15
C VAL C 173 -3.40 -11.03 -35.53
N PRO C 174 -2.20 -11.63 -35.39
CA PRO C 174 -1.00 -10.88 -35.78
C PRO C 174 -1.05 -10.44 -37.25
N THR C 175 -0.52 -9.27 -37.55
CA THR C 175 -0.59 -8.74 -38.92
C THR C 175 0.03 -9.68 -39.97
N SER C 176 1.02 -10.47 -39.59
CA SER C 176 1.80 -11.24 -40.55
C SER C 176 1.16 -12.54 -41.02
N VAL C 177 0.32 -13.18 -40.21
CA VAL C 177 -0.16 -14.50 -40.57
C VAL C 177 -1.05 -14.44 -41.81
N LYS C 178 -0.83 -15.40 -42.71
CA LYS C 178 -1.60 -15.52 -43.94
C LYS C 178 -2.84 -16.38 -43.69
N ASP C 179 -3.96 -16.01 -44.29
CA ASP C 179 -5.24 -16.67 -44.05
C ASP C 179 -5.18 -18.18 -44.27
N ASP C 180 -4.40 -18.62 -45.25
CA ASP C 180 -4.28 -20.05 -45.51
C ASP C 180 -3.39 -20.72 -44.48
N ASP C 181 -2.44 -19.97 -43.94
CA ASP C 181 -1.64 -20.46 -42.83
C ASP C 181 -2.54 -20.53 -41.59
N LEU C 182 -3.40 -19.52 -41.48
CA LEU C 182 -4.36 -19.45 -40.40
C LEU C 182 -5.35 -20.62 -40.45
N SER C 183 -5.69 -21.04 -41.66
CA SER C 183 -6.59 -22.17 -41.86
C SER C 183 -5.97 -23.47 -41.35
N LYS C 184 -4.66 -23.58 -41.44
CA LYS C 184 -3.97 -24.78 -41.00
C LYS C 184 -3.91 -24.86 -39.48
N VAL C 185 -3.66 -23.72 -38.84
CA VAL C 185 -3.71 -23.65 -37.37
C VAL C 185 -5.08 -24.10 -36.89
N ALA C 186 -6.11 -23.66 -37.61
CA ALA C 186 -7.49 -24.03 -37.29
C ALA C 186 -7.66 -25.55 -37.30
N ALA C 187 -7.04 -26.21 -38.26
CA ALA C 187 -7.08 -27.66 -38.33
C ALA C 187 -6.38 -28.30 -37.13
N PHE C 188 -5.42 -27.58 -36.55
CA PHE C 188 -4.62 -28.12 -35.46
C PHE C 188 -5.14 -27.76 -34.05
N ARG C 189 -6.15 -26.91 -33.98
CA ARG C 189 -6.71 -26.50 -32.71
C ARG C 189 -8.15 -26.99 -32.58
N ALA C 190 -8.51 -27.55 -31.42
CA ALA C 190 -9.84 -28.11 -31.21
C ALA C 190 -10.96 -27.13 -31.62
N LYS C 191 -11.83 -27.61 -32.50
CA LYS C 191 -12.96 -26.86 -33.02
C LYS C 191 -12.54 -25.59 -33.73
N GLY C 192 -11.29 -25.58 -34.15
CA GLY C 192 -10.76 -24.49 -34.96
C GLY C 192 -10.57 -23.21 -34.17
N ARG C 193 -10.57 -23.31 -32.85
CA ARG C 193 -10.44 -22.12 -32.01
C ARG C 193 -9.00 -21.64 -31.88
N VAL C 194 -8.52 -20.95 -32.91
CA VAL C 194 -7.14 -20.51 -32.97
C VAL C 194 -6.87 -19.37 -32.00
N PRO C 195 -5.61 -19.22 -31.57
CA PRO C 195 -5.20 -18.09 -30.72
C PRO C 195 -5.65 -16.75 -31.29
N VAL C 196 -6.45 -16.01 -30.54
CA VAL C 196 -6.85 -14.66 -30.95
C VAL C 196 -6.73 -13.68 -29.81
N LEU C 197 -6.62 -12.39 -30.13
CA LEU C 197 -6.34 -11.39 -29.12
C LEU C 197 -7.58 -11.12 -28.26
N SER C 198 -7.39 -11.15 -26.94
CA SER C 198 -8.40 -10.73 -25.96
C SER C 198 -8.08 -9.34 -25.44
N TRP C 199 -6.81 -9.12 -25.12
CA TRP C 199 -6.35 -7.86 -24.54
C TRP C 199 -4.91 -7.54 -24.93
N ILE C 200 -4.57 -6.26 -24.94
CA ILE C 200 -3.20 -5.85 -25.18
C ILE C 200 -2.84 -4.71 -24.22
N HIS C 201 -1.64 -4.75 -23.66
CA HIS C 201 -1.17 -3.71 -22.75
C HIS C 201 -0.84 -2.45 -23.53
N PRO C 202 -1.49 -1.33 -23.20
CA PRO C 202 -1.35 -0.04 -23.89
C PRO C 202 0.09 0.46 -23.97
N GLU C 203 0.95 0.05 -23.03
CA GLU C 203 2.33 0.50 -23.03
C GLU C 203 3.34 -0.60 -23.39
N SER C 204 3.26 -1.75 -22.73
CA SER C 204 4.29 -2.77 -22.93
C SER C 204 4.04 -3.59 -24.19
N GLN C 205 2.80 -3.59 -24.67
CA GLN C 205 2.35 -4.39 -25.81
C GLN C 205 2.28 -5.88 -25.48
N ALA C 206 2.33 -6.22 -24.19
CA ALA C 206 2.11 -7.61 -23.83
C ALA C 206 0.64 -7.92 -24.09
N THR C 207 0.36 -9.11 -24.62
CA THR C 207 -1.02 -9.45 -24.95
C THR C 207 -1.55 -10.66 -24.22
N ILE C 208 -2.87 -10.73 -24.14
CA ILE C 208 -3.54 -11.95 -23.77
C ILE C 208 -4.25 -12.50 -25.00
N THR C 209 -3.86 -13.68 -25.42
CA THR C 209 -4.56 -14.38 -26.48
C THR C 209 -5.19 -15.62 -25.86
N ARG C 210 -6.25 -16.11 -26.49
CA ARG C 210 -6.95 -17.30 -26.03
C ARG C 210 -7.22 -18.26 -27.17
N CYS C 211 -7.45 -19.52 -26.83
CA CYS C 211 -7.63 -20.54 -27.84
C CYS C 211 -8.05 -21.84 -27.20
N SER C 212 -8.13 -22.88 -28.01
CA SER C 212 -8.41 -24.22 -27.55
C SER C 212 -7.12 -25.01 -27.54
N GLN C 213 -7.18 -26.23 -27.03
CA GLN C 213 -6.02 -27.09 -26.95
C GLN C 213 -5.51 -27.50 -28.33
N PRO C 214 -4.19 -27.79 -28.44
CA PRO C 214 -3.66 -28.29 -29.70
C PRO C 214 -4.06 -29.74 -29.90
N LEU C 215 -4.21 -30.18 -31.15
CA LEU C 215 -4.58 -31.56 -31.43
C LEU C 215 -3.34 -32.40 -31.69
N VAL C 216 -2.62 -32.70 -30.61
CA VAL C 216 -1.34 -33.39 -30.71
C VAL C 216 -1.54 -34.90 -30.72
N GLY C 217 -2.33 -35.41 -29.78
CA GLY C 217 -2.64 -36.83 -29.70
C GLY C 217 -1.49 -37.67 -29.13
N PRO C 218 -1.73 -38.97 -28.93
CA PRO C 218 -0.76 -39.87 -28.28
C PRO C 218 0.52 -40.10 -29.07
N ASN C 219 0.53 -39.78 -30.36
CA ASN C 219 1.71 -39.97 -31.20
C ASN C 219 2.39 -38.65 -31.56
N ASP C 220 2.15 -37.63 -30.73
CA ASP C 220 2.82 -36.33 -30.82
C ASP C 220 2.87 -35.69 -32.22
N LYS C 221 1.69 -35.35 -32.74
CA LYS C 221 1.59 -34.64 -34.00
C LYS C 221 2.03 -33.18 -33.83
N ARG C 222 2.78 -32.67 -34.80
CA ARG C 222 3.25 -31.28 -34.77
C ARG C 222 2.64 -30.49 -35.94
N CYS C 223 2.50 -29.18 -35.76
CA CYS C 223 2.05 -28.33 -36.84
C CYS C 223 2.96 -27.11 -36.98
N LYS C 224 3.63 -27.02 -38.12
CA LYS C 224 4.61 -25.98 -38.37
C LYS C 224 4.00 -24.58 -38.38
N GLU C 225 2.85 -24.44 -39.03
CA GLU C 225 2.16 -23.16 -39.05
C GLU C 225 1.73 -22.74 -37.64
N ASP C 226 1.22 -23.69 -36.86
CA ASP C 226 0.81 -23.41 -35.49
C ASP C 226 1.99 -22.91 -34.67
N GLU C 227 3.12 -23.62 -34.78
CA GLU C 227 4.33 -23.27 -34.05
C GLU C 227 4.83 -21.92 -34.53
N LYS C 228 4.80 -21.71 -35.83
CA LYS C 228 5.19 -20.43 -36.40
C LYS C 228 4.22 -19.33 -35.97
N TYR C 229 2.93 -19.69 -35.89
CA TYR C 229 1.90 -18.75 -35.48
C TYR C 229 2.15 -18.24 -34.06
N LEU C 230 2.34 -19.16 -33.12
CA LEU C 230 2.59 -18.78 -31.73
C LEU C 230 3.82 -17.89 -31.65
N GLN C 231 4.81 -18.22 -32.49
CA GLN C 231 6.05 -17.46 -32.59
C GLN C 231 5.78 -16.00 -32.99
N THR C 232 4.99 -15.78 -34.04
CA THR C 232 4.67 -14.41 -34.44
C THR C 232 3.95 -13.66 -33.31
N ILE C 233 3.13 -14.38 -32.54
CA ILE C 233 2.45 -13.78 -31.38
C ILE C 233 3.47 -13.13 -30.44
N MET C 234 4.47 -13.91 -30.06
CA MET C 234 5.56 -13.42 -29.24
C MET C 234 6.27 -12.22 -29.88
N ASP C 235 6.52 -12.31 -31.19
CA ASP C 235 7.24 -11.27 -31.91
C ASP C 235 6.48 -9.94 -31.90
N ALA C 236 5.15 -10.03 -31.81
CA ALA C 236 4.33 -8.82 -31.74
C ALA C 236 4.62 -8.03 -30.46
N ASN C 237 5.25 -8.70 -29.50
CA ASN C 237 5.73 -8.05 -28.28
C ASN C 237 7.26 -7.89 -28.38
N ALA C 238 7.69 -6.88 -29.13
CA ALA C 238 9.06 -6.74 -29.62
C ALA C 238 10.18 -6.92 -28.58
N GLN C 239 9.95 -6.46 -27.35
CA GLN C 239 11.00 -6.46 -26.35
C GLN C 239 11.01 -7.70 -25.46
N SER C 240 10.10 -8.63 -25.74
CA SER C 240 10.05 -9.90 -25.01
C SER C 240 10.89 -10.97 -25.71
N HIS C 241 11.25 -12.01 -24.96
CA HIS C 241 12.07 -13.09 -25.48
C HIS C 241 11.35 -14.43 -25.36
N LYS C 242 10.30 -14.47 -24.56
CA LYS C 242 9.58 -15.71 -24.33
C LYS C 242 8.06 -15.49 -24.31
N LEU C 243 7.33 -16.58 -24.53
CA LEU C 243 5.88 -16.59 -24.45
C LEU C 243 5.43 -17.54 -23.34
N ILE C 244 4.55 -17.07 -22.46
CA ILE C 244 3.97 -17.98 -21.47
C ILE C 244 2.69 -18.56 -22.01
N ILE C 245 2.52 -19.87 -21.81
CA ILE C 245 1.26 -20.51 -22.12
C ILE C 245 0.64 -21.06 -20.85
N PHE C 246 -0.56 -20.57 -20.53
CA PHE C 246 -1.28 -21.02 -19.34
C PHE C 246 -2.38 -22.00 -19.70
N ASP C 247 -2.13 -23.27 -19.47
CA ASP C 247 -3.15 -24.28 -19.67
C ASP C 247 -3.99 -24.40 -18.42
N ALA C 248 -5.27 -24.10 -18.54
CA ALA C 248 -6.20 -24.08 -17.40
C ALA C 248 -6.28 -25.40 -16.63
N ARG C 249 -6.00 -26.51 -17.30
CA ARG C 249 -6.27 -27.84 -16.75
C ARG C 249 -5.25 -28.34 -15.72
N GLN C 250 -5.65 -29.36 -14.98
CA GLN C 250 -4.69 -30.15 -14.24
C GLN C 250 -3.78 -30.87 -15.23
N ASN C 251 -2.52 -31.05 -14.85
CA ASN C 251 -1.55 -31.72 -15.69
C ASN C 251 -2.03 -33.14 -16.00
N SER C 252 -2.62 -33.81 -15.01
CA SER C 252 -3.06 -35.19 -15.18
C SER C 252 -4.21 -35.30 -16.18
N VAL C 253 -5.18 -34.38 -16.08
CA VAL C 253 -6.30 -34.36 -17.01
C VAL C 253 -5.81 -34.03 -18.41
N ALA C 254 -4.87 -33.10 -18.53
CA ALA C 254 -4.36 -32.72 -19.84
C ALA C 254 -3.60 -33.86 -20.53
N ASP C 255 -3.01 -34.75 -19.75
CA ASP C 255 -2.33 -35.94 -20.29
C ASP C 255 -3.33 -36.95 -20.83
N THR C 256 -4.42 -37.11 -20.08
CA THR C 256 -5.56 -37.90 -20.48
C THR C 256 -6.23 -37.31 -21.72
N ASN C 257 -6.36 -35.99 -21.76
CA ASN C 257 -6.91 -35.33 -22.93
C ASN C 257 -6.04 -35.59 -24.16
N LYS C 258 -4.74 -35.78 -23.93
CA LYS C 258 -3.81 -36.04 -25.03
C LYS C 258 -4.00 -37.44 -25.62
N THR C 259 -4.28 -38.43 -24.78
CA THR C 259 -4.46 -39.80 -25.25
C THR C 259 -5.72 -39.98 -26.10
N LYS C 260 -6.54 -38.95 -26.18
CA LYS C 260 -7.77 -39.01 -26.96
C LYS C 260 -7.76 -38.02 -28.12
N GLY C 261 -6.57 -37.52 -28.46
CA GLY C 261 -6.43 -36.66 -29.63
C GLY C 261 -6.17 -35.20 -29.32
N GLY C 262 -6.23 -34.82 -28.04
CA GLY C 262 -5.96 -33.46 -27.63
C GLY C 262 -4.51 -33.25 -27.21
N GLY C 263 -4.31 -32.51 -26.13
CA GLY C 263 -2.98 -32.32 -25.59
C GLY C 263 -2.60 -30.86 -25.42
N TYR C 264 -1.29 -30.59 -25.42
CA TYR C 264 -0.78 -29.26 -25.14
C TYR C 264 0.58 -28.99 -25.76
N GLU C 265 1.02 -27.73 -25.70
CA GLU C 265 2.28 -27.33 -26.31
C GLU C 265 3.46 -27.99 -25.61
N SER C 266 4.33 -28.62 -26.41
CA SER C 266 5.50 -29.30 -25.86
C SER C 266 6.73 -28.40 -25.87
N GLU C 267 7.66 -28.69 -24.98
CA GLU C 267 8.90 -27.94 -24.87
C GLU C 267 9.62 -27.97 -26.20
N SER C 268 9.64 -29.15 -26.82
CA SER C 268 10.35 -29.39 -28.07
C SER C 268 9.72 -28.72 -29.29
N ALA C 269 8.39 -28.64 -29.33
CA ALA C 269 7.72 -28.10 -30.50
C ALA C 269 7.67 -26.58 -30.47
N TYR C 270 7.71 -26.02 -29.27
CA TYR C 270 7.58 -24.57 -29.10
C TYR C 270 8.72 -24.07 -28.24
N PRO C 271 9.89 -23.87 -28.86
CA PRO C 271 11.15 -23.56 -28.17
C PRO C 271 11.15 -22.21 -27.44
N ASN C 272 10.36 -21.26 -27.92
CA ASN C 272 10.32 -19.94 -27.31
C ASN C 272 9.11 -19.75 -26.40
N ALA C 273 8.45 -20.86 -26.06
CA ALA C 273 7.31 -20.79 -25.17
C ALA C 273 7.49 -21.73 -23.99
N GLU C 274 6.96 -21.31 -22.85
CA GLU C 274 6.94 -22.11 -21.65
C GLU C 274 5.51 -22.31 -21.20
N LEU C 275 5.08 -23.56 -21.13
CA LEU C 275 3.72 -23.86 -20.68
C LEU C 275 3.67 -24.15 -19.19
N VAL C 276 2.64 -23.61 -18.54
CA VAL C 276 2.38 -23.89 -17.14
C VAL C 276 0.91 -24.31 -16.97
N PHE C 277 0.66 -25.30 -16.12
CA PHE C 277 -0.71 -25.73 -15.80
C PHE C 277 -1.29 -25.03 -14.57
N LEU C 278 -2.54 -24.56 -14.70
CA LEU C 278 -3.20 -23.82 -13.63
C LEU C 278 -4.07 -24.70 -12.74
N GLU C 279 -4.20 -25.98 -13.12
CA GLU C 279 -4.83 -27.02 -12.27
C GLU C 279 -6.30 -26.80 -11.88
N ILE C 280 -7.10 -26.18 -12.75
CA ILE C 280 -8.51 -25.94 -12.46
C ILE C 280 -9.38 -27.15 -12.86
N HIS C 281 -10.19 -27.62 -11.91
CA HIS C 281 -11.05 -28.80 -12.10
C HIS C 281 -12.14 -28.57 -13.15
N ASN C 282 -12.76 -29.65 -13.61
CA ASN C 282 -13.69 -29.57 -14.74
C ASN C 282 -15.13 -29.21 -14.35
N ILE C 283 -16.00 -29.14 -15.36
CA ILE C 283 -17.34 -28.60 -15.19
C ILE C 283 -18.23 -29.43 -14.29
N HIS C 284 -18.01 -30.74 -14.26
CA HIS C 284 -18.83 -31.63 -13.45
C HIS C 284 -18.62 -31.37 -11.97
N VAL C 285 -17.36 -31.17 -11.58
CA VAL C 285 -17.01 -30.81 -10.20
C VAL C 285 -17.70 -29.50 -9.75
N MET C 286 -17.77 -28.50 -10.63
CA MET C 286 -18.40 -27.24 -10.27
C MET C 286 -19.90 -27.44 -10.04
N ARG C 287 -20.55 -28.21 -10.90
CA ARG C 287 -21.97 -28.51 -10.73
C ARG C 287 -22.23 -29.22 -9.41
N GLU C 288 -21.45 -30.26 -9.14
CA GLU C 288 -21.67 -31.05 -7.94
C GLU C 288 -21.46 -30.19 -6.70
N SER C 289 -20.45 -29.33 -6.76
CA SER C 289 -20.18 -28.43 -5.65
C SER C 289 -21.37 -27.52 -5.37
N LEU C 290 -21.98 -26.97 -6.41
CA LEU C 290 -23.12 -26.08 -6.20
C LEU C 290 -24.35 -26.88 -5.78
N ARG C 291 -24.46 -28.10 -6.26
CA ARG C 291 -25.56 -28.97 -5.82
C ARG C 291 -25.46 -29.20 -4.33
N LYS C 292 -24.26 -29.52 -3.87
CA LYS C 292 -24.05 -29.76 -2.45
C LYS C 292 -24.30 -28.49 -1.65
N LEU C 293 -23.88 -27.35 -2.17
CA LEU C 293 -24.12 -26.11 -1.43
C LEU C 293 -25.62 -25.85 -1.29
N LYS C 294 -26.40 -26.18 -2.32
CA LYS C 294 -27.84 -25.92 -2.28
C LYS C 294 -28.54 -26.72 -1.20
N GLU C 295 -28.26 -28.02 -1.14
CA GLU C 295 -28.89 -28.88 -0.13
C GLU C 295 -28.52 -28.45 1.29
N ILE C 296 -27.47 -27.64 1.41
CA ILE C 296 -27.04 -27.11 2.71
C ILE C 296 -27.76 -25.84 3.10
N VAL C 297 -28.07 -24.97 2.13
CA VAL C 297 -28.65 -23.66 2.43
C VAL C 297 -30.18 -23.61 2.30
N TYR C 298 -30.77 -24.62 1.67
CA TYR C 298 -32.22 -24.68 1.53
C TYR C 298 -32.72 -26.06 2.00
N PRO C 299 -33.85 -26.10 2.73
CA PRO C 299 -34.74 -24.98 3.08
C PRO C 299 -34.17 -24.09 4.18
N SER C 300 -33.22 -24.60 4.94
CA SER C 300 -32.59 -23.82 6.00
C SER C 300 -31.23 -24.38 6.35
N ILE C 301 -30.53 -23.65 7.19
CA ILE C 301 -29.17 -24.00 7.56
C ILE C 301 -29.08 -24.60 8.96
N ASP C 302 -28.54 -25.81 9.03
CA ASP C 302 -28.16 -26.44 10.30
C ASP C 302 -26.82 -25.86 10.75
N GLU C 303 -26.88 -24.91 11.66
CA GLU C 303 -25.73 -24.08 12.03
C GLU C 303 -24.66 -24.86 12.79
N ALA C 304 -25.05 -25.97 13.42
CA ALA C 304 -24.11 -26.80 14.17
C ALA C 304 -23.17 -27.57 13.24
N ARG C 305 -23.50 -27.63 11.96
CA ARG C 305 -22.71 -28.38 11.01
C ARG C 305 -22.29 -27.49 9.84
N TRP C 306 -22.53 -26.20 9.99
CA TRP C 306 -22.33 -25.23 8.92
C TRP C 306 -20.88 -25.18 8.44
N LEU C 307 -19.96 -24.98 9.38
CA LEU C 307 -18.54 -24.92 9.05
C LEU C 307 -18.11 -26.12 8.21
N SER C 308 -18.40 -27.34 8.68
CA SER C 308 -17.98 -28.54 7.96
C SER C 308 -18.80 -28.83 6.69
N ASN C 309 -20.08 -28.49 6.69
CA ASN C 309 -20.91 -28.66 5.48
C ASN C 309 -20.43 -27.78 4.32
N VAL C 310 -20.19 -26.50 4.59
CA VAL C 310 -19.75 -25.58 3.53
C VAL C 310 -18.37 -25.96 3.04
N ASP C 311 -17.47 -26.22 3.98
CA ASP C 311 -16.14 -26.69 3.65
C ASP C 311 -16.25 -27.92 2.78
N GLY C 312 -17.18 -28.80 3.14
CA GLY C 312 -17.41 -30.04 2.41
C GLY C 312 -17.77 -29.88 0.94
N THR C 313 -18.33 -28.74 0.56
CA THR C 313 -18.68 -28.51 -0.85
C THR C 313 -17.48 -28.09 -1.66
N HIS C 314 -16.46 -27.54 -0.98
CA HIS C 314 -15.26 -27.00 -1.61
C HIS C 314 -15.57 -25.82 -2.53
N TRP C 315 -16.73 -25.22 -2.38
CA TRP C 315 -17.11 -24.13 -3.30
C TRP C 315 -16.10 -22.98 -3.24
N LEU C 316 -15.76 -22.55 -2.03
CA LEU C 316 -14.81 -21.45 -1.88
C LEU C 316 -13.43 -21.80 -2.40
N GLU C 317 -13.05 -23.07 -2.27
CA GLU C 317 -11.75 -23.51 -2.74
C GLU C 317 -11.67 -23.42 -4.26
N TYR C 318 -12.78 -23.70 -4.93
CA TYR C 318 -12.77 -23.58 -6.38
C TYR C 318 -12.77 -22.10 -6.78
N ILE C 319 -13.46 -21.27 -6.01
CA ILE C 319 -13.39 -19.83 -6.23
C ILE C 319 -11.93 -19.37 -6.07
N ARG C 320 -11.29 -19.83 -5.00
CA ARG C 320 -9.92 -19.44 -4.72
C ARG C 320 -8.98 -19.86 -5.86
N MET C 321 -9.16 -21.09 -6.33
CA MET C 321 -8.34 -21.60 -7.40
C MET C 321 -8.42 -20.71 -8.63
N LEU C 322 -9.64 -20.34 -9.00
CA LEU C 322 -9.89 -19.52 -10.18
C LEU C 322 -9.21 -18.14 -10.11
N LEU C 323 -9.42 -17.46 -8.98
CA LEU C 323 -8.83 -16.14 -8.74
C LEU C 323 -7.30 -16.20 -8.70
N ALA C 324 -6.75 -17.26 -8.12
CA ALA C 324 -5.29 -17.41 -8.09
C ALA C 324 -4.75 -17.59 -9.50
N GLY C 325 -5.49 -18.33 -10.31
CA GLY C 325 -5.14 -18.50 -11.71
C GLY C 325 -5.12 -17.19 -12.47
N ALA C 326 -6.18 -16.41 -12.35
CA ALA C 326 -6.27 -15.14 -13.06
C ALA C 326 -5.19 -14.13 -12.60
N VAL C 327 -4.90 -14.14 -11.30
CA VAL C 327 -3.82 -13.32 -10.74
C VAL C 327 -2.46 -13.61 -11.39
N ARG C 328 -2.15 -14.88 -11.61
CA ARG C 328 -0.91 -15.25 -12.28
C ARG C 328 -0.86 -14.79 -13.72
N ILE C 329 -2.01 -14.80 -14.39
CA ILE C 329 -2.05 -14.29 -15.75
C ILE C 329 -1.82 -12.79 -15.74
N ALA C 330 -2.52 -12.12 -14.83
CA ALA C 330 -2.42 -10.67 -14.70
C ALA C 330 -0.98 -10.20 -14.41
N ASP C 331 -0.37 -10.82 -13.41
CA ASP C 331 1.01 -10.52 -13.02
C ASP C 331 2.00 -10.68 -14.18
N LYS C 332 1.85 -11.75 -14.93
CA LYS C 332 2.79 -12.05 -16.01
C LYS C 332 2.75 -10.97 -17.08
N ILE C 333 1.54 -10.48 -17.35
CA ILE C 333 1.32 -9.37 -18.26
C ILE C 333 1.84 -8.05 -17.67
N GLU C 334 1.43 -7.75 -16.45
CA GLU C 334 1.68 -6.42 -15.88
C GLU C 334 3.11 -6.28 -15.39
N SER C 335 3.51 -7.15 -14.47
CA SER C 335 4.88 -7.12 -13.97
C SER C 335 5.88 -7.72 -14.97
N GLY C 336 5.61 -8.92 -15.48
CA GLY C 336 6.55 -9.59 -16.34
C GLY C 336 6.65 -9.04 -17.76
N LYS C 337 5.68 -8.21 -18.16
CA LYS C 337 5.65 -7.63 -19.49
C LYS C 337 5.76 -8.72 -20.58
N THR C 338 5.24 -9.90 -20.27
CA THR C 338 5.32 -11.02 -21.18
C THR C 338 3.93 -11.36 -21.74
N SER C 339 3.87 -11.64 -23.04
CA SER C 339 2.61 -12.07 -23.65
C SER C 339 2.24 -13.46 -23.16
N VAL C 340 0.94 -13.75 -23.23
CA VAL C 340 0.39 -14.95 -22.62
C VAL C 340 -0.72 -15.54 -23.46
N VAL C 341 -0.65 -16.86 -23.67
CA VAL C 341 -1.72 -17.61 -24.29
C VAL C 341 -2.46 -18.41 -23.23
N VAL C 342 -3.77 -18.19 -23.14
CA VAL C 342 -4.61 -18.96 -22.24
C VAL C 342 -5.47 -19.94 -23.04
N HIS C 343 -5.41 -21.23 -22.70
CA HIS C 343 -6.33 -22.20 -23.26
C HIS C 343 -6.69 -23.27 -22.23
N SER C 344 -7.76 -23.99 -22.53
CA SER C 344 -8.17 -25.14 -21.75
C SER C 344 -8.34 -26.27 -22.77
N SER C 345 -9.36 -27.10 -22.63
CA SER C 345 -9.60 -28.14 -23.65
C SER C 345 -10.33 -27.56 -24.87
N ASP C 346 -11.54 -27.05 -24.66
CA ASP C 346 -12.27 -26.41 -25.76
C ASP C 346 -12.07 -24.89 -25.76
N GLY C 347 -11.41 -24.38 -24.73
CA GLY C 347 -11.25 -22.95 -24.58
C GLY C 347 -12.54 -22.13 -24.55
N TRP C 348 -13.61 -22.65 -23.94
CA TRP C 348 -14.79 -21.79 -23.84
C TRP C 348 -15.45 -21.77 -22.46
N ASP C 349 -14.87 -22.47 -21.49
CA ASP C 349 -15.39 -22.39 -20.11
C ASP C 349 -14.37 -21.77 -19.18
N ARG C 350 -13.36 -22.55 -18.79
CA ARG C 350 -12.30 -22.07 -17.90
C ARG C 350 -11.47 -20.99 -18.57
N THR C 351 -11.28 -21.10 -19.89
CA THR C 351 -10.57 -20.05 -20.62
C THR C 351 -11.31 -18.70 -20.49
N ALA C 352 -12.63 -18.71 -20.65
CA ALA C 352 -13.40 -17.48 -20.54
C ALA C 352 -13.33 -16.88 -19.13
N GLN C 353 -13.37 -17.73 -18.11
CA GLN C 353 -13.27 -17.26 -16.72
C GLN C 353 -11.94 -16.59 -16.45
N LEU C 354 -10.88 -17.17 -16.98
CA LEU C 354 -9.53 -16.73 -16.67
C LEU C 354 -9.19 -15.45 -17.39
N THR C 355 -9.50 -15.37 -18.69
CA THR C 355 -9.17 -14.18 -19.45
C THR C 355 -9.94 -12.99 -18.92
N SER C 356 -11.23 -13.19 -18.69
CA SER C 356 -12.06 -12.08 -18.29
C SER C 356 -11.71 -11.63 -16.87
N LEU C 357 -11.38 -12.56 -15.98
CA LEU C 357 -10.98 -12.14 -14.64
C LEU C 357 -9.64 -11.41 -14.67
N ALA C 358 -8.70 -11.86 -15.51
CA ALA C 358 -7.43 -11.17 -15.58
C ALA C 358 -7.62 -9.77 -16.20
N MET C 359 -8.55 -9.64 -17.12
CA MET C 359 -8.85 -8.33 -17.71
C MET C 359 -9.48 -7.35 -16.70
N LEU C 360 -10.36 -7.85 -15.83
CA LEU C 360 -10.90 -7.02 -14.75
C LEU C 360 -9.77 -6.44 -13.90
N MET C 361 -8.76 -7.26 -13.63
CA MET C 361 -7.63 -6.85 -12.79
C MET C 361 -6.74 -5.84 -13.50
N LEU C 362 -6.58 -6.03 -14.80
CA LEU C 362 -5.61 -5.25 -15.59
C LEU C 362 -6.15 -3.93 -16.11
N ASP C 363 -7.43 -3.89 -16.50
CA ASP C 363 -7.96 -2.76 -17.26
C ASP C 363 -9.21 -2.20 -16.60
N SER C 364 -9.05 -1.05 -15.93
CA SER C 364 -10.10 -0.47 -15.10
C SER C 364 -11.40 -0.11 -15.86
N TYR C 365 -11.34 -0.05 -17.19
CA TYR C 365 -12.55 0.21 -17.97
C TYR C 365 -13.60 -0.89 -17.70
N TYR C 366 -13.15 -2.15 -17.68
CA TYR C 366 -14.03 -3.27 -17.46
C TYR C 366 -14.70 -3.23 -16.08
N ARG C 367 -14.19 -2.36 -15.21
CA ARG C 367 -14.81 -2.20 -13.90
C ARG C 367 -15.91 -1.14 -13.90
N THR C 368 -16.13 -0.49 -15.04
CA THR C 368 -17.28 0.39 -15.20
C THR C 368 -18.47 -0.47 -15.56
N ILE C 369 -19.68 0.06 -15.37
CA ILE C 369 -20.89 -0.69 -15.70
C ILE C 369 -20.93 -1.09 -17.18
N LYS C 370 -20.65 -0.14 -18.08
CA LYS C 370 -20.61 -0.42 -19.50
C LYS C 370 -19.38 -1.20 -19.91
N GLY C 371 -18.29 -0.98 -19.20
CA GLY C 371 -17.09 -1.74 -19.48
C GLY C 371 -17.29 -3.22 -19.21
N PHE C 372 -17.94 -3.53 -18.08
CA PHE C 372 -18.23 -4.90 -17.66
C PHE C 372 -19.18 -5.58 -18.63
N GLU C 373 -20.25 -4.87 -18.99
CA GLU C 373 -21.19 -5.40 -19.95
C GLU C 373 -20.42 -5.74 -21.21
N THR C 374 -19.46 -4.88 -21.54
CA THR C 374 -18.61 -5.12 -22.71
C THR C 374 -17.75 -6.36 -22.50
N LEU C 375 -17.19 -6.51 -21.29
CA LEU C 375 -16.35 -7.67 -20.98
C LEU C 375 -17.12 -8.97 -21.17
N VAL C 376 -18.34 -9.01 -20.64
CA VAL C 376 -19.21 -10.15 -20.77
C VAL C 376 -19.66 -10.38 -22.23
N GLU C 377 -20.06 -9.33 -22.92
CA GLU C 377 -20.48 -9.49 -24.32
C GLU C 377 -19.33 -10.02 -25.17
N LYS C 378 -18.10 -9.61 -24.86
CA LYS C 378 -16.94 -10.04 -25.64
C LYS C 378 -16.41 -11.42 -25.24
N GLU C 379 -15.90 -11.55 -24.01
CA GLU C 379 -15.16 -12.75 -23.61
C GLU C 379 -16.04 -13.97 -23.37
N TRP C 380 -17.30 -13.73 -23.05
CA TRP C 380 -18.20 -14.81 -22.73
C TRP C 380 -19.12 -15.12 -23.89
N ILE C 381 -19.96 -14.15 -24.22
CA ILE C 381 -20.97 -14.34 -25.24
C ILE C 381 -20.38 -14.42 -26.66
N SER C 382 -19.60 -13.44 -27.08
CA SER C 382 -19.14 -13.46 -28.47
C SER C 382 -18.16 -14.62 -28.75
N PHE C 383 -17.41 -15.05 -27.74
CA PHE C 383 -16.45 -16.13 -27.96
C PHE C 383 -16.98 -17.50 -27.64
N GLY C 384 -18.29 -17.60 -27.43
CA GLY C 384 -18.94 -18.89 -27.52
C GLY C 384 -18.96 -19.77 -26.28
N HIS C 385 -19.01 -19.17 -25.10
CA HIS C 385 -19.44 -19.95 -23.94
C HIS C 385 -20.85 -20.43 -24.29
N ARG C 386 -21.11 -21.72 -24.10
CA ARG C 386 -22.34 -22.29 -24.57
C ARG C 386 -23.43 -22.09 -23.53
N PHE C 387 -23.93 -20.85 -23.44
CA PHE C 387 -24.87 -20.46 -22.40
C PHE C 387 -26.14 -21.31 -22.36
N ALA C 388 -26.74 -21.59 -23.52
CA ALA C 388 -28.00 -22.34 -23.55
C ALA C 388 -27.78 -23.77 -23.06
N LEU C 389 -26.72 -24.41 -23.55
CA LEU C 389 -26.34 -25.74 -23.08
C LEU C 389 -25.97 -25.80 -21.59
N ARG C 390 -25.16 -24.85 -21.11
CA ARG C 390 -24.67 -24.89 -19.73
C ARG C 390 -25.76 -24.55 -18.71
N VAL C 391 -26.77 -23.80 -19.14
CA VAL C 391 -27.84 -23.34 -18.25
C VAL C 391 -29.15 -24.11 -18.50
N GLY C 392 -29.36 -24.54 -19.74
CA GLY C 392 -30.46 -25.43 -20.08
C GLY C 392 -31.75 -24.74 -20.51
N HIS C 393 -31.64 -23.61 -21.18
CA HIS C 393 -32.78 -22.78 -21.55
C HIS C 393 -34.00 -23.52 -22.12
N GLY C 394 -35.13 -23.36 -21.45
CA GLY C 394 -36.41 -23.89 -21.91
C GLY C 394 -36.41 -25.38 -22.18
N ASN C 395 -35.43 -26.10 -21.62
CA ASN C 395 -35.29 -27.53 -21.90
C ASN C 395 -35.49 -28.35 -20.63
N ASP C 396 -36.17 -29.49 -20.76
CA ASP C 396 -36.59 -30.25 -19.57
C ASP C 396 -35.55 -31.27 -19.08
N ASN C 397 -34.48 -31.46 -19.84
CA ASN C 397 -33.43 -32.42 -19.50
C ASN C 397 -32.59 -31.96 -18.30
N HIS C 398 -33.21 -31.99 -17.12
CA HIS C 398 -32.57 -31.48 -15.91
C HIS C 398 -31.24 -32.16 -15.57
N ALA C 399 -31.10 -33.42 -15.95
CA ALA C 399 -29.93 -34.20 -15.53
C ALA C 399 -28.74 -34.05 -16.47
N ASP C 400 -28.91 -33.31 -17.57
CA ASP C 400 -27.84 -33.12 -18.56
C ASP C 400 -26.50 -32.75 -17.90
N ALA C 401 -25.48 -33.55 -18.20
CA ALA C 401 -24.17 -33.35 -17.58
C ALA C 401 -23.37 -32.30 -18.32
N ASP C 402 -24.04 -31.55 -19.20
CA ASP C 402 -23.38 -30.47 -19.88
C ASP C 402 -23.76 -29.16 -19.23
N ARG C 403 -24.64 -29.23 -18.23
CA ARG C 403 -24.99 -28.08 -17.43
C ARG C 403 -23.98 -27.90 -16.29
N SER C 404 -23.62 -26.65 -16.03
CA SER C 404 -22.60 -26.31 -15.05
C SER C 404 -22.64 -24.81 -14.76
N PRO C 405 -22.50 -24.41 -13.49
CA PRO C 405 -22.58 -23.01 -13.08
C PRO C 405 -21.27 -22.23 -13.30
N ILE C 406 -20.71 -22.37 -14.50
CA ILE C 406 -19.42 -21.76 -14.83
C ILE C 406 -19.46 -20.23 -14.83
N PHE C 407 -20.52 -19.64 -15.37
CA PHE C 407 -20.66 -18.19 -15.40
C PHE C 407 -21.01 -17.67 -14.02
N LEU C 408 -21.88 -18.39 -13.32
CA LEU C 408 -22.21 -18.05 -11.96
C LEU C 408 -20.92 -17.95 -11.15
N GLN C 409 -20.04 -18.92 -11.34
CA GLN C 409 -18.77 -19.01 -10.62
C GLN C 409 -17.90 -17.76 -10.86
N PHE C 410 -17.84 -17.34 -12.13
CA PHE C 410 -17.19 -16.10 -12.53
C PHE C 410 -17.79 -14.89 -11.82
N VAL C 411 -19.12 -14.80 -11.85
CA VAL C 411 -19.80 -13.68 -11.21
C VAL C 411 -19.53 -13.68 -9.69
N ASP C 412 -19.47 -14.86 -9.10
CA ASP C 412 -19.02 -14.99 -7.72
C ASP C 412 -17.59 -14.41 -7.57
N CYS C 413 -16.68 -14.79 -8.45
CA CYS C 413 -15.31 -14.27 -8.38
C CYS C 413 -15.26 -12.74 -8.50
N VAL C 414 -16.11 -12.19 -9.35
CA VAL C 414 -16.21 -10.74 -9.49
C VAL C 414 -16.76 -10.13 -8.22
N TRP C 415 -17.78 -10.76 -7.66
CA TRP C 415 -18.32 -10.24 -6.41
C TRP C 415 -17.24 -10.24 -5.32
N GLN C 416 -16.46 -11.32 -5.22
CA GLN C 416 -15.34 -11.37 -4.28
C GLN C 416 -14.43 -10.17 -4.45
N MET C 417 -14.14 -9.80 -5.71
CA MET C 417 -13.30 -8.65 -5.92
C MET C 417 -13.99 -7.34 -5.50
N THR C 418 -15.28 -7.18 -5.76
CA THR C 418 -15.95 -5.96 -5.32
C THR C 418 -15.91 -5.87 -3.80
N ARG C 419 -15.82 -7.02 -3.12
CA ARG C 419 -15.81 -7.00 -1.66
C ARG C 419 -14.42 -6.65 -1.15
N GLN C 420 -13.38 -7.16 -1.79
CA GLN C 420 -12.03 -6.78 -1.41
C GLN C 420 -11.69 -5.33 -1.81
N PHE C 421 -12.33 -4.80 -2.85
CA PHE C 421 -12.07 -3.45 -3.33
C PHE C 421 -13.36 -2.65 -3.50
N PRO C 422 -13.92 -2.19 -2.39
CA PRO C 422 -15.28 -1.63 -2.32
C PRO C 422 -15.44 -0.29 -3.05
N SER C 423 -14.40 0.22 -3.69
CA SER C 423 -14.51 1.48 -4.42
C SER C 423 -13.97 1.37 -5.83
N ALA C 424 -13.58 0.17 -6.25
CA ALA C 424 -12.92 0.01 -7.54
C ALA C 424 -13.91 -0.28 -8.67
N PHE C 425 -15.16 -0.61 -8.32
CA PHE C 425 -16.17 -0.99 -9.31
C PHE C 425 -17.36 -0.06 -9.31
N GLU C 426 -17.79 0.32 -10.51
CA GLU C 426 -18.91 1.23 -10.71
C GLU C 426 -20.24 0.56 -10.35
N PHE C 427 -20.35 -0.74 -10.59
CA PHE C 427 -21.59 -1.45 -10.28
C PHE C 427 -21.65 -1.92 -8.82
N ASN C 428 -22.85 -2.20 -8.34
CA ASN C 428 -23.00 -2.79 -7.03
C ASN C 428 -23.35 -4.27 -7.14
N GLU C 429 -23.70 -4.85 -6.00
CA GLU C 429 -24.04 -6.26 -5.89
C GLU C 429 -25.36 -6.58 -6.58
N LEU C 430 -26.33 -5.67 -6.50
CA LEU C 430 -27.61 -5.86 -7.17
C LEU C 430 -27.42 -6.11 -8.69
N PHE C 431 -26.52 -5.35 -9.30
CA PHE C 431 -26.13 -5.52 -10.71
C PHE C 431 -25.78 -6.99 -10.98
N LEU C 432 -24.89 -7.53 -10.16
CA LEU C 432 -24.41 -8.88 -10.37
C LEU C 432 -25.50 -9.93 -10.13
N ILE C 433 -26.31 -9.72 -9.11
CA ILE C 433 -27.40 -10.63 -8.80
C ILE C 433 -28.48 -10.55 -9.89
N THR C 434 -28.70 -9.35 -10.39
CA THR C 434 -29.65 -9.11 -11.47
C THR C 434 -29.18 -9.82 -12.74
N ILE C 435 -27.86 -9.83 -12.95
CA ILE C 435 -27.31 -10.57 -14.07
C ILE C 435 -27.65 -12.06 -13.89
N LEU C 436 -27.36 -12.62 -12.71
CA LEU C 436 -27.64 -14.02 -12.48
C LEU C 436 -29.16 -14.34 -12.54
N ASP C 437 -29.99 -13.37 -12.21
CA ASP C 437 -31.43 -13.65 -12.22
C ASP C 437 -31.95 -13.75 -13.65
N HIS C 438 -31.37 -12.97 -14.53
CA HIS C 438 -31.80 -12.93 -15.90
C HIS C 438 -31.00 -13.90 -16.79
N LEU C 439 -29.89 -14.38 -16.26
CA LEU C 439 -29.22 -15.56 -16.81
C LEU C 439 -30.19 -16.73 -16.93
N TYR C 440 -31.09 -16.84 -15.97
CA TYR C 440 -32.07 -17.93 -15.95
C TYR C 440 -33.42 -17.52 -16.55
N SER C 441 -33.82 -16.27 -16.35
CA SER C 441 -35.19 -15.84 -16.64
C SER C 441 -35.57 -15.99 -18.10
N CYS C 442 -34.59 -15.81 -18.99
CA CYS C 442 -34.83 -15.76 -20.44
C CYS C 442 -35.82 -14.66 -20.83
N LEU C 443 -35.80 -13.57 -20.07
CA LEU C 443 -36.55 -12.37 -20.42
C LEU C 443 -35.88 -11.66 -21.61
N PHE C 444 -34.56 -11.75 -21.67
CA PHE C 444 -33.76 -11.00 -22.62
C PHE C 444 -33.03 -11.94 -23.56
N GLY C 445 -32.48 -11.39 -24.63
CA GLY C 445 -31.80 -12.22 -25.61
C GLY C 445 -30.33 -12.41 -25.29
N THR C 446 -29.87 -11.69 -24.28
CA THR C 446 -28.46 -11.55 -23.97
C THR C 446 -27.71 -12.87 -23.76
N PHE C 447 -28.26 -13.80 -22.99
CA PHE C 447 -27.56 -15.06 -22.76
C PHE C 447 -28.18 -16.22 -23.53
N LEU C 448 -28.77 -15.94 -24.68
CA LEU C 448 -29.36 -17.01 -25.48
C LEU C 448 -28.34 -17.65 -26.43
N CYS C 449 -28.58 -18.92 -26.73
CA CYS C 449 -27.85 -19.69 -27.73
C CYS C 449 -26.45 -20.08 -27.27
N ASN C 450 -25.70 -20.71 -28.16
CA ASN C 450 -24.43 -21.29 -27.78
C ASN C 450 -23.24 -20.62 -28.43
N CYS C 451 -23.53 -19.75 -29.41
CA CYS C 451 -22.49 -19.05 -30.13
C CYS C 451 -23.10 -17.91 -30.93
N GLU C 452 -22.22 -17.08 -31.50
CA GLU C 452 -22.64 -15.87 -32.19
C GLU C 452 -23.36 -16.20 -33.48
N GLN C 453 -22.85 -17.19 -34.20
CA GLN C 453 -23.50 -17.61 -35.44
C GLN C 453 -24.96 -17.96 -35.19
N GLN C 454 -25.21 -18.67 -34.09
CA GLN C 454 -26.54 -19.19 -33.80
C GLN C 454 -27.50 -18.08 -33.36
N ARG C 455 -26.96 -16.98 -32.88
CA ARG C 455 -27.81 -15.85 -32.52
C ARG C 455 -28.28 -15.13 -33.79
N PHE C 456 -27.41 -14.99 -34.78
CA PHE C 456 -27.82 -14.45 -36.09
C PHE C 456 -28.76 -15.39 -36.83
N LYS C 457 -28.58 -16.68 -36.65
CA LYS C 457 -29.44 -17.68 -37.28
C LYS C 457 -30.85 -17.62 -36.71
N GLU C 458 -30.96 -17.28 -35.43
CA GLU C 458 -32.24 -17.33 -34.73
C GLU C 458 -32.89 -15.96 -34.55
N ASP C 459 -32.31 -14.93 -35.17
CA ASP C 459 -32.86 -13.58 -35.16
C ASP C 459 -32.96 -13.00 -33.74
N VAL C 460 -32.02 -13.37 -32.90
CA VAL C 460 -31.99 -12.89 -31.53
C VAL C 460 -31.87 -11.35 -31.47
N TYR C 461 -31.08 -10.80 -32.38
CA TYR C 461 -30.79 -9.37 -32.35
C TYR C 461 -31.93 -8.48 -32.89
N THR C 462 -32.82 -9.05 -33.69
CA THR C 462 -33.98 -8.28 -34.18
C THR C 462 -35.25 -8.62 -33.38
N LYS C 463 -35.28 -9.80 -32.75
CA LYS C 463 -36.52 -10.26 -32.13
C LYS C 463 -36.50 -10.30 -30.59
N THR C 464 -35.39 -9.96 -29.94
CA THR C 464 -35.34 -9.91 -28.48
C THR C 464 -34.71 -8.63 -27.93
N ILE C 465 -34.87 -8.41 -26.63
CA ILE C 465 -34.33 -7.24 -26.00
C ILE C 465 -33.06 -7.60 -25.26
N SER C 466 -32.16 -6.63 -25.16
CA SER C 466 -30.90 -6.76 -24.44
C SER C 466 -31.07 -6.50 -22.97
N LEU C 467 -30.43 -7.31 -22.16
CA LEU C 467 -30.43 -7.09 -20.72
C LEU C 467 -29.92 -5.68 -20.39
N TRP C 468 -28.96 -5.19 -21.15
CA TRP C 468 -28.40 -3.88 -20.81
C TRP C 468 -29.36 -2.72 -21.11
N SER C 469 -30.34 -2.94 -21.98
CA SER C 469 -31.35 -1.91 -22.22
C SER C 469 -32.06 -1.58 -20.91
N TYR C 470 -32.37 -2.63 -20.14
CA TYR C 470 -33.01 -2.47 -18.85
C TYR C 470 -32.05 -1.87 -17.81
N ILE C 471 -30.87 -2.44 -17.66
CA ILE C 471 -29.95 -1.96 -16.63
C ILE C 471 -29.48 -0.53 -16.90
N ASN C 472 -29.14 -0.23 -18.15
CA ASN C 472 -28.56 1.08 -18.43
C ASN C 472 -29.61 2.19 -18.46
N SER C 473 -30.87 1.81 -18.55
CA SER C 473 -31.97 2.79 -18.47
C SER C 473 -32.26 3.17 -17.02
N GLN C 474 -31.63 2.46 -16.09
CA GLN C 474 -31.85 2.69 -14.67
C GLN C 474 -30.56 2.56 -13.84
N LEU C 475 -29.49 3.16 -14.33
CA LEU C 475 -28.15 3.05 -13.73
C LEU C 475 -28.10 3.26 -12.22
N ASP C 476 -28.79 4.29 -11.72
CA ASP C 476 -28.70 4.66 -10.32
C ASP C 476 -28.96 3.47 -9.38
N GLU C 477 -29.89 2.60 -9.77
CA GLU C 477 -30.27 1.42 -9.00
C GLU C 477 -29.12 0.40 -8.88
N PHE C 478 -28.19 0.43 -9.82
CA PHE C 478 -27.16 -0.58 -9.96
C PHE C 478 -25.76 0.00 -9.76
N SER C 479 -25.69 1.24 -9.30
CA SER C 479 -24.41 1.93 -9.18
C SER C 479 -23.86 1.86 -7.76
N ASN C 480 -22.54 1.73 -7.66
CA ASN C 480 -21.81 1.79 -6.40
C ASN C 480 -21.54 3.26 -6.04
N PRO C 481 -22.15 3.75 -4.94
CA PRO C 481 -21.96 5.13 -4.46
C PRO C 481 -20.51 5.50 -4.18
N PHE C 482 -19.71 4.50 -3.81
CA PHE C 482 -18.34 4.75 -3.40
C PHE C 482 -17.33 4.56 -4.54
N PHE C 483 -17.82 4.40 -5.75
CA PHE C 483 -16.92 4.16 -6.88
C PHE C 483 -15.99 5.34 -7.11
N VAL C 484 -14.73 5.06 -7.44
CA VAL C 484 -13.77 6.13 -7.73
C VAL C 484 -13.28 6.05 -9.19
N ASN C 485 -13.83 6.94 -10.01
CA ASN C 485 -13.58 6.95 -11.45
C ASN C 485 -12.14 7.27 -11.87
N TYR C 486 -11.41 8.02 -11.05
CA TYR C 486 -10.15 8.62 -11.48
C TYR C 486 -8.88 7.90 -11.02
N GLU C 487 -9.01 6.70 -10.48
CA GLU C 487 -7.82 5.93 -10.14
C GLU C 487 -7.82 4.57 -10.85
N ASN C 488 -6.92 4.44 -11.83
CA ASN C 488 -6.86 3.28 -12.70
C ASN C 488 -5.60 2.45 -12.49
N HIS C 489 -5.56 1.71 -11.39
CA HIS C 489 -4.45 0.84 -11.07
C HIS C 489 -4.78 -0.63 -11.38
N VAL C 490 -3.78 -1.48 -11.35
CA VAL C 490 -4.01 -2.91 -11.47
C VAL C 490 -4.40 -3.44 -10.11
N LEU C 491 -5.44 -4.26 -10.08
CA LEU C 491 -5.93 -4.86 -8.84
C LEU C 491 -5.52 -6.31 -8.75
N TYR C 492 -4.81 -6.65 -7.68
CA TYR C 492 -4.53 -8.04 -7.41
C TYR C 492 -5.30 -8.45 -6.16
N PRO C 493 -6.43 -9.15 -6.34
CA PRO C 493 -7.15 -9.64 -5.17
C PRO C 493 -6.36 -10.73 -4.46
N VAL C 494 -6.60 -10.89 -3.17
CA VAL C 494 -5.95 -11.93 -2.41
C VAL C 494 -6.67 -13.26 -2.58
N ALA C 495 -6.03 -14.21 -3.25
CA ALA C 495 -6.64 -15.51 -3.45
C ALA C 495 -6.30 -16.45 -2.31
N SER C 496 -6.93 -16.25 -1.16
CA SER C 496 -6.75 -17.15 -0.05
C SER C 496 -8.08 -17.24 0.70
N LEU C 497 -8.37 -18.40 1.28
CA LEU C 497 -9.66 -18.64 1.91
C LEU C 497 -9.96 -17.62 2.98
N SER C 498 -8.92 -17.16 3.66
CA SER C 498 -9.09 -16.19 4.73
C SER C 498 -9.60 -14.84 4.23
N HIS C 499 -9.43 -14.57 2.93
CA HIS C 499 -9.86 -13.30 2.35
C HIS C 499 -11.07 -13.41 1.44
N LEU C 500 -11.76 -14.55 1.48
CA LEU C 500 -12.94 -14.77 0.68
C LEU C 500 -14.11 -15.11 1.55
N GLU C 501 -15.32 -14.93 1.05
CA GLU C 501 -16.51 -15.20 1.83
C GLU C 501 -17.55 -15.89 0.98
N LEU C 502 -18.42 -16.64 1.63
CA LEU C 502 -19.59 -17.17 0.96
C LEU C 502 -20.48 -15.99 0.56
N TRP C 503 -20.93 -15.98 -0.70
CA TRP C 503 -21.80 -14.95 -1.23
C TRP C 503 -23.23 -15.16 -0.73
N VAL C 504 -23.42 -14.89 0.55
CA VAL C 504 -24.64 -15.21 1.27
C VAL C 504 -25.90 -14.52 0.72
N ASN C 505 -25.76 -13.26 0.35
CA ASN C 505 -26.88 -12.54 -0.24
C ASN C 505 -27.39 -13.17 -1.53
N TYR C 506 -26.57 -13.96 -2.22
CA TYR C 506 -27.09 -14.71 -3.36
C TYR C 506 -27.48 -16.16 -3.02
N TYR C 507 -26.53 -16.93 -2.49
CA TYR C 507 -26.81 -18.35 -2.22
C TYR C 507 -27.80 -18.56 -1.07
N VAL C 508 -27.92 -17.58 -0.19
CA VAL C 508 -28.83 -17.68 0.96
C VAL C 508 -29.83 -16.53 0.93
N ARG C 509 -30.34 -16.24 -0.25
CA ARG C 509 -31.24 -15.12 -0.46
C ARG C 509 -32.66 -15.40 0.05
N TRP C 510 -33.13 -16.63 -0.16
CA TRP C 510 -34.46 -17.03 0.28
C TRP C 510 -34.43 -17.57 1.70
N ASN C 511 -34.94 -16.77 2.64
CA ASN C 511 -34.82 -17.04 4.07
C ASN C 511 -33.35 -17.00 4.53
N ALA D 4 -43.00 36.12 -6.80
CA ALA D 4 -41.53 36.21 -6.78
C ALA D 4 -41.00 37.29 -7.73
N PRO D 5 -39.98 38.04 -7.29
CA PRO D 5 -39.34 39.05 -8.13
C PRO D 5 -38.66 38.41 -9.34
N LEU D 6 -38.73 39.06 -10.49
CA LEU D 6 -38.22 38.45 -11.71
C LEU D 6 -37.24 39.38 -12.41
N PHE D 7 -36.21 38.81 -13.01
CA PHE D 7 -35.29 39.53 -13.90
C PHE D 7 -35.96 39.80 -15.25
N PRO D 8 -35.50 40.85 -15.96
CA PRO D 8 -35.88 40.94 -17.39
C PRO D 8 -35.45 39.67 -18.12
N GLY D 9 -36.40 39.02 -18.79
CA GLY D 9 -36.16 37.74 -19.44
C GLY D 9 -36.48 36.50 -18.62
N GLU D 10 -36.66 36.67 -17.32
CA GLU D 10 -36.96 35.54 -16.44
C GLU D 10 -38.46 35.20 -16.47
N SER D 11 -38.79 33.93 -16.52
CA SER D 11 -40.21 33.57 -16.43
C SER D 11 -40.48 32.37 -15.51
N ILE D 12 -41.63 32.43 -14.85
CA ILE D 12 -42.04 31.45 -13.84
C ILE D 12 -42.44 30.09 -14.45
N LYS D 13 -42.07 29.02 -13.77
CA LYS D 13 -42.31 27.66 -14.27
C LYS D 13 -43.20 26.86 -13.32
N ALA D 14 -43.22 27.25 -12.05
CA ALA D 14 -43.99 26.56 -11.03
C ALA D 14 -44.12 27.39 -9.77
N ILE D 15 -45.31 27.38 -9.20
CA ILE D 15 -45.57 27.99 -7.92
C ILE D 15 -46.32 26.97 -7.08
N VAL D 16 -45.77 26.65 -5.91
CA VAL D 16 -46.39 25.67 -5.03
C VAL D 16 -46.52 26.20 -3.61
N LYS D 17 -47.70 26.00 -3.03
CA LYS D 17 -48.01 26.52 -1.70
C LYS D 17 -47.69 25.49 -0.63
N ASP D 18 -47.57 25.95 0.61
CA ASP D 18 -47.43 25.06 1.77
C ASP D 18 -46.30 24.06 1.60
N VAL D 19 -45.15 24.55 1.14
CA VAL D 19 -43.95 23.73 1.04
C VAL D 19 -43.11 24.04 2.26
N MET D 20 -42.42 23.02 2.78
CA MET D 20 -41.59 23.21 3.96
C MET D 20 -40.10 23.17 3.63
N TYR D 21 -39.39 24.24 3.97
CA TYR D 21 -37.94 24.26 3.91
C TYR D 21 -37.37 23.88 5.28
N ILE D 22 -36.72 22.72 5.34
CA ILE D 22 -36.13 22.24 6.58
C ILE D 22 -34.87 23.02 6.92
N CYS D 23 -35.03 24.09 7.70
CA CYS D 23 -33.90 24.86 8.19
C CYS D 23 -33.05 23.94 9.08
N PRO D 24 -31.71 23.98 8.92
CA PRO D 24 -30.80 23.05 9.57
C PRO D 24 -30.91 23.01 11.10
N PHE D 25 -31.16 24.16 11.72
CA PHE D 25 -31.27 24.23 13.18
C PHE D 25 -32.44 25.10 13.62
N MET D 26 -32.97 25.89 12.69
CA MET D 26 -34.10 26.77 12.98
C MET D 26 -35.44 26.03 12.83
N GLY D 27 -35.38 24.74 12.51
CA GLY D 27 -36.57 23.94 12.32
C GLY D 27 -37.34 24.24 11.05
N ALA D 28 -38.07 23.25 10.54
CA ALA D 28 -38.84 23.38 9.30
C ALA D 28 -39.67 24.67 9.24
N VAL D 29 -39.69 25.29 8.06
CA VAL D 29 -40.46 26.51 7.82
C VAL D 29 -41.34 26.31 6.59
N SER D 30 -42.58 26.79 6.65
CA SER D 30 -43.49 26.67 5.52
C SER D 30 -43.56 27.95 4.69
N GLY D 31 -43.83 27.80 3.40
CA GLY D 31 -43.93 28.94 2.52
C GLY D 31 -44.25 28.55 1.10
N THR D 32 -44.18 29.53 0.19
CA THR D 32 -44.50 29.30 -1.22
C THR D 32 -43.24 29.14 -2.07
N LEU D 33 -43.16 28.02 -2.79
CA LEU D 33 -41.99 27.75 -3.62
C LEU D 33 -42.20 28.11 -5.09
N THR D 34 -41.55 29.18 -5.53
CA THR D 34 -41.55 29.55 -6.94
C THR D 34 -40.30 29.01 -7.65
N VAL D 35 -40.50 28.34 -8.78
CA VAL D 35 -39.39 27.88 -9.61
C VAL D 35 -39.40 28.60 -10.96
N THR D 36 -38.34 29.34 -11.27
CA THR D 36 -38.24 29.98 -12.59
C THR D 36 -37.24 29.27 -13.48
N ASP D 37 -36.89 29.85 -14.62
CA ASP D 37 -35.84 29.24 -15.42
C ASP D 37 -34.47 29.76 -14.97
N PHE D 38 -34.45 30.67 -14.02
CA PHE D 38 -33.21 31.13 -13.44
C PHE D 38 -32.95 30.60 -12.03
N LYS D 39 -33.99 30.63 -11.20
CA LYS D 39 -33.83 30.38 -9.76
C LYS D 39 -35.00 29.63 -9.13
N LEU D 40 -34.81 29.22 -7.88
CA LEU D 40 -35.95 28.84 -7.04
C LEU D 40 -36.06 29.89 -5.95
N TYR D 41 -37.30 30.15 -5.53
CA TYR D 41 -37.59 31.24 -4.63
C TYR D 41 -38.60 30.74 -3.61
N PHE D 42 -38.32 30.99 -2.33
CA PHE D 42 -39.14 30.48 -1.26
C PHE D 42 -39.40 31.61 -0.28
N LYS D 43 -40.67 31.85 0.03
CA LYS D 43 -41.03 33.01 0.85
C LYS D 43 -42.07 32.68 1.91
N ASN D 44 -42.02 33.42 3.01
CA ASN D 44 -42.95 33.26 4.13
C ASN D 44 -43.31 34.63 4.70
N VAL D 45 -44.58 34.79 5.10
CA VAL D 45 -45.05 36.07 5.64
C VAL D 45 -45.49 35.94 7.09
N HIS D 50 -40.03 38.73 7.59
CA HIS D 50 -40.23 37.76 6.51
C HIS D 50 -38.99 36.91 6.31
N PHE D 51 -39.15 35.78 5.63
CA PHE D 51 -38.05 34.84 5.38
C PHE D 51 -37.91 34.53 3.90
N ILE D 52 -36.70 34.74 3.38
CA ILE D 52 -36.43 34.56 1.96
C ILE D 52 -35.33 33.54 1.70
N LEU D 53 -35.56 32.68 0.72
CA LEU D 53 -34.55 31.75 0.25
C LEU D 53 -34.41 31.94 -1.26
N ASP D 54 -33.30 32.51 -1.69
CA ASP D 54 -33.11 32.91 -3.09
C ASP D 54 -31.88 32.21 -3.69
N VAL D 55 -32.13 31.17 -4.48
CA VAL D 55 -31.08 30.27 -4.90
C VAL D 55 -31.08 30.02 -6.41
N PRO D 56 -30.06 30.50 -7.12
CA PRO D 56 -29.98 30.25 -8.56
C PRO D 56 -29.85 28.76 -8.88
N LEU D 57 -30.56 28.30 -9.91
CA LEU D 57 -30.59 26.88 -10.25
C LEU D 57 -29.22 26.38 -10.71
N GLY D 58 -28.40 27.29 -11.22
CA GLY D 58 -27.04 26.96 -11.62
C GLY D 58 -26.17 26.54 -10.42
N VAL D 59 -26.57 26.97 -9.22
CA VAL D 59 -25.83 26.58 -8.02
C VAL D 59 -26.11 25.10 -7.66
N ILE D 60 -27.12 24.54 -8.30
CA ILE D 60 -27.57 23.17 -8.01
C ILE D 60 -26.75 22.10 -8.73
N SER D 61 -26.24 21.15 -7.95
CA SER D 61 -25.37 20.11 -8.47
C SER D 61 -26.15 18.81 -8.63
N ARG D 62 -27.09 18.58 -7.72
CA ARG D 62 -27.85 17.36 -7.72
C ARG D 62 -29.14 17.57 -6.96
N VAL D 63 -30.22 16.94 -7.42
CA VAL D 63 -31.48 16.89 -6.66
C VAL D 63 -31.85 15.44 -6.37
N GLU D 64 -32.10 15.10 -5.11
CA GLU D 64 -32.40 13.72 -4.75
C GLU D 64 -33.64 13.58 -3.87
N LYS D 65 -34.51 12.65 -4.25
CA LYS D 65 -35.73 12.40 -3.48
C LYS D 65 -35.40 11.73 -2.14
N ILE D 66 -36.20 12.03 -1.12
CA ILE D 66 -36.05 11.41 0.19
C ILE D 66 -37.31 10.63 0.59
N GLY D 77 -40.47 14.54 0.34
CA GLY D 77 -39.26 15.21 0.79
C GLY D 77 -38.11 15.18 -0.22
N ILE D 78 -37.40 16.30 -0.34
CA ILE D 78 -36.31 16.42 -1.32
C ILE D 78 -35.06 17.09 -0.76
N GLU D 79 -33.91 16.72 -1.32
CA GLU D 79 -32.63 17.29 -0.92
C GLU D 79 -31.91 17.88 -2.12
N ILE D 80 -31.55 19.16 -2.01
CA ILE D 80 -30.84 19.82 -3.10
C ILE D 80 -29.40 20.10 -2.69
N VAL D 81 -28.49 19.43 -3.39
CA VAL D 81 -27.06 19.60 -3.19
C VAL D 81 -26.51 20.74 -4.03
N CYS D 82 -26.01 21.77 -3.38
CA CYS D 82 -25.47 22.93 -4.08
C CYS D 82 -23.93 22.98 -4.15
N LYS D 83 -23.43 23.67 -5.17
CA LYS D 83 -22.00 23.91 -5.34
C LYS D 83 -21.53 25.00 -4.39
N ASP D 84 -22.52 25.55 -3.69
CA ASP D 84 -22.47 26.77 -2.88
C ASP D 84 -21.89 26.65 -1.47
N MET D 85 -21.41 25.45 -1.11
CA MET D 85 -21.10 25.09 0.28
C MET D 85 -22.39 24.98 1.09
N ARG D 86 -23.41 24.34 0.51
CA ARG D 86 -24.63 24.08 1.26
C ARG D 86 -25.49 23.02 0.60
N ASN D 87 -26.48 22.59 1.34
CA ASN D 87 -27.55 21.77 0.82
C ASN D 87 -28.90 22.40 1.17
N LEU D 88 -29.93 22.05 0.41
CA LEU D 88 -31.28 22.50 0.72
C LEU D 88 -32.19 21.30 0.87
N ARG D 89 -32.92 21.24 1.99
CA ARG D 89 -33.92 20.19 2.19
C ARG D 89 -35.33 20.77 2.10
N LEU D 90 -36.18 20.12 1.32
CA LEU D 90 -37.57 20.56 1.19
C LEU D 90 -38.53 19.45 1.64
N ALA D 91 -39.68 19.84 2.17
CA ALA D 91 -40.67 18.87 2.65
C ALA D 91 -42.04 19.08 2.00
N TYR D 92 -42.61 17.99 1.50
CA TYR D 92 -43.91 18.02 0.86
C TYR D 92 -45.06 18.07 1.88
N LEU D 100 -43.52 14.77 -6.87
CA LEU D 100 -42.47 14.59 -7.87
C LEU D 100 -42.48 15.71 -8.91
N GLY D 101 -43.58 16.45 -9.00
CA GLY D 101 -43.70 17.56 -9.92
C GLY D 101 -42.63 18.63 -9.70
N ILE D 102 -42.39 18.94 -8.43
CA ILE D 102 -41.28 19.80 -8.04
C ILE D 102 -39.96 19.20 -8.52
N PHE D 103 -39.76 17.93 -8.17
CA PHE D 103 -38.54 17.21 -8.54
C PHE D 103 -38.28 17.28 -10.04
N GLU D 104 -39.32 17.04 -10.83
CA GLU D 104 -39.18 17.06 -12.27
C GLU D 104 -38.84 18.47 -12.75
N ASN D 105 -39.48 19.48 -12.16
CA ASN D 105 -39.26 20.87 -12.53
C ASN D 105 -37.85 21.38 -12.22
N LEU D 106 -37.43 21.19 -10.97
CA LEU D 106 -36.06 21.53 -10.55
C LEU D 106 -35.06 20.83 -11.44
N ASN D 107 -35.25 19.52 -11.61
CA ASN D 107 -34.34 18.75 -12.44
C ASN D 107 -34.37 19.24 -13.88
N LYS D 108 -35.53 19.66 -14.35
CA LYS D 108 -35.67 20.15 -15.73
C LYS D 108 -34.90 21.45 -15.91
N HIS D 109 -35.07 22.38 -14.99
CA HIS D 109 -34.52 23.72 -15.19
C HIS D 109 -33.14 23.90 -14.56
N ALA D 110 -32.79 23.10 -13.56
CA ALA D 110 -31.44 23.16 -13.00
C ALA D 110 -30.42 22.61 -13.97
N PHE D 111 -30.87 21.78 -14.91
CA PHE D 111 -29.95 21.14 -15.85
C PHE D 111 -30.41 21.24 -17.32
N PRO D 112 -30.57 22.47 -17.84
CA PRO D 112 -31.15 22.70 -19.16
C PRO D 112 -30.37 22.01 -20.28
N LEU D 113 -29.05 21.98 -20.16
CA LEU D 113 -28.23 21.37 -21.22
C LEU D 113 -28.39 19.85 -21.21
N SER D 114 -29.03 19.33 -20.17
CA SER D 114 -29.28 17.89 -20.11
C SER D 114 -30.70 17.62 -20.58
N ASN D 115 -31.44 18.69 -20.87
CA ASN D 115 -32.83 18.56 -21.26
C ASN D 115 -33.12 19.38 -22.51
N GLY D 116 -32.13 19.47 -23.40
CA GLY D 116 -32.29 20.16 -24.66
C GLY D 116 -32.70 21.63 -24.56
N GLN D 117 -32.23 22.32 -23.52
CA GLN D 117 -32.52 23.75 -23.34
C GLN D 117 -31.23 24.56 -23.31
N ALA D 118 -31.34 25.85 -23.05
CA ALA D 118 -30.19 26.74 -23.02
C ALA D 118 -30.00 27.29 -21.63
N LEU D 119 -28.77 27.68 -21.29
CA LEU D 119 -28.48 28.31 -19.99
C LEU D 119 -29.24 29.62 -19.91
N PHE D 120 -29.50 30.09 -18.70
CA PHE D 120 -30.35 31.24 -18.56
C PHE D 120 -29.72 32.50 -19.14
N ALA D 121 -28.39 32.52 -19.13
CA ALA D 121 -27.62 33.64 -19.68
C ALA D 121 -28.17 34.12 -21.04
N PHE D 122 -28.62 33.18 -21.86
CA PHE D 122 -29.08 33.52 -23.20
C PHE D 122 -30.47 34.17 -23.16
N SER D 123 -31.10 34.18 -21.99
CA SER D 123 -32.42 34.80 -21.89
C SER D 123 -32.39 36.11 -21.10
N TYR D 124 -31.29 36.37 -20.40
CA TYR D 124 -31.18 37.58 -19.59
C TYR D 124 -31.22 38.84 -20.48
N LYS D 125 -32.24 39.68 -20.27
CA LYS D 125 -32.52 40.86 -21.13
C LYS D 125 -32.21 42.20 -20.45
N GLU D 126 -31.67 42.17 -19.24
CA GLU D 126 -31.33 43.40 -18.56
C GLU D 126 -30.36 44.21 -19.40
N LYS D 127 -30.38 45.53 -19.24
CA LYS D 127 -29.44 46.37 -19.98
C LYS D 127 -28.67 47.24 -18.99
N PHE D 128 -27.35 47.24 -19.14
CA PHE D 128 -26.49 47.95 -18.21
C PHE D 128 -25.85 49.16 -18.89
N PRO D 129 -25.62 50.24 -18.11
CA PRO D 129 -24.99 51.43 -18.70
C PRO D 129 -23.58 51.15 -19.25
N ILE D 130 -22.83 50.25 -18.63
CA ILE D 130 -21.52 49.85 -19.15
C ILE D 130 -21.58 48.45 -19.78
N ASN D 131 -20.89 48.26 -20.91
CA ASN D 131 -20.80 46.96 -21.59
C ASN D 131 -19.51 46.21 -21.25
N GLY D 132 -19.62 45.24 -20.34
CA GLY D 132 -18.47 44.51 -19.85
C GLY D 132 -17.64 43.78 -20.87
N TRP D 133 -18.22 43.49 -22.05
CA TRP D 133 -17.54 42.73 -23.10
C TRP D 133 -16.37 43.53 -23.70
N LYS D 134 -16.30 44.80 -23.37
CA LYS D 134 -15.27 45.69 -23.88
C LYS D 134 -14.20 46.00 -22.83
N VAL D 135 -14.26 45.35 -21.67
CA VAL D 135 -13.28 45.62 -20.62
C VAL D 135 -11.94 45.08 -21.07
N TYR D 136 -11.96 43.90 -21.69
CA TYR D 136 -10.75 43.27 -22.19
C TYR D 136 -10.65 43.31 -23.71
N ASP D 137 -9.62 43.98 -24.20
CA ASP D 137 -9.26 43.95 -25.61
C ASP D 137 -7.79 43.54 -25.72
N PRO D 138 -7.52 42.36 -26.31
CA PRO D 138 -6.15 41.85 -26.34
C PRO D 138 -5.11 42.86 -26.87
N VAL D 139 -5.39 43.52 -27.99
CA VAL D 139 -4.42 44.47 -28.54
C VAL D 139 -4.21 45.64 -27.58
N SER D 140 -5.29 46.10 -26.94
CA SER D 140 -5.13 47.12 -25.89
C SER D 140 -4.22 46.69 -24.74
N GLU D 141 -4.34 45.43 -24.32
CA GLU D 141 -3.63 44.97 -23.13
C GLU D 141 -2.15 44.77 -23.43
N TYR D 142 -1.88 44.19 -24.59
CA TYR D 142 -0.52 44.05 -25.05
C TYR D 142 0.14 45.41 -25.19
N LYS D 143 -0.57 46.35 -25.84
CA LYS D 143 -0.09 47.72 -25.97
C LYS D 143 0.25 48.32 -24.61
N ARG D 144 -0.58 48.04 -23.60
CA ARG D 144 -0.33 48.52 -22.26
C ARG D 144 1.01 48.00 -21.74
N GLN D 145 1.37 46.79 -22.16
CA GLN D 145 2.60 46.13 -21.72
C GLN D 145 3.83 46.53 -22.54
N GLY D 146 3.62 47.31 -23.60
CA GLY D 146 4.71 47.75 -24.46
C GLY D 146 4.85 46.90 -25.71
N LEU D 147 3.78 46.21 -26.08
CA LEU D 147 3.82 45.26 -27.19
C LEU D 147 2.84 45.61 -28.31
N PRO D 148 3.26 45.46 -29.57
CA PRO D 148 4.49 44.82 -30.03
C PRO D 148 5.74 45.67 -29.80
N ASN D 149 6.90 45.03 -29.78
CA ASN D 149 8.16 45.73 -29.78
C ASN D 149 9.11 45.04 -30.76
N GLU D 150 10.40 45.35 -30.68
CA GLU D 150 11.37 44.78 -31.61
C GLU D 150 11.52 43.26 -31.45
N SER D 151 11.18 42.72 -30.29
CA SER D 151 11.40 41.30 -30.02
C SER D 151 10.15 40.44 -30.11
N TRP D 152 8.99 41.03 -29.81
CA TRP D 152 7.75 40.25 -29.78
C TRP D 152 6.69 40.81 -30.73
N LYS D 153 6.02 39.91 -31.44
CA LYS D 153 5.02 40.30 -32.43
C LYS D 153 3.64 39.74 -32.12
N ILE D 154 2.62 40.54 -32.39
CA ILE D 154 1.25 40.06 -32.41
C ILE D 154 1.07 39.13 -33.60
N SER D 155 0.68 37.89 -33.34
CA SER D 155 0.51 36.94 -34.44
C SER D 155 -0.97 36.68 -34.68
N LYS D 156 -1.35 36.61 -35.96
CA LYS D 156 -2.75 36.36 -36.33
C LYS D 156 -2.88 34.93 -36.79
N ILE D 157 -1.85 34.13 -36.53
CA ILE D 157 -1.77 32.78 -37.05
C ILE D 157 -2.97 31.93 -36.64
N ASN D 158 -3.63 32.31 -35.54
CA ASN D 158 -4.78 31.56 -35.01
C ASN D 158 -6.11 32.31 -35.10
N SER D 159 -6.22 33.28 -36.02
CA SER D 159 -7.43 34.09 -36.11
C SER D 159 -8.66 33.23 -36.41
N ASN D 160 -8.41 32.05 -36.97
CA ASN D 160 -9.48 31.12 -37.29
C ASN D 160 -9.49 29.85 -36.44
N TYR D 161 -8.66 29.82 -35.40
CA TYR D 161 -8.59 28.70 -34.45
C TYR D 161 -8.17 27.42 -35.14
N GLU D 162 -7.43 27.57 -36.23
CA GLU D 162 -6.94 26.42 -36.99
C GLU D 162 -5.62 25.89 -36.40
N PHE D 163 -4.81 26.82 -35.90
CA PHE D 163 -3.51 26.54 -35.29
C PHE D 163 -3.61 25.76 -33.99
N CYS D 164 -4.32 26.36 -33.04
CA CYS D 164 -4.58 25.76 -31.74
C CYS D 164 -6.00 26.18 -31.35
N ASP D 165 -6.90 25.21 -31.26
CA ASP D 165 -8.32 25.53 -31.20
C ASP D 165 -8.79 25.86 -29.79
N THR D 166 -7.90 25.76 -28.80
CA THR D 166 -8.25 26.15 -27.43
C THR D 166 -7.49 27.39 -27.01
N TYR D 167 -6.82 28.03 -27.96
CA TYR D 167 -6.08 29.27 -27.72
C TYR D 167 -6.89 30.48 -28.20
N PRO D 168 -6.49 31.69 -27.79
CA PRO D 168 -7.26 32.84 -28.30
C PRO D 168 -6.95 33.15 -29.77
N ALA D 169 -7.72 34.04 -30.38
CA ALA D 169 -7.53 34.37 -31.79
C ALA D 169 -6.20 35.07 -32.06
N ILE D 170 -5.68 35.70 -31.01
CA ILE D 170 -4.45 36.50 -31.07
C ILE D 170 -3.42 36.02 -30.05
N ILE D 171 -2.19 35.82 -30.51
CA ILE D 171 -1.10 35.46 -29.59
C ILE D 171 0.17 36.28 -29.86
N VAL D 172 0.97 36.45 -28.82
CA VAL D 172 2.19 37.20 -28.95
C VAL D 172 3.36 36.23 -28.90
N VAL D 173 4.23 36.32 -29.91
CA VAL D 173 5.33 35.38 -30.09
C VAL D 173 6.58 36.17 -30.50
N PRO D 174 7.77 35.56 -30.41
CA PRO D 174 8.98 36.28 -30.83
C PRO D 174 8.90 36.70 -32.29
N THR D 175 9.27 37.94 -32.61
CA THR D 175 9.18 38.44 -33.98
C THR D 175 9.88 37.51 -34.98
N SER D 176 10.89 36.77 -34.52
CA SER D 176 11.77 36.01 -35.40
C SER D 176 11.32 34.58 -35.73
N VAL D 177 10.09 34.22 -35.38
CA VAL D 177 9.66 32.85 -35.64
C VAL D 177 8.79 32.78 -36.91
N LYS D 178 9.05 31.78 -37.75
CA LYS D 178 8.28 31.58 -38.96
C LYS D 178 7.05 30.74 -38.66
N ASP D 179 5.98 30.96 -39.41
CA ASP D 179 4.70 30.29 -39.16
C ASP D 179 4.75 28.80 -39.46
N ASP D 180 5.69 28.39 -40.30
CA ASP D 180 5.89 26.98 -40.58
C ASP D 180 6.65 26.36 -39.41
N ASP D 181 7.61 27.12 -38.88
CA ASP D 181 8.32 26.74 -37.67
C ASP D 181 7.34 26.64 -36.50
N LEU D 182 6.51 27.66 -36.38
CA LEU D 182 5.52 27.72 -35.31
C LEU D 182 4.55 26.54 -35.39
N SER D 183 4.21 26.12 -36.60
CA SER D 183 3.33 24.96 -36.81
C SER D 183 3.97 23.67 -36.34
N LYS D 184 5.28 23.54 -36.55
CA LYS D 184 6.02 22.36 -36.12
C LYS D 184 6.07 22.29 -34.60
N VAL D 185 6.29 23.42 -33.96
CA VAL D 185 6.28 23.49 -32.49
C VAL D 185 4.94 23.04 -31.94
N ALA D 186 3.85 23.52 -32.54
CA ALA D 186 2.50 23.14 -32.12
C ALA D 186 2.32 21.64 -32.16
N ALA D 187 2.93 21.00 -33.16
CA ALA D 187 2.87 19.55 -33.28
C ALA D 187 3.58 18.88 -32.10
N PHE D 188 4.59 19.55 -31.56
CA PHE D 188 5.37 18.98 -30.46
C PHE D 188 4.79 19.31 -29.07
N ARG D 189 3.86 20.26 -29.02
CA ARG D 189 3.21 20.62 -27.76
C ARG D 189 1.79 20.10 -27.67
N ALA D 190 1.40 19.61 -26.49
CA ALA D 190 0.06 19.06 -26.30
C ALA D 190 -1.04 20.04 -26.76
N LYS D 191 -2.04 19.49 -27.46
CA LYS D 191 -3.21 20.23 -27.95
C LYS D 191 -2.80 21.49 -28.69
N GLY D 192 -1.55 21.51 -29.17
CA GLY D 192 -1.05 22.64 -29.91
C GLY D 192 -0.79 23.88 -29.09
N ARG D 193 -0.81 23.76 -27.77
CA ARG D 193 -0.69 24.94 -26.92
C ARG D 193 0.78 25.33 -26.73
N VAL D 194 1.32 25.97 -27.77
CA VAL D 194 2.69 26.41 -27.80
C VAL D 194 2.95 27.52 -26.78
N PRO D 195 4.24 27.73 -26.44
CA PRO D 195 4.68 28.86 -25.62
C PRO D 195 4.24 30.21 -26.20
N VAL D 196 3.39 30.92 -25.48
CA VAL D 196 3.01 32.27 -25.89
C VAL D 196 3.15 33.23 -24.73
N LEU D 197 3.26 34.51 -25.05
CA LEU D 197 3.48 35.53 -24.03
C LEU D 197 2.26 35.79 -23.14
N SER D 198 2.52 35.85 -21.83
CA SER D 198 1.53 36.24 -20.83
C SER D 198 1.81 37.65 -20.35
N TRP D 199 3.08 37.90 -20.03
CA TRP D 199 3.47 39.15 -19.39
C TRP D 199 4.91 39.47 -19.73
N ILE D 200 5.23 40.76 -19.79
CA ILE D 200 6.62 41.17 -19.97
C ILE D 200 6.97 42.33 -19.05
N HIS D 201 8.16 42.24 -18.44
CA HIS D 201 8.66 43.28 -17.56
C HIS D 201 9.03 44.51 -18.38
N PRO D 202 8.44 45.67 -18.04
CA PRO D 202 8.59 46.94 -18.76
C PRO D 202 10.05 47.41 -18.86
N GLU D 203 10.85 47.14 -17.84
CA GLU D 203 12.22 47.60 -17.83
C GLU D 203 13.19 46.48 -18.25
N SER D 204 13.15 45.35 -17.55
CA SER D 204 14.15 44.31 -17.75
C SER D 204 13.93 43.46 -19.00
N GLN D 205 12.71 43.48 -19.53
CA GLN D 205 12.31 42.68 -20.70
C GLN D 205 12.22 41.17 -20.42
N ALA D 206 12.25 40.78 -19.15
CA ALA D 206 11.96 39.39 -18.78
C ALA D 206 10.48 39.11 -19.01
N THR D 207 10.18 37.91 -19.50
CA THR D 207 8.81 37.56 -19.83
C THR D 207 8.33 36.31 -19.11
N ILE D 208 7.02 36.22 -19.00
CA ILE D 208 6.35 35.00 -18.58
C ILE D 208 5.66 34.45 -19.80
N THR D 209 6.06 33.26 -20.23
CA THR D 209 5.37 32.57 -21.31
C THR D 209 4.72 31.31 -20.75
N ARG D 210 3.72 30.80 -21.46
CA ARG D 210 2.99 29.63 -21.00
C ARG D 210 2.73 28.69 -22.16
N CYS D 211 2.42 27.44 -21.82
CA CYS D 211 2.22 26.39 -22.80
C CYS D 211 1.81 25.12 -22.10
N SER D 212 1.69 24.07 -22.88
CA SER D 212 1.45 22.72 -22.37
C SER D 212 2.78 21.97 -22.26
N GLN D 213 2.73 20.67 -21.97
CA GLN D 213 3.94 19.86 -21.93
C GLN D 213 4.43 19.50 -23.32
N PRO D 214 5.75 19.29 -23.48
CA PRO D 214 6.22 18.81 -24.77
C PRO D 214 5.88 17.32 -24.90
N LEU D 215 5.60 16.85 -26.10
CA LEU D 215 5.28 15.44 -26.31
C LEU D 215 6.55 14.65 -26.59
N VAL D 216 7.27 14.31 -25.52
CA VAL D 216 8.56 13.66 -25.63
C VAL D 216 8.41 12.14 -25.65
N GLY D 217 7.59 11.61 -24.75
CA GLY D 217 7.31 10.18 -24.72
C GLY D 217 8.43 9.37 -24.08
N PRO D 218 8.22 8.05 -23.97
CA PRO D 218 9.20 7.14 -23.37
C PRO D 218 10.50 7.06 -24.17
N ASN D 219 10.43 7.16 -25.49
CA ASN D 219 11.62 7.04 -26.34
C ASN D 219 12.35 8.37 -26.54
N ASP D 220 12.00 9.37 -25.72
CA ASP D 220 12.64 10.68 -25.73
C ASP D 220 12.73 11.33 -27.13
N LYS D 221 11.58 11.65 -27.70
CA LYS D 221 11.51 12.39 -28.95
C LYS D 221 11.98 13.83 -28.76
N ARG D 222 12.67 14.35 -29.77
CA ARG D 222 13.15 15.74 -29.78
C ARG D 222 12.58 16.52 -30.96
N CYS D 223 12.26 17.79 -30.74
CA CYS D 223 11.85 18.66 -31.85
C CYS D 223 12.79 19.85 -31.97
N LYS D 224 13.47 19.93 -33.10
CA LYS D 224 14.47 20.97 -33.30
C LYS D 224 13.86 22.37 -33.31
N GLU D 225 12.66 22.50 -33.86
CA GLU D 225 11.99 23.80 -33.89
C GLU D 225 11.54 24.24 -32.51
N ASP D 226 11.09 23.29 -31.68
CA ASP D 226 10.70 23.60 -30.31
C ASP D 226 11.90 24.15 -29.55
N GLU D 227 13.03 23.47 -29.70
CA GLU D 227 14.26 23.82 -29.01
C GLU D 227 14.79 25.15 -29.51
N LYS D 228 14.71 25.38 -30.81
CA LYS D 228 15.08 26.67 -31.35
C LYS D 228 14.11 27.74 -30.83
N TYR D 229 12.85 27.35 -30.66
CA TYR D 229 11.80 28.30 -30.28
C TYR D 229 12.08 28.84 -28.89
N LEU D 230 12.16 27.94 -27.90
CA LEU D 230 12.47 28.33 -26.52
C LEU D 230 13.70 29.21 -26.45
N GLN D 231 14.67 28.89 -27.30
CA GLN D 231 15.90 29.65 -27.39
C GLN D 231 15.66 31.09 -27.88
N THR D 232 14.79 31.29 -28.87
CA THR D 232 14.52 32.65 -29.33
C THR D 232 13.81 33.44 -28.22
N ILE D 233 12.95 32.76 -27.46
CA ILE D 233 12.27 33.37 -26.32
C ILE D 233 13.31 33.96 -25.36
N MET D 234 14.35 33.18 -25.10
CA MET D 234 15.44 33.64 -24.26
C MET D 234 16.19 34.80 -24.93
N ASP D 235 16.47 34.65 -26.22
CA ASP D 235 17.12 35.68 -27.02
C ASP D 235 16.37 37.01 -26.94
N ALA D 236 15.05 36.95 -26.78
CA ALA D 236 14.24 38.17 -26.70
C ALA D 236 14.51 38.94 -25.39
N ASN D 237 15.12 38.26 -24.42
CA ASN D 237 15.60 38.89 -23.20
C ASN D 237 17.13 39.05 -23.29
N ALA D 238 17.56 40.13 -23.95
CA ALA D 238 18.94 40.29 -24.41
C ALA D 238 19.99 40.13 -23.32
N GLN D 239 19.76 40.75 -22.16
CA GLN D 239 20.76 40.79 -21.10
C GLN D 239 20.90 39.45 -20.38
N SER D 240 19.84 38.63 -20.39
CA SER D 240 19.85 37.33 -19.72
C SER D 240 20.67 36.30 -20.48
N HIS D 241 21.07 35.24 -19.78
CA HIS D 241 21.89 34.20 -20.37
C HIS D 241 21.25 32.83 -20.22
N LYS D 242 20.14 32.77 -19.50
CA LYS D 242 19.42 31.51 -19.33
C LYS D 242 17.91 31.72 -19.27
N LEU D 243 17.19 30.59 -19.30
CA LEU D 243 15.74 30.56 -19.31
C LEU D 243 15.26 29.54 -18.30
N ILE D 244 14.29 29.91 -17.46
CA ILE D 244 13.73 28.98 -16.48
C ILE D 244 12.38 28.43 -16.93
N ILE D 245 12.18 27.14 -16.70
CA ILE D 245 10.92 26.47 -16.98
C ILE D 245 10.33 25.94 -15.70
N PHE D 246 9.21 26.49 -15.26
CA PHE D 246 8.54 25.92 -14.10
C PHE D 246 7.44 24.98 -14.55
N ASP D 247 7.66 23.70 -14.35
CA ASP D 247 6.60 22.73 -14.53
C ASP D 247 5.78 22.72 -13.26
N ALA D 248 4.47 22.93 -13.38
CA ALA D 248 3.60 22.99 -12.21
C ALA D 248 3.56 21.68 -11.43
N ARG D 249 3.85 20.57 -12.10
CA ARG D 249 3.58 19.26 -11.49
C ARG D 249 4.66 18.76 -10.53
N GLN D 250 4.29 17.74 -9.78
CA GLN D 250 5.24 16.89 -9.11
C GLN D 250 6.11 16.15 -10.13
N ASN D 251 7.41 15.99 -9.82
CA ASN D 251 8.38 15.35 -10.70
C ASN D 251 7.94 13.95 -11.14
N SER D 252 7.46 13.17 -10.18
CA SER D 252 7.01 11.81 -10.45
C SER D 252 5.80 11.76 -11.38
N VAL D 253 4.87 12.68 -11.19
CA VAL D 253 3.69 12.73 -12.03
C VAL D 253 4.10 13.05 -13.46
N ALA D 254 5.03 14.00 -13.62
CA ALA D 254 5.56 14.32 -14.95
C ALA D 254 6.33 13.16 -15.57
N ASP D 255 6.92 12.29 -14.75
CA ASP D 255 7.61 11.11 -15.25
C ASP D 255 6.59 10.12 -15.80
N THR D 256 5.50 9.93 -15.07
CA THR D 256 4.40 9.13 -15.54
C THR D 256 3.81 9.69 -16.84
N ASN D 257 3.57 11.00 -16.86
CA ASN D 257 3.05 11.65 -18.06
C ASN D 257 3.98 11.44 -19.25
N LYS D 258 5.26 11.21 -18.97
CA LYS D 258 6.25 10.97 -20.02
C LYS D 258 6.05 9.58 -20.63
N THR D 259 5.71 8.61 -19.79
CA THR D 259 5.52 7.23 -20.23
C THR D 259 4.27 7.04 -21.07
N LYS D 260 3.47 8.09 -21.22
CA LYS D 260 2.22 7.99 -21.94
C LYS D 260 2.16 9.03 -23.05
N GLY D 261 3.32 9.58 -23.41
CA GLY D 261 3.42 10.42 -24.59
C GLY D 261 3.76 11.86 -24.30
N GLY D 262 3.66 12.27 -23.04
CA GLY D 262 3.93 13.64 -22.64
C GLY D 262 5.34 13.86 -22.14
N GLY D 263 5.48 14.60 -21.03
CA GLY D 263 6.77 14.81 -20.41
C GLY D 263 7.21 16.26 -20.26
N TYR D 264 8.51 16.49 -20.37
CA TYR D 264 9.08 17.81 -20.07
C TYR D 264 10.44 18.05 -20.70
N GLU D 265 10.92 19.29 -20.61
CA GLU D 265 12.17 19.66 -21.25
C GLU D 265 13.38 19.07 -20.52
N SER D 266 14.28 18.47 -21.30
CA SER D 266 15.46 17.82 -20.75
C SER D 266 16.67 18.73 -20.80
N GLU D 267 17.61 18.50 -19.89
CA GLU D 267 18.86 19.24 -19.81
C GLU D 267 19.62 19.12 -21.13
N SER D 268 19.53 17.94 -21.72
CA SER D 268 20.21 17.66 -22.97
C SER D 268 19.61 18.41 -24.17
N ALA D 269 18.28 18.42 -24.27
CA ALA D 269 17.64 18.96 -25.46
C ALA D 269 17.56 20.49 -25.46
N TYR D 270 17.57 21.08 -24.27
CA TYR D 270 17.42 22.52 -24.11
C TYR D 270 18.55 23.06 -23.24
N PRO D 271 19.70 23.33 -23.88
CA PRO D 271 20.97 23.66 -23.21
C PRO D 271 20.87 24.86 -22.25
N ASN D 272 20.51 26.01 -22.80
CA ASN D 272 20.46 27.24 -22.02
C ASN D 272 19.18 27.39 -21.20
N ALA D 273 18.50 26.28 -20.92
CA ALA D 273 17.30 26.32 -20.08
C ALA D 273 17.41 25.37 -18.92
N GLU D 274 16.75 25.73 -17.81
CA GLU D 274 16.75 24.92 -16.60
C GLU D 274 15.35 24.74 -16.03
N LEU D 275 14.94 23.50 -15.83
CA LEU D 275 13.59 23.22 -15.39
C LEU D 275 13.49 22.91 -13.89
N VAL D 276 12.43 23.42 -13.26
CA VAL D 276 12.17 23.14 -11.85
C VAL D 276 10.72 22.72 -11.70
N PHE D 277 10.46 21.79 -10.80
CA PHE D 277 9.10 21.32 -10.54
C PHE D 277 8.49 22.00 -9.31
N LEU D 278 7.22 22.40 -9.43
CA LEU D 278 6.56 23.13 -8.35
C LEU D 278 5.71 22.23 -7.46
N GLU D 279 5.55 20.98 -7.88
CA GLU D 279 4.92 19.95 -7.04
C GLU D 279 3.47 20.24 -6.64
N ILE D 280 2.70 20.85 -7.53
CA ILE D 280 1.29 21.06 -7.29
C ILE D 280 0.45 19.84 -7.71
N HIS D 281 -0.41 19.37 -6.81
CA HIS D 281 -1.23 18.17 -7.04
C HIS D 281 -2.28 18.37 -8.14
N ASN D 282 -2.99 17.30 -8.49
CA ASN D 282 -3.88 17.30 -9.64
C ASN D 282 -5.30 17.77 -9.27
N ILE D 283 -6.18 17.84 -10.26
CA ILE D 283 -7.53 18.41 -10.05
C ILE D 283 -8.40 17.56 -9.15
N HIS D 284 -8.17 16.24 -9.13
CA HIS D 284 -8.99 15.36 -8.31
C HIS D 284 -8.71 15.61 -6.84
N VAL D 285 -7.43 15.81 -6.51
CA VAL D 285 -7.05 16.16 -5.16
C VAL D 285 -7.77 17.42 -4.69
N MET D 286 -7.81 18.44 -5.54
CA MET D 286 -8.47 19.70 -5.19
C MET D 286 -9.97 19.52 -4.99
N ARG D 287 -10.61 18.78 -5.91
CA ARG D 287 -12.03 18.44 -5.77
C ARG D 287 -12.33 17.75 -4.44
N GLU D 288 -11.51 16.76 -4.10
CA GLU D 288 -11.74 15.98 -2.88
C GLU D 288 -11.56 16.85 -1.64
N SER D 289 -10.54 17.70 -1.67
CA SER D 289 -10.28 18.60 -0.56
C SER D 289 -11.50 19.47 -0.31
N LEU D 290 -12.01 20.11 -1.35
CA LEU D 290 -13.17 20.98 -1.14
C LEU D 290 -14.38 20.17 -0.63
N ARG D 291 -14.55 18.95 -1.16
CA ARG D 291 -15.66 18.10 -0.72
C ARG D 291 -15.59 17.82 0.77
N LYS D 292 -14.39 17.50 1.25
CA LYS D 292 -14.23 17.24 2.69
C LYS D 292 -14.46 18.51 3.49
N LEU D 293 -14.06 19.65 2.95
CA LEU D 293 -14.27 20.91 3.66
C LEU D 293 -15.77 21.14 3.85
N LYS D 294 -16.56 20.77 2.85
CA LYS D 294 -18.00 21.04 2.88
C LYS D 294 -18.72 20.20 3.91
N GLU D 295 -18.37 18.91 4.01
CA GLU D 295 -19.01 18.05 5.01
C GLU D 295 -18.65 18.52 6.42
N ILE D 296 -17.61 19.36 6.53
CA ILE D 296 -17.16 19.92 7.80
C ILE D 296 -17.95 21.17 8.19
N VAL D 297 -18.22 22.03 7.21
CA VAL D 297 -18.82 23.34 7.51
C VAL D 297 -20.34 23.39 7.38
N TYR D 298 -20.93 22.35 6.80
CA TYR D 298 -22.38 22.32 6.62
C TYR D 298 -22.97 20.99 7.07
N PRO D 299 -24.06 21.01 7.86
CA PRO D 299 -24.89 22.16 8.25
C PRO D 299 -24.31 22.97 9.40
N SER D 300 -23.39 22.37 10.16
CA SER D 300 -22.67 23.12 11.18
C SER D 300 -21.29 22.57 11.47
N ILE D 301 -20.57 23.33 12.30
CA ILE D 301 -19.23 22.96 12.75
C ILE D 301 -19.23 22.29 14.12
N ASP D 302 -18.56 21.14 14.19
CA ASP D 302 -18.20 20.52 15.46
C ASP D 302 -16.89 21.14 15.95
N GLU D 303 -16.99 22.12 16.84
CA GLU D 303 -15.83 22.90 17.28
C GLU D 303 -14.78 22.07 18.01
N ALA D 304 -15.21 20.96 18.61
CA ALA D 304 -14.30 20.05 19.30
C ALA D 304 -13.33 19.37 18.34
N ARG D 305 -13.69 19.31 17.07
CA ARG D 305 -12.86 18.60 16.09
C ARG D 305 -12.42 19.52 14.95
N TRP D 306 -12.66 20.81 15.13
CA TRP D 306 -12.40 21.83 14.11
C TRP D 306 -10.97 21.82 13.57
N LEU D 307 -10.00 22.00 14.47
CA LEU D 307 -8.59 21.93 14.11
C LEU D 307 -8.24 20.70 13.27
N SER D 308 -8.53 19.52 13.82
CA SER D 308 -8.18 18.27 13.15
C SER D 308 -8.91 18.14 11.81
N ASN D 309 -10.22 18.39 11.81
CA ASN D 309 -11.02 18.27 10.60
C ASN D 309 -10.53 19.19 9.47
N VAL D 310 -10.34 20.47 9.79
CA VAL D 310 -9.94 21.43 8.77
C VAL D 310 -8.54 21.12 8.27
N ASP D 311 -7.64 20.84 9.20
CA ASP D 311 -6.31 20.39 8.82
C ASP D 311 -6.44 19.14 7.96
N GLY D 312 -7.40 18.30 8.33
CA GLY D 312 -7.64 17.04 7.63
C GLY D 312 -7.97 17.18 6.16
N THR D 313 -8.51 18.32 5.75
CA THR D 313 -8.86 18.53 4.33
C THR D 313 -7.63 18.90 3.49
N HIS D 314 -6.61 19.45 4.14
CA HIS D 314 -5.40 19.96 3.48
C HIS D 314 -5.65 21.15 2.54
N TRP D 315 -6.85 21.73 2.60
CA TRP D 315 -7.22 22.86 1.73
C TRP D 315 -6.25 24.05 1.87
N LEU D 316 -5.90 24.44 3.09
CA LEU D 316 -4.98 25.56 3.25
C LEU D 316 -3.58 25.21 2.74
N GLU D 317 -3.24 23.92 2.76
CA GLU D 317 -1.92 23.50 2.30
C GLU D 317 -1.81 23.61 0.78
N TYR D 318 -2.85 23.23 0.03
CA TYR D 318 -2.79 23.35 -1.43
C TYR D 318 -2.78 24.83 -1.81
N ILE D 319 -3.45 25.66 -1.02
CA ILE D 319 -3.40 27.12 -1.22
C ILE D 319 -1.96 27.63 -1.03
N ARG D 320 -1.30 27.17 0.03
CA ARG D 320 0.08 27.59 0.29
C ARG D 320 0.99 27.23 -0.88
N MET D 321 0.80 26.02 -1.39
CA MET D 321 1.61 25.50 -2.48
C MET D 321 1.46 26.34 -3.74
N LEU D 322 0.23 26.74 -4.02
CA LEU D 322 -0.05 27.65 -5.13
C LEU D 322 0.64 28.98 -4.94
N LEU D 323 0.41 29.62 -3.78
CA LEU D 323 1.00 30.92 -3.50
C LEU D 323 2.52 30.83 -3.54
N ALA D 324 3.09 29.77 -2.94
CA ALA D 324 4.54 29.62 -2.93
C ALA D 324 5.06 29.47 -4.36
N GLY D 325 4.33 28.74 -5.18
CA GLY D 325 4.71 28.55 -6.58
C GLY D 325 4.73 29.85 -7.36
N ALA D 326 3.69 30.66 -7.17
CA ALA D 326 3.57 31.93 -7.88
C ALA D 326 4.69 32.89 -7.46
N VAL D 327 4.99 32.90 -6.17
CA VAL D 327 6.12 33.67 -5.63
C VAL D 327 7.47 33.32 -6.30
N ARG D 328 7.76 32.03 -6.46
CA ARG D 328 9.01 31.63 -7.12
C ARG D 328 9.05 32.18 -8.55
N ILE D 329 7.90 32.18 -9.21
CA ILE D 329 7.83 32.71 -10.58
C ILE D 329 8.04 34.21 -10.56
N ALA D 330 7.27 34.88 -9.70
CA ALA D 330 7.38 36.33 -9.53
C ALA D 330 8.84 36.73 -9.27
N ASP D 331 9.49 35.99 -8.39
CA ASP D 331 10.84 36.31 -7.97
C ASP D 331 11.85 36.23 -9.11
N LYS D 332 11.79 35.17 -9.90
CA LYS D 332 12.75 34.98 -10.98
C LYS D 332 12.66 36.13 -11.97
N ILE D 333 11.44 36.61 -12.18
CA ILE D 333 11.21 37.70 -13.11
C ILE D 333 11.74 39.00 -12.52
N GLU D 334 11.26 39.34 -11.33
CA GLU D 334 11.53 40.64 -10.74
C GLU D 334 12.95 40.75 -10.22
N SER D 335 13.37 39.79 -9.40
CA SER D 335 14.72 39.78 -8.85
C SER D 335 15.75 39.21 -9.85
N GLY D 336 15.47 38.03 -10.38
CA GLY D 336 16.42 37.37 -11.28
C GLY D 336 16.52 37.94 -12.68
N LYS D 337 15.53 38.73 -13.09
CA LYS D 337 15.49 39.35 -14.42
C LYS D 337 15.61 38.29 -15.52
N THR D 338 15.04 37.12 -15.24
CA THR D 338 15.13 35.96 -16.11
C THR D 338 13.76 35.58 -16.69
N SER D 339 13.68 35.34 -18.00
CA SER D 339 12.42 34.90 -18.61
C SER D 339 12.06 33.52 -18.06
N VAL D 340 10.76 33.23 -18.05
CA VAL D 340 10.23 32.03 -17.44
C VAL D 340 9.13 31.42 -18.31
N VAL D 341 9.27 30.14 -18.60
CA VAL D 341 8.20 29.38 -19.24
C VAL D 341 7.44 28.64 -18.16
N VAL D 342 6.13 28.81 -18.12
CA VAL D 342 5.33 28.03 -17.20
C VAL D 342 4.50 27.04 -17.99
N HIS D 343 4.53 25.79 -17.57
CA HIS D 343 3.63 24.81 -18.16
C HIS D 343 3.25 23.74 -17.15
N SER D 344 2.27 22.94 -17.54
CA SER D 344 1.85 21.78 -16.78
C SER D 344 1.64 20.69 -17.81
N SER D 345 0.63 19.86 -17.61
CA SER D 345 0.32 18.82 -18.58
C SER D 345 -0.40 19.46 -19.77
N ASP D 346 -1.62 19.93 -19.57
CA ASP D 346 -2.34 20.56 -20.67
C ASP D 346 -2.17 22.08 -20.72
N GLY D 347 -1.73 22.68 -19.62
CA GLY D 347 -1.53 24.10 -19.57
C GLY D 347 -2.82 24.92 -19.59
N TRP D 348 -3.81 24.49 -18.84
CA TRP D 348 -5.03 25.30 -18.72
C TRP D 348 -5.71 25.25 -17.34
N ASP D 349 -5.09 24.57 -16.37
CA ASP D 349 -5.56 24.66 -14.99
C ASP D 349 -4.49 25.25 -14.07
N ARG D 350 -3.46 24.47 -13.79
CA ARG D 350 -2.42 24.92 -12.87
C ARG D 350 -1.62 26.02 -13.52
N THR D 351 -1.44 25.93 -14.84
CA THR D 351 -0.71 26.98 -15.54
C THR D 351 -1.41 28.33 -15.39
N ALA D 352 -2.73 28.35 -15.49
CA ALA D 352 -3.49 29.59 -15.36
C ALA D 352 -3.49 30.14 -13.94
N GLN D 353 -3.57 29.25 -12.94
CA GLN D 353 -3.46 29.68 -11.54
C GLN D 353 -2.12 30.35 -11.26
N LEU D 354 -1.05 29.73 -11.74
CA LEU D 354 0.31 30.22 -11.48
C LEU D 354 0.61 31.52 -12.20
N THR D 355 0.35 31.57 -13.51
CA THR D 355 0.67 32.77 -14.30
C THR D 355 -0.09 33.98 -13.79
N SER D 356 -1.37 33.79 -13.51
CA SER D 356 -2.20 34.91 -13.17
C SER D 356 -1.85 35.39 -11.75
N LEU D 357 -1.56 34.47 -10.84
CA LEU D 357 -1.13 34.88 -9.50
C LEU D 357 0.22 35.61 -9.50
N ALA D 358 1.15 35.18 -10.35
CA ALA D 358 2.45 35.84 -10.45
C ALA D 358 2.31 37.18 -11.18
N MET D 359 1.45 37.24 -12.20
CA MET D 359 1.20 38.50 -12.89
C MET D 359 0.63 39.55 -11.93
N LEU D 360 -0.22 39.07 -11.04
CA LEU D 360 -0.83 39.92 -10.01
C LEU D 360 0.20 40.48 -9.04
N MET D 361 1.19 39.65 -8.69
CA MET D 361 2.27 40.07 -7.80
C MET D 361 3.16 41.11 -8.48
N LEU D 362 3.34 40.95 -9.79
CA LEU D 362 4.28 41.77 -10.54
C LEU D 362 3.71 43.11 -11.02
N ASP D 363 2.43 43.16 -11.34
CA ASP D 363 1.84 44.29 -12.05
C ASP D 363 0.60 44.88 -11.34
N SER D 364 0.75 46.05 -10.73
CA SER D 364 -0.30 46.63 -9.91
C SER D 364 -1.59 46.91 -10.69
N TYR D 365 -1.49 46.99 -12.01
CA TYR D 365 -2.65 47.21 -12.86
C TYR D 365 -3.70 46.12 -12.64
N TYR D 366 -3.24 44.88 -12.47
CA TYR D 366 -4.17 43.77 -12.32
C TYR D 366 -4.84 43.80 -10.96
N ARG D 367 -4.38 44.68 -10.08
CA ARG D 367 -4.99 44.80 -8.77
C ARG D 367 -6.10 45.86 -8.73
N THR D 368 -6.31 46.59 -9.83
CA THR D 368 -7.51 47.43 -9.91
C THR D 368 -8.70 46.54 -10.26
N ILE D 369 -9.87 47.14 -10.41
CA ILE D 369 -11.05 46.35 -10.72
C ILE D 369 -11.07 45.93 -12.20
N LYS D 370 -10.78 46.86 -13.09
CA LYS D 370 -10.75 46.59 -14.52
C LYS D 370 -9.55 45.76 -14.92
N GLY D 371 -8.42 45.98 -14.26
CA GLY D 371 -7.26 45.14 -14.50
C GLY D 371 -7.47 43.69 -14.05
N PHE D 372 -8.10 43.49 -12.90
CA PHE D 372 -8.42 42.15 -12.42
C PHE D 372 -9.38 41.45 -13.37
N GLU D 373 -10.38 42.18 -13.86
CA GLU D 373 -11.29 41.64 -14.86
C GLU D 373 -10.52 41.27 -16.12
N THR D 374 -9.59 42.12 -16.50
CA THR D 374 -8.77 41.87 -17.67
C THR D 374 -7.91 40.61 -17.47
N LEU D 375 -7.37 40.45 -16.25
CA LEU D 375 -6.56 39.28 -15.90
C LEU D 375 -7.35 37.97 -16.03
N VAL D 376 -8.56 37.92 -15.47
CA VAL D 376 -9.43 36.77 -15.63
C VAL D 376 -9.82 36.54 -17.10
N GLU D 377 -10.16 37.60 -17.82
CA GLU D 377 -10.56 37.47 -19.23
C GLU D 377 -9.41 36.92 -20.07
N LYS D 378 -8.19 37.36 -19.77
CA LYS D 378 -7.03 36.98 -20.58
C LYS D 378 -6.49 35.59 -20.20
N GLU D 379 -6.08 35.42 -18.94
CA GLU D 379 -5.33 34.22 -18.52
C GLU D 379 -6.18 32.99 -18.24
N TRP D 380 -7.43 33.23 -17.86
CA TRP D 380 -8.39 32.17 -17.57
C TRP D 380 -9.32 31.86 -18.74
N ILE D 381 -10.12 32.85 -19.10
CA ILE D 381 -11.11 32.67 -20.14
C ILE D 381 -10.50 32.56 -21.55
N SER D 382 -9.71 33.53 -21.97
CA SER D 382 -9.27 33.53 -23.37
C SER D 382 -8.27 32.42 -23.68
N PHE D 383 -7.50 31.99 -22.68
CA PHE D 383 -6.53 30.92 -22.89
C PHE D 383 -7.09 29.53 -22.58
N GLY D 384 -8.33 29.47 -22.11
CA GLY D 384 -9.10 28.25 -22.19
C GLY D 384 -9.10 27.35 -20.99
N HIS D 385 -9.14 27.93 -19.79
CA HIS D 385 -9.54 27.12 -18.66
C HIS D 385 -10.91 26.56 -19.08
N ARG D 386 -11.15 25.28 -18.83
CA ARG D 386 -12.38 24.67 -19.33
C ARG D 386 -13.51 24.85 -18.35
N PHE D 387 -13.97 26.10 -18.26
CA PHE D 387 -14.99 26.52 -17.27
C PHE D 387 -16.28 25.66 -17.27
N ALA D 388 -16.86 25.40 -18.44
CA ALA D 388 -18.11 24.63 -18.49
C ALA D 388 -17.89 23.19 -18.02
N LEU D 389 -16.78 22.61 -18.47
CA LEU D 389 -16.40 21.27 -18.05
C LEU D 389 -16.05 21.19 -16.56
N ARG D 390 -15.25 22.13 -16.06
CA ARG D 390 -14.77 22.08 -14.67
C ARG D 390 -15.87 22.39 -13.66
N VAL D 391 -16.87 23.16 -14.08
CA VAL D 391 -17.93 23.59 -13.19
C VAL D 391 -19.24 22.83 -13.42
N GLY D 392 -19.51 22.47 -14.67
CA GLY D 392 -20.63 21.60 -15.00
C GLY D 392 -21.93 22.34 -15.27
N HIS D 393 -21.83 23.47 -15.96
CA HIS D 393 -22.99 24.30 -16.32
C HIS D 393 -24.16 23.51 -16.92
N GLY D 394 -25.32 23.62 -16.29
CA GLY D 394 -26.55 23.09 -16.82
C GLY D 394 -26.55 21.59 -17.03
N ASN D 395 -25.56 20.90 -16.48
CA ASN D 395 -25.40 19.49 -16.78
C ASN D 395 -25.57 18.65 -15.52
N ASP D 396 -26.27 17.52 -15.64
CA ASP D 396 -26.67 16.78 -14.44
C ASP D 396 -25.65 15.72 -14.03
N ASN D 397 -24.55 15.61 -14.78
CA ASN D 397 -23.51 14.63 -14.50
C ASN D 397 -22.62 15.04 -13.30
N HIS D 398 -23.19 15.00 -12.11
CA HIS D 398 -22.54 15.51 -10.92
C HIS D 398 -21.20 14.84 -10.57
N ALA D 399 -21.05 13.56 -10.88
CA ALA D 399 -19.84 12.83 -10.51
C ALA D 399 -18.68 12.98 -11.51
N ASP D 400 -18.89 13.70 -12.60
CA ASP D 400 -17.83 13.89 -13.61
C ASP D 400 -16.48 14.26 -12.97
N ALA D 401 -15.51 13.37 -13.11
CA ALA D 401 -14.19 13.57 -12.51
C ALA D 401 -13.44 14.72 -13.18
N ASP D 402 -14.06 15.33 -14.20
CA ASP D 402 -13.48 16.48 -14.87
C ASP D 402 -13.89 17.80 -14.22
N ARG D 403 -14.70 17.71 -13.16
CA ARG D 403 -15.08 18.88 -12.37
C ARG D 403 -14.15 19.12 -11.18
N SER D 404 -13.70 20.37 -11.03
CA SER D 404 -12.76 20.73 -9.97
C SER D 404 -12.79 22.25 -9.73
N PRO D 405 -12.70 22.66 -8.45
CA PRO D 405 -12.70 24.07 -8.05
C PRO D 405 -11.37 24.78 -8.29
N ILE D 406 -10.78 24.58 -9.47
CA ILE D 406 -9.51 25.18 -9.84
C ILE D 406 -9.57 26.72 -9.82
N PHE D 407 -10.56 27.32 -10.50
CA PHE D 407 -10.67 28.77 -10.55
C PHE D 407 -11.03 29.34 -9.17
N LEU D 408 -11.89 28.63 -8.46
CA LEU D 408 -12.24 29.04 -7.11
C LEU D 408 -11.01 29.09 -6.21
N GLN D 409 -10.16 28.09 -6.37
CA GLN D 409 -8.95 27.95 -5.57
C GLN D 409 -8.09 29.18 -5.72
N PHE D 410 -7.90 29.58 -6.99
CA PHE D 410 -7.20 30.80 -7.35
C PHE D 410 -7.84 32.04 -6.74
N VAL D 411 -9.17 32.09 -6.80
CA VAL D 411 -9.85 33.24 -6.23
C VAL D 411 -9.55 33.28 -4.72
N ASP D 412 -9.61 32.14 -4.05
CA ASP D 412 -9.23 32.02 -2.62
C ASP D 412 -7.80 32.60 -2.40
N CYS D 413 -6.87 32.19 -3.25
CA CYS D 413 -5.52 32.76 -3.16
C CYS D 413 -5.50 34.30 -3.26
N VAL D 414 -6.38 34.86 -4.09
CA VAL D 414 -6.49 36.32 -4.21
C VAL D 414 -7.04 36.92 -2.93
N TRP D 415 -8.08 36.31 -2.35
CA TRP D 415 -8.57 36.81 -1.07
C TRP D 415 -7.42 36.82 -0.04
N GLN D 416 -6.64 35.73 0.00
CA GLN D 416 -5.47 35.62 0.88
C GLN D 416 -4.58 36.85 0.81
N MET D 417 -4.26 37.22 -0.42
CA MET D 417 -3.45 38.41 -0.66
C MET D 417 -4.14 39.74 -0.30
N THR D 418 -5.47 39.83 -0.43
CA THR D 418 -6.15 41.03 0.00
C THR D 418 -6.09 41.12 1.52
N ARG D 419 -6.01 39.96 2.18
CA ARG D 419 -5.94 39.99 3.64
C ARG D 419 -4.53 40.39 4.06
N GLN D 420 -3.52 39.88 3.36
CA GLN D 420 -2.16 40.29 3.72
C GLN D 420 -1.83 41.73 3.30
N PHE D 421 -2.40 42.22 2.19
CA PHE D 421 -2.16 43.59 1.72
C PHE D 421 -3.47 44.36 1.55
N PRO D 422 -4.05 44.83 2.67
CA PRO D 422 -5.42 45.36 2.74
C PRO D 422 -5.63 46.70 2.00
N SER D 423 -4.58 47.30 1.48
CA SER D 423 -4.72 48.55 0.74
C SER D 423 -4.15 48.43 -0.65
N ALA D 424 -3.80 47.20 -1.07
CA ALA D 424 -3.12 47.03 -2.34
C ALA D 424 -4.08 46.73 -3.51
N PHE D 425 -5.30 46.27 -3.23
CA PHE D 425 -6.24 45.96 -4.32
C PHE D 425 -7.45 46.88 -4.31
N GLU D 426 -7.90 47.23 -5.50
CA GLU D 426 -9.02 48.17 -5.64
C GLU D 426 -10.35 47.49 -5.28
N PHE D 427 -10.44 46.18 -5.48
CA PHE D 427 -11.67 45.44 -5.22
C PHE D 427 -11.76 44.98 -3.77
N ASN D 428 -12.96 44.69 -3.30
CA ASN D 428 -13.14 44.18 -1.94
C ASN D 428 -13.53 42.70 -1.90
N GLU D 429 -13.81 42.19 -0.71
CA GLU D 429 -14.16 40.79 -0.59
C GLU D 429 -15.47 40.47 -1.30
N LEU D 430 -16.45 41.36 -1.19
CA LEU D 430 -17.75 41.15 -1.82
C LEU D 430 -17.62 40.94 -3.34
N PHE D 431 -16.76 41.73 -3.96
CA PHE D 431 -16.40 41.56 -5.36
C PHE D 431 -15.96 40.11 -5.68
N LEU D 432 -15.17 39.53 -4.78
CA LEU D 432 -14.63 38.20 -5.01
C LEU D 432 -15.72 37.15 -4.84
N ILE D 433 -16.53 37.30 -3.81
CA ILE D 433 -17.61 36.38 -3.53
C ILE D 433 -18.67 36.48 -4.64
N THR D 434 -18.76 37.65 -5.27
CA THR D 434 -19.74 37.89 -6.33
C THR D 434 -19.33 37.16 -7.60
N ILE D 435 -18.03 37.24 -7.92
CA ILE D 435 -17.47 36.50 -9.02
C ILE D 435 -17.76 35.00 -8.82
N LEU D 436 -17.56 34.50 -7.60
CA LEU D 436 -17.78 33.08 -7.32
C LEU D 436 -19.26 32.72 -7.47
N ASP D 437 -20.14 33.62 -7.05
CA ASP D 437 -21.56 33.32 -7.15
C ASP D 437 -21.98 33.18 -8.62
N HIS D 438 -21.43 34.02 -9.48
CA HIS D 438 -21.86 34.00 -10.87
C HIS D 438 -21.04 33.04 -11.70
N LEU D 439 -19.93 32.54 -11.14
CA LEU D 439 -19.26 31.38 -11.71
C LEU D 439 -20.27 30.25 -11.90
N TYR D 440 -21.17 30.12 -10.92
CA TYR D 440 -22.13 29.03 -10.92
C TYR D 440 -23.49 29.40 -11.54
N SER D 441 -23.90 30.66 -11.41
CA SER D 441 -25.27 31.08 -11.76
C SER D 441 -25.61 30.99 -13.23
N CYS D 442 -24.63 31.18 -14.10
CA CYS D 442 -24.88 31.25 -15.54
C CYS D 442 -25.92 32.34 -15.85
N LEU D 443 -25.93 33.39 -15.03
CA LEU D 443 -26.68 34.61 -15.31
C LEU D 443 -26.03 35.38 -16.45
N PHE D 444 -24.71 35.39 -16.44
CA PHE D 444 -23.92 36.12 -17.42
C PHE D 444 -23.23 35.12 -18.30
N GLY D 445 -22.63 35.60 -19.39
CA GLY D 445 -22.00 34.69 -20.33
C GLY D 445 -20.49 34.61 -20.14
N THR D 446 -19.99 35.31 -19.14
CA THR D 446 -18.56 35.47 -18.91
C THR D 446 -17.79 34.16 -18.69
N PHE D 447 -18.35 33.25 -17.90
CA PHE D 447 -17.68 31.99 -17.60
C PHE D 447 -18.33 30.81 -18.33
N LEU D 448 -18.91 31.05 -19.50
CA LEU D 448 -19.54 29.98 -20.25
C LEU D 448 -18.56 29.30 -21.21
N CYS D 449 -18.80 28.03 -21.51
CA CYS D 449 -18.03 27.26 -22.47
C CYS D 449 -16.62 26.92 -21.99
N ASN D 450 -15.85 26.30 -22.87
CA ASN D 450 -14.57 25.71 -22.54
C ASN D 450 -13.41 26.41 -23.25
N CYS D 451 -13.72 27.16 -24.30
CA CYS D 451 -12.69 27.92 -25.01
C CYS D 451 -13.27 29.07 -25.83
N GLU D 452 -12.38 29.92 -26.32
CA GLU D 452 -12.77 31.10 -27.09
C GLU D 452 -13.50 30.72 -28.36
N GLN D 453 -12.99 29.71 -29.06
CA GLN D 453 -13.62 29.30 -30.30
C GLN D 453 -15.09 28.98 -30.08
N GLN D 454 -15.35 28.17 -29.05
CA GLN D 454 -16.70 27.70 -28.76
C GLN D 454 -17.64 28.88 -28.43
N ARG D 455 -17.10 29.94 -27.82
CA ARG D 455 -17.94 31.07 -27.44
C ARG D 455 -18.39 31.88 -28.66
N PHE D 456 -17.56 31.97 -29.69
CA PHE D 456 -17.99 32.57 -30.97
C PHE D 456 -19.08 31.73 -31.64
N LYS D 457 -18.80 30.43 -31.74
CA LYS D 457 -19.73 29.45 -32.29
C LYS D 457 -21.08 29.44 -31.58
N GLU D 458 -21.10 29.72 -30.28
CA GLU D 458 -22.36 29.63 -29.54
C GLU D 458 -23.03 31.00 -29.39
N ASP D 459 -22.48 32.02 -30.06
CA ASP D 459 -23.03 33.38 -30.04
C ASP D 459 -23.08 34.00 -28.65
N VAL D 460 -22.19 33.57 -27.77
CA VAL D 460 -22.15 34.07 -26.41
C VAL D 460 -22.02 35.60 -26.35
N TYR D 461 -21.21 36.17 -27.22
CA TYR D 461 -20.97 37.61 -27.15
C TYR D 461 -22.18 38.43 -27.62
N THR D 462 -23.04 37.85 -28.46
CA THR D 462 -24.20 38.59 -28.92
C THR D 462 -25.47 38.30 -28.14
N LYS D 463 -25.54 37.14 -27.50
CA LYS D 463 -26.79 36.73 -26.86
C LYS D 463 -26.72 36.72 -25.32
N THR D 464 -25.57 37.07 -24.76
CA THR D 464 -25.42 37.09 -23.30
C THR D 464 -24.79 38.39 -22.78
N ILE D 465 -25.00 38.65 -21.51
CA ILE D 465 -24.47 39.84 -20.88
C ILE D 465 -23.21 39.49 -20.11
N SER D 466 -22.24 40.41 -20.14
CA SER D 466 -20.99 40.28 -19.40
C SER D 466 -21.19 40.56 -17.92
N LEU D 467 -20.60 39.73 -17.07
CA LEU D 467 -20.63 39.96 -15.62
C LEU D 467 -20.11 41.36 -15.27
N TRP D 468 -19.11 41.82 -15.99
CA TRP D 468 -18.51 43.13 -15.70
C TRP D 468 -19.47 44.28 -16.03
N SER D 469 -20.51 44.03 -16.83
CA SER D 469 -21.53 45.06 -17.03
C SER D 469 -22.23 45.35 -15.72
N TYR D 470 -22.55 44.28 -15.00
CA TYR D 470 -23.17 44.41 -13.70
C TYR D 470 -22.22 45.09 -12.71
N ILE D 471 -21.04 44.50 -12.52
CA ILE D 471 -20.08 45.01 -11.55
C ILE D 471 -19.61 46.45 -11.84
N ASN D 472 -19.27 46.75 -13.09
CA ASN D 472 -18.71 48.06 -13.36
C ASN D 472 -19.74 49.19 -13.39
N SER D 473 -21.01 48.82 -13.33
CA SER D 473 -22.10 49.80 -13.23
C SER D 473 -22.39 50.17 -11.79
N GLN D 474 -21.76 49.46 -10.86
CA GLN D 474 -21.92 49.72 -9.43
C GLN D 474 -20.62 49.56 -8.64
N LEU D 475 -19.53 50.19 -9.09
CA LEU D 475 -18.22 50.08 -8.47
C LEU D 475 -18.20 50.30 -6.96
N ASP D 476 -18.92 51.32 -6.51
CA ASP D 476 -18.99 51.69 -5.10
C ASP D 476 -19.16 50.46 -4.18
N GLU D 477 -20.09 49.59 -4.56
CA GLU D 477 -20.45 48.39 -3.80
C GLU D 477 -19.28 47.39 -3.70
N PHE D 478 -18.38 47.44 -4.67
CA PHE D 478 -17.33 46.44 -4.82
C PHE D 478 -15.93 47.01 -4.62
N SER D 479 -15.87 48.23 -4.08
CA SER D 479 -14.61 48.95 -3.97
C SER D 479 -14.02 48.85 -2.57
N ASN D 480 -12.69 48.77 -2.51
CA ASN D 480 -11.93 48.82 -1.27
C ASN D 480 -11.67 50.28 -0.85
N PRO D 481 -12.30 50.74 0.25
CA PRO D 481 -12.16 52.13 0.69
C PRO D 481 -10.70 52.51 0.92
N PHE D 482 -9.93 51.54 1.42
CA PHE D 482 -8.56 51.79 1.80
C PHE D 482 -7.57 51.60 0.67
N PHE D 483 -8.05 51.44 -0.56
CA PHE D 483 -7.13 51.22 -1.68
C PHE D 483 -6.19 52.40 -1.89
N VAL D 484 -4.90 52.12 -2.02
CA VAL D 484 -3.95 53.16 -2.40
C VAL D 484 -3.55 53.03 -3.87
N ASN D 485 -4.08 53.92 -4.71
CA ASN D 485 -3.83 53.89 -6.15
C ASN D 485 -2.36 54.05 -6.51
N TYR D 486 -1.81 55.25 -6.25
CA TYR D 486 -0.37 55.51 -6.40
C TYR D 486 0.45 54.50 -5.59
N GLU D 487 1.77 54.52 -5.75
CA GLU D 487 2.66 53.48 -5.19
C GLU D 487 2.36 52.11 -5.82
N ASN D 488 3.24 51.69 -6.73
CA ASN D 488 3.05 50.46 -7.47
C ASN D 488 4.27 49.54 -7.36
N HIS D 489 4.28 48.72 -6.31
CA HIS D 489 5.41 47.83 -6.06
C HIS D 489 5.04 46.38 -6.31
N VAL D 490 6.06 45.53 -6.42
CA VAL D 490 5.86 44.08 -6.45
C VAL D 490 5.45 43.61 -5.07
N LEU D 491 4.45 42.74 -5.02
CA LEU D 491 3.95 42.17 -3.78
C LEU D 491 4.29 40.70 -3.66
N TYR D 492 4.95 40.31 -2.58
CA TYR D 492 5.15 38.89 -2.34
C TYR D 492 4.39 38.46 -1.08
N PRO D 493 3.25 37.78 -1.28
CA PRO D 493 2.54 37.30 -0.09
C PRO D 493 3.37 36.27 0.66
N VAL D 494 3.15 36.16 1.96
CA VAL D 494 3.83 35.15 2.74
C VAL D 494 3.11 33.81 2.62
N ALA D 495 3.74 32.86 1.94
CA ALA D 495 3.12 31.57 1.72
C ALA D 495 3.51 30.58 2.80
N SER D 496 2.88 30.71 3.96
CA SER D 496 3.07 29.77 5.05
C SER D 496 1.78 29.74 5.86
N LEU D 497 1.50 28.59 6.48
CA LEU D 497 0.22 28.40 7.14
C LEU D 497 0.02 29.40 8.26
N SER D 498 1.11 29.91 8.79
CA SER D 498 1.02 30.94 9.84
C SER D 498 0.36 32.20 9.33
N HIS D 499 0.46 32.43 8.01
CA HIS D 499 0.03 33.68 7.40
C HIS D 499 -1.18 33.55 6.49
N LEU D 500 -1.85 32.41 6.55
CA LEU D 500 -3.04 32.18 5.75
C LEU D 500 -4.21 31.89 6.66
N GLU D 501 -5.42 32.11 6.17
CA GLU D 501 -6.62 31.81 6.92
C GLU D 501 -7.63 31.09 6.06
N LEU D 502 -8.53 30.37 6.72
CA LEU D 502 -9.69 29.83 6.05
C LEU D 502 -10.59 31.01 5.67
N TRP D 503 -11.04 31.01 4.41
CA TRP D 503 -11.93 32.06 3.91
C TRP D 503 -13.36 31.83 4.40
N VAL D 504 -13.53 32.04 5.68
CA VAL D 504 -14.75 31.70 6.39
C VAL D 504 -15.98 32.43 5.81
N ASN D 505 -15.81 33.68 5.37
CA ASN D 505 -16.93 34.43 4.83
C ASN D 505 -17.48 33.85 3.55
N TYR D 506 -16.67 33.03 2.87
CA TYR D 506 -17.19 32.30 1.73
C TYR D 506 -17.56 30.84 2.13
N TYR D 507 -16.60 30.07 2.63
CA TYR D 507 -16.85 28.65 2.88
C TYR D 507 -17.87 28.41 3.99
N VAL D 508 -18.03 29.38 4.87
CA VAL D 508 -18.93 29.25 6.01
C VAL D 508 -19.94 30.42 5.98
N ARG D 509 -20.44 30.73 4.80
CA ARG D 509 -21.37 31.83 4.60
C ARG D 509 -22.78 31.52 5.09
N TRP D 510 -23.21 30.28 4.90
CA TRP D 510 -24.54 29.84 5.29
C TRP D 510 -24.56 29.30 6.72
N ASN D 511 -25.17 30.06 7.62
CA ASN D 511 -25.32 29.64 9.01
C ASN D 511 -23.98 29.31 9.68
P PO4 E . 11.14 9.50 16.00
O1 PO4 E . 9.92 8.71 15.64
O2 PO4 E . 11.24 10.80 15.22
O3 PO4 E . 12.38 8.68 15.70
O4 PO4 E . 11.04 9.83 17.46
P PO4 F . 8.95 5.47 11.82
O1 PO4 F . 8.21 4.34 11.14
O2 PO4 F . 9.45 6.46 10.78
O3 PO4 F . 10.09 4.88 12.61
O4 PO4 F . 7.99 6.19 12.73
P PO4 G . 1.29 -37.54 10.95
O1 PO4 G . 0.02 -38.31 10.79
O2 PO4 G . 1.18 -36.21 10.21
O3 PO4 G . 2.44 -38.34 10.39
O4 PO4 G . 1.50 -37.27 12.41
P PO4 H . -1.05 -41.48 6.60
O1 PO4 H . -1.84 -42.44 5.74
O2 PO4 H . -1.99 -40.69 7.49
O3 PO4 H . -0.31 -40.51 5.71
O4 PO4 H . -0.10 -42.30 7.45
P PO4 I . -13.06 -25.89 -20.86
O1 PO4 I . -14.46 -26.45 -21.00
O2 PO4 I . -12.84 -24.80 -21.86
O3 PO4 I . -12.08 -26.99 -21.13
O4 PO4 I . -12.90 -25.32 -19.46
P PO4 J . -3.19 21.13 -15.93
O1 PO4 J . -4.55 20.58 -16.27
O2 PO4 J . -2.95 22.46 -16.59
O3 PO4 J . -2.10 20.20 -16.41
O4 PO4 J . -3.16 21.28 -14.44
#